data_4A20
# 
_entry.id   4A20 
# 
_audit_conform.dict_name       mmcif_pdbx.dic 
_audit_conform.dict_version    5.383 
_audit_conform.dict_location   http://mmcif.pdb.org/dictionaries/ascii/mmcif_pdbx.dic 
# 
loop_
_database_2.database_id 
_database_2.database_code 
_database_2.pdbx_database_accession 
_database_2.pdbx_DOI 
PDB   4A20         pdb_00004a20 10.2210/pdb4a20/pdb 
PDBE  EBI-49611    ?            ?                   
WWPDB D_1290049611 ?            ?                   
# 
_pdbx_database_related.db_name        PDB 
_pdbx_database_related.db_id          2WPV 
_pdbx_database_related.content_type   unspecified 
_pdbx_database_related.details        'CRYSTAL STRUCTURE OF S. CEREVISIAE GET4-GET5 COMPLEX' 
# 
_pdbx_database_status.status_code                     REL 
_pdbx_database_status.entry_id                        4A20 
_pdbx_database_status.deposit_site                    PDBE 
_pdbx_database_status.process_site                    PDBE 
_pdbx_database_status.SG_entry                        . 
_pdbx_database_status.recvd_initial_deposition_date   2011-09-21 
_pdbx_database_status.pdb_format_compatible           Y 
_pdbx_database_status.status_code_sf                  REL 
_pdbx_database_status.status_code_mr                  ? 
_pdbx_database_status.status_code_cs                  ? 
_pdbx_database_status.methods_development_category    ? 
_pdbx_database_status.status_code_nmr_data            ? 
# 
loop_
_audit_author.name 
_audit_author.pdbx_ordinal 
'Simon, A.C.'    1 
'Simpson, P.J.'  2 
'Murray, J.W.'   3 
'Isaacson, R.L.' 4 
# 
_citation.id                        primary 
_citation.title                     
'Structure of the Sgt2/Get5 Complex Provides Insights Into Get-Mediated Targeting of Tail-Anchored Membrane Proteins' 
_citation.journal_abbrev            Proc.Natl.Acad.Sci.USA 
_citation.journal_volume            110 
_citation.page_first                1327 
_citation.page_last                 ? 
_citation.year                      2013 
_citation.journal_id_ASTM           PNASA6 
_citation.country                   US 
_citation.journal_id_ISSN           0027-8424 
_citation.journal_id_CSD            0040 
_citation.book_publisher            ? 
_citation.pdbx_database_id_PubMed   23297211 
_citation.pdbx_database_id_DOI      10.1073/PNAS.1207518110 
# 
loop_
_citation_author.citation_id 
_citation_author.name 
_citation_author.ordinal 
_citation_author.identifier_ORCID 
primary 'Simon, A.C.'         1 ? 
primary 'Simpson, P.J.'       2 ? 
primary 'Goldstone, R.M.'     3 ? 
primary 'Krysztofinska, E.M.' 4 ? 
primary 'Murray, J.W.'        5 ? 
primary 'High, S.'            6 ? 
primary 'Isaacson, R.L.'      7 ? 
# 
_cell.entry_id           4A20 
_cell.length_a           47.190 
_cell.length_b           47.190 
_cell.length_c           78.410 
_cell.angle_alpha        90.00 
_cell.angle_beta         90.00 
_cell.angle_gamma        120.00 
_cell.Z_PDB              6 
_cell.pdbx_unique_axis   ? 
# 
_symmetry.entry_id                         4A20 
_symmetry.space_group_name_H-M             'P 32 2 1' 
_symmetry.pdbx_full_space_group_name_H-M   ? 
_symmetry.cell_setting                     ? 
_symmetry.Int_Tables_number                154 
# 
loop_
_entity.id 
_entity.type 
_entity.src_method 
_entity.pdbx_description 
_entity.formula_weight 
_entity.pdbx_number_of_molecules 
_entity.pdbx_ec 
_entity.pdbx_mutation 
_entity.pdbx_fragment 
_entity.details 
1 polymer     man 'UBIQUITIN-LIKE PROTEIN MDY2' 11116.803 1  ? ? 'GET5 UBL-LIKE DOMAIN, RESIDUES 70-152' ? 
2 non-polymer syn 'SULFATE ION'                 96.063    3  ? ? ?                                       ? 
3 water       nat water                         18.015    46 ? ? ?                                       ? 
# 
_entity_name_com.entity_id   1 
_entity_name_com.name        
'GOLGI TO ER TRAFFIC PROTEIN 5, MATING-DEFICIENT PROTEIN 2, TRANSLATION MACHINERY-ASSOCIATED PROTEIN 24' 
# 
_entity_poly.entity_id                      1 
_entity_poly.type                           'polypeptide(L)' 
_entity_poly.nstd_linkage                   no 
_entity_poly.nstd_monomer                   no 
_entity_poly.pdbx_seq_one_letter_code       
;MAHHHHHHVDDDDKMDNAAVHLTLKKIQAPKFSIEHDFSPSDTILQIKQHLISEEKASHISEIKLLLKGKVLHDNLFLSD
LKVTPANSTITVMIKPNP
;
_entity_poly.pdbx_seq_one_letter_code_can   
;MAHHHHHHVDDDDKMDNAAVHLTLKKIQAPKFSIEHDFSPSDTILQIKQHLISEEKASHISEIKLLLKGKVLHDNLFLSD
LKVTPANSTITVMIKPNP
;
_entity_poly.pdbx_strand_id                 A 
_entity_poly.pdbx_target_identifier         ? 
# 
loop_
_entity_poly_seq.entity_id 
_entity_poly_seq.num 
_entity_poly_seq.mon_id 
_entity_poly_seq.hetero 
1 1  MET n 
1 2  ALA n 
1 3  HIS n 
1 4  HIS n 
1 5  HIS n 
1 6  HIS n 
1 7  HIS n 
1 8  HIS n 
1 9  VAL n 
1 10 ASP n 
1 11 ASP n 
1 12 ASP n 
1 13 ASP n 
1 14 LYS n 
1 15 MET n 
1 16 ASP n 
1 17 ASN n 
1 18 ALA n 
1 19 ALA n 
1 20 VAL n 
1 21 HIS n 
1 22 LEU n 
1 23 THR n 
1 24 LEU n 
1 25 LYS n 
1 26 LYS n 
1 27 ILE n 
1 28 GLN n 
1 29 ALA n 
1 30 PRO n 
1 31 LYS n 
1 32 PHE n 
1 33 SER n 
1 34 ILE n 
1 35 GLU n 
1 36 HIS n 
1 37 ASP n 
1 38 PHE n 
1 39 SER n 
1 40 PRO n 
1 41 SER n 
1 42 ASP n 
1 43 THR n 
1 44 ILE n 
1 45 LEU n 
1 46 GLN n 
1 47 ILE n 
1 48 LYS n 
1 49 GLN n 
1 50 HIS n 
1 51 LEU n 
1 52 ILE n 
1 53 SER n 
1 54 GLU n 
1 55 GLU n 
1 56 LYS n 
1 57 ALA n 
1 58 SER n 
1 59 HIS n 
1 60 ILE n 
1 61 SER n 
1 62 GLU n 
1 63 ILE n 
1 64 LYS n 
1 65 LEU n 
1 66 LEU n 
1 67 LEU n 
1 68 LYS n 
1 69 GLY n 
1 70 LYS n 
1 71 VAL n 
1 72 LEU n 
1 73 HIS n 
1 74 ASP n 
1 75 ASN n 
1 76 LEU n 
1 77 PHE n 
1 78 LEU n 
1 79 SER n 
1 80 ASP n 
1 81 LEU n 
1 82 LYS n 
1 83 VAL n 
1 84 THR n 
1 85 PRO n 
1 86 ALA n 
1 87 ASN n 
1 88 SER n 
1 89 THR n 
1 90 ILE n 
1 91 THR n 
1 92 VAL n 
1 93 MET n 
1 94 ILE n 
1 95 LYS n 
1 96 PRO n 
1 97 ASN n 
1 98 PRO n 
# 
_entity_src_gen.entity_id                          1 
_entity_src_gen.pdbx_src_id                        1 
_entity_src_gen.pdbx_alt_source_flag               sample 
_entity_src_gen.pdbx_seq_type                      ? 
_entity_src_gen.pdbx_beg_seq_num                   ? 
_entity_src_gen.pdbx_end_seq_num                   ? 
_entity_src_gen.gene_src_common_name               
;BAKER'S YEAST
;
_entity_src_gen.gene_src_genus                     ? 
_entity_src_gen.pdbx_gene_src_gene                 ? 
_entity_src_gen.gene_src_species                   ? 
_entity_src_gen.gene_src_strain                    ? 
_entity_src_gen.gene_src_tissue                    ? 
_entity_src_gen.gene_src_tissue_fraction           ? 
_entity_src_gen.gene_src_details                   ? 
_entity_src_gen.pdbx_gene_src_fragment             ? 
_entity_src_gen.pdbx_gene_src_scientific_name      'SACCHAROMYCES CEREVISIAE' 
_entity_src_gen.pdbx_gene_src_ncbi_taxonomy_id     4932 
_entity_src_gen.pdbx_gene_src_variant              ? 
_entity_src_gen.pdbx_gene_src_cell_line            ? 
_entity_src_gen.pdbx_gene_src_atcc                 ? 
_entity_src_gen.pdbx_gene_src_organ                ? 
_entity_src_gen.pdbx_gene_src_organelle            ? 
_entity_src_gen.pdbx_gene_src_cell                 ? 
_entity_src_gen.pdbx_gene_src_cellular_location    ? 
_entity_src_gen.host_org_common_name               ? 
_entity_src_gen.pdbx_host_org_scientific_name      'ESCHERICHIA COLI' 
_entity_src_gen.pdbx_host_org_ncbi_taxonomy_id     469008 
_entity_src_gen.host_org_genus                     ? 
_entity_src_gen.pdbx_host_org_gene                 ? 
_entity_src_gen.pdbx_host_org_organ                ? 
_entity_src_gen.host_org_species                   ? 
_entity_src_gen.pdbx_host_org_tissue               ? 
_entity_src_gen.pdbx_host_org_tissue_fraction      ? 
_entity_src_gen.pdbx_host_org_strain               'BL21(DE3)' 
_entity_src_gen.pdbx_host_org_variant              ? 
_entity_src_gen.pdbx_host_org_cell_line            ? 
_entity_src_gen.pdbx_host_org_atcc                 ? 
_entity_src_gen.pdbx_host_org_culture_collection   ? 
_entity_src_gen.pdbx_host_org_cell                 ? 
_entity_src_gen.pdbx_host_org_organelle            ? 
_entity_src_gen.pdbx_host_org_cellular_location    ? 
_entity_src_gen.pdbx_host_org_vector_type          PLASMID 
_entity_src_gen.pdbx_host_org_vector               PET46 
_entity_src_gen.host_org_details                   ? 
_entity_src_gen.expression_system_id               ? 
_entity_src_gen.plasmid_name                       ? 
_entity_src_gen.plasmid_details                    ? 
_entity_src_gen.pdbx_description                   ? 
# 
_struct_ref.id                         1 
_struct_ref.db_name                    UNP 
_struct_ref.db_code                    MDY2_YEAST 
_struct_ref.entity_id                  1 
_struct_ref.pdbx_seq_one_letter_code   ? 
_struct_ref.pdbx_align_begin           ? 
_struct_ref.pdbx_db_accession          Q12285 
_struct_ref.pdbx_db_isoform            ? 
# 
_struct_ref_seq.align_id                      1 
_struct_ref_seq.ref_id                        1 
_struct_ref_seq.pdbx_PDB_id_code              4A20 
_struct_ref_seq.pdbx_strand_id                A 
_struct_ref_seq.seq_align_beg                 16 
_struct_ref_seq.pdbx_seq_align_beg_ins_code   ? 
_struct_ref_seq.seq_align_end                 98 
_struct_ref_seq.pdbx_seq_align_end_ins_code   ? 
_struct_ref_seq.pdbx_db_accession             Q12285 
_struct_ref_seq.db_align_beg                  70 
_struct_ref_seq.pdbx_db_align_beg_ins_code    ? 
_struct_ref_seq.db_align_end                  152 
_struct_ref_seq.pdbx_db_align_end_ins_code    ? 
_struct_ref_seq.pdbx_auth_seq_align_beg       70 
_struct_ref_seq.pdbx_auth_seq_align_end       152 
# 
loop_
_struct_ref_seq_dif.align_id 
_struct_ref_seq_dif.pdbx_pdb_id_code 
_struct_ref_seq_dif.mon_id 
_struct_ref_seq_dif.pdbx_pdb_strand_id 
_struct_ref_seq_dif.seq_num 
_struct_ref_seq_dif.pdbx_pdb_ins_code 
_struct_ref_seq_dif.pdbx_seq_db_name 
_struct_ref_seq_dif.pdbx_seq_db_accession_code 
_struct_ref_seq_dif.db_mon_id 
_struct_ref_seq_dif.pdbx_seq_db_seq_num 
_struct_ref_seq_dif.details 
_struct_ref_seq_dif.pdbx_auth_seq_num 
_struct_ref_seq_dif.pdbx_ordinal 
1 4A20 MET A 1  ? UNP Q12285 ? ? 'expression tag' 55 1  
1 4A20 ALA A 2  ? UNP Q12285 ? ? 'expression tag' 56 2  
1 4A20 HIS A 3  ? UNP Q12285 ? ? 'expression tag' 57 3  
1 4A20 HIS A 4  ? UNP Q12285 ? ? 'expression tag' 58 4  
1 4A20 HIS A 5  ? UNP Q12285 ? ? 'expression tag' 59 5  
1 4A20 HIS A 6  ? UNP Q12285 ? ? 'expression tag' 60 6  
1 4A20 HIS A 7  ? UNP Q12285 ? ? 'expression tag' 61 7  
1 4A20 HIS A 8  ? UNP Q12285 ? ? 'expression tag' 62 8  
1 4A20 VAL A 9  ? UNP Q12285 ? ? 'expression tag' 63 9  
1 4A20 ASP A 10 ? UNP Q12285 ? ? 'expression tag' 64 10 
1 4A20 ASP A 11 ? UNP Q12285 ? ? 'expression tag' 65 11 
1 4A20 ASP A 12 ? UNP Q12285 ? ? 'expression tag' 66 12 
1 4A20 ASP A 13 ? UNP Q12285 ? ? 'expression tag' 67 13 
1 4A20 LYS A 14 ? UNP Q12285 ? ? 'expression tag' 68 14 
1 4A20 MET A 15 ? UNP Q12285 ? ? 'expression tag' 69 15 
# 
loop_
_chem_comp.id 
_chem_comp.type 
_chem_comp.mon_nstd_flag 
_chem_comp.name 
_chem_comp.pdbx_synonyms 
_chem_comp.formula 
_chem_comp.formula_weight 
ALA 'L-peptide linking' y ALANINE         ? 'C3 H7 N O2'     89.093  
ASN 'L-peptide linking' y ASPARAGINE      ? 'C4 H8 N2 O3'    132.118 
ASP 'L-peptide linking' y 'ASPARTIC ACID' ? 'C4 H7 N O4'     133.103 
GLN 'L-peptide linking' y GLUTAMINE       ? 'C5 H10 N2 O3'   146.144 
GLU 'L-peptide linking' y 'GLUTAMIC ACID' ? 'C5 H9 N O4'     147.129 
GLY 'peptide linking'   y GLYCINE         ? 'C2 H5 N O2'     75.067  
HIS 'L-peptide linking' y HISTIDINE       ? 'C6 H10 N3 O2 1' 156.162 
HOH non-polymer         . WATER           ? 'H2 O'           18.015  
ILE 'L-peptide linking' y ISOLEUCINE      ? 'C6 H13 N O2'    131.173 
LEU 'L-peptide linking' y LEUCINE         ? 'C6 H13 N O2'    131.173 
LYS 'L-peptide linking' y LYSINE          ? 'C6 H15 N2 O2 1' 147.195 
MET 'L-peptide linking' y METHIONINE      ? 'C5 H11 N O2 S'  149.211 
PHE 'L-peptide linking' y PHENYLALANINE   ? 'C9 H11 N O2'    165.189 
PRO 'L-peptide linking' y PROLINE         ? 'C5 H9 N O2'     115.130 
SER 'L-peptide linking' y SERINE          ? 'C3 H7 N O3'     105.093 
SO4 non-polymer         . 'SULFATE ION'   ? 'O4 S -2'        96.063  
THR 'L-peptide linking' y THREONINE       ? 'C4 H9 N O3'     119.119 
VAL 'L-peptide linking' y VALINE          ? 'C5 H11 N O2'    117.146 
# 
_exptl.entry_id          4A20 
_exptl.method            'X-RAY DIFFRACTION' 
_exptl.crystals_number   1 
# 
_exptl_crystal.id                    1 
_exptl_crystal.density_meas          ? 
_exptl_crystal.density_Matthews      2.83 
_exptl_crystal.density_percent_sol   57 
_exptl_crystal.description           NONE 
# 
_exptl_crystal_grow.crystal_id      1 
_exptl_crystal_grow.method          'VAPOR DIFFUSION, HANGING DROP' 
_exptl_crystal_grow.temp            ? 
_exptl_crystal_grow.temp_details    ? 
_exptl_crystal_grow.pH              5.5 
_exptl_crystal_grow.pdbx_pH_range   ? 
_exptl_crystal_grow.pdbx_details    
'3 M AMMONIUM SULFATE, 100 MM SODIUM CITRATE PH 5.5 MIXED WITH AN EQUAL VOLUME OF PROTEIN AT 6MG/ML, HANGING DROP VAPOUR DIFFUSION.' 
# 
_diffrn.id                     1 
_diffrn.ambient_temp           100 
_diffrn.ambient_temp_details   ? 
_diffrn.crystal_id             1 
# 
_diffrn_detector.diffrn_id              1 
_diffrn_detector.detector               CCD 
_diffrn_detector.type                   'ADSC CCD' 
_diffrn_detector.pdbx_collection_date   2011-08-01 
_diffrn_detector.details                ? 
# 
_diffrn_radiation.diffrn_id                        1 
_diffrn_radiation.wavelength_id                    1 
_diffrn_radiation.pdbx_monochromatic_or_laue_m_l   M 
_diffrn_radiation.monochromator                    ? 
_diffrn_radiation.pdbx_diffrn_protocol             'SINGLE WAVELENGTH' 
_diffrn_radiation.pdbx_scattering_type             x-ray 
# 
_diffrn_radiation_wavelength.id           1 
_diffrn_radiation_wavelength.wavelength   0.97950 
_diffrn_radiation_wavelength.wt           1.0 
# 
_diffrn_source.diffrn_id                   1 
_diffrn_source.source                      SYNCHROTRON 
_diffrn_source.type                        'DIAMOND BEAMLINE I02' 
_diffrn_source.pdbx_synchrotron_site       Diamond 
_diffrn_source.pdbx_synchrotron_beamline   I02 
_diffrn_source.pdbx_wavelength             0.97950 
_diffrn_source.pdbx_wavelength_list        ? 
# 
_reflns.pdbx_diffrn_id               1 
_reflns.pdbx_ordinal                 1 
_reflns.entry_id                     4A20 
_reflns.observed_criterion_sigma_I   0.0 
_reflns.observed_criterion_sigma_F   ? 
_reflns.d_resolution_low             40.87 
_reflns.d_resolution_high            1.78 
_reflns.number_obs                   10128 
_reflns.number_all                   ? 
_reflns.percent_possible_obs         99.8 
_reflns.pdbx_Rmerge_I_obs            0.06 
_reflns.pdbx_Rsym_value              ? 
_reflns.pdbx_netI_over_sigmaI        5.75 
_reflns.B_iso_Wilson_estimate        ? 
_reflns.pdbx_redundancy              7.72 
# 
_reflns_shell.pdbx_diffrn_id         1 
_reflns_shell.pdbx_ordinal           1 
_reflns_shell.d_res_high             1.78 
_reflns_shell.d_res_low              1.88 
_reflns_shell.percent_possible_all   100.0 
_reflns_shell.Rmerge_I_obs           0.35 
_reflns_shell.pdbx_Rsym_value        ? 
_reflns_shell.meanI_over_sigI_obs    2.20 
_reflns_shell.pdbx_redundancy        7.80 
# 
_refine.pdbx_refine_id                           'X-RAY DIFFRACTION' 
_refine.entry_id                                 4A20 
_refine.pdbx_diffrn_id                           1 
_refine.pdbx_TLS_residual_ADP_flag               ? 
_refine.ls_number_reflns_obs                     9603 
_refine.ls_number_reflns_all                     ? 
_refine.pdbx_ls_sigma_I                          ? 
_refine.pdbx_ls_sigma_F                          . 
_refine.pdbx_data_cutoff_high_absF               ? 
_refine.pdbx_data_cutoff_low_absF                ? 
_refine.pdbx_data_cutoff_high_rms_absF           ? 
_refine.ls_d_res_low                             19.77 
_refine.ls_d_res_high                            1.78 
_refine.ls_percent_reflns_obs                    99.72 
_refine.ls_R_factor_obs                          0.20327 
_refine.ls_R_factor_all                          ? 
_refine.ls_R_factor_R_work                       0.20113 
_refine.ls_R_factor_R_free                       0.24825 
_refine.ls_R_factor_R_free_error                 ? 
_refine.ls_R_factor_R_free_error_details         ? 
_refine.ls_percent_reflns_R_free                 4.8 
_refine.ls_number_reflns_R_free                  486 
_refine.ls_number_parameters                     ? 
_refine.ls_number_restraints                     ? 
_refine.occupancy_min                            ? 
_refine.occupancy_max                            ? 
_refine.correlation_coeff_Fo_to_Fc               0.955 
_refine.correlation_coeff_Fo_to_Fc_free          0.930 
_refine.B_iso_mean                               24.108 
_refine.aniso_B[1][1]                            0.01 
_refine.aniso_B[2][2]                            0.01 
_refine.aniso_B[3][3]                            -0.01 
_refine.aniso_B[1][2]                            0.00 
_refine.aniso_B[1][3]                            0.00 
_refine.aniso_B[2][3]                            0.00 
_refine.solvent_model_details                    MASK 
_refine.solvent_model_param_ksol                 ? 
_refine.solvent_model_param_bsol                 ? 
_refine.pdbx_solvent_vdw_probe_radii             1.40 
_refine.pdbx_solvent_ion_probe_radii             0.80 
_refine.pdbx_solvent_shrinkage_radii             0.80 
_refine.pdbx_ls_cross_valid_method               THROUGHOUT 
_refine.details                                  'HYDROGENS HAVE BEEN ADDED IN THE RIDING POSITIONS.' 
_refine.pdbx_starting_model                      'PDB ENTRY 3M62' 
_refine.pdbx_method_to_determine_struct          'MOLECULAR REPLACEMENT' 
_refine.pdbx_isotropic_thermal_model             ? 
_refine.pdbx_stereochemistry_target_values       'MAXIMUM LIKELIHOOD' 
_refine.pdbx_stereochem_target_val_spec_case     ? 
_refine.pdbx_R_Free_selection_details            RANDOM 
_refine.pdbx_overall_ESU_R                       0.116 
_refine.pdbx_overall_ESU_R_Free                  0.120 
_refine.overall_SU_ML                            0.077 
_refine.pdbx_overall_phase_error                 ? 
_refine.overall_SU_B                             5.391 
_refine.overall_SU_R_Cruickshank_DPI             ? 
_refine.pdbx_overall_SU_R_free_Cruickshank_DPI   ? 
_refine.pdbx_overall_SU_R_Blow_DPI               ? 
_refine.pdbx_overall_SU_R_free_Blow_DPI          ? 
# 
_refine_hist.pdbx_refine_id                   'X-RAY DIFFRACTION' 
_refine_hist.cycle_id                         LAST 
_refine_hist.pdbx_number_atoms_protein        622 
_refine_hist.pdbx_number_atoms_nucleic_acid   0 
_refine_hist.pdbx_number_atoms_ligand         15 
_refine_hist.number_atoms_solvent             46 
_refine_hist.number_atoms_total               683 
_refine_hist.d_res_high                       1.78 
_refine_hist.d_res_low                        19.77 
# 
loop_
_refine_ls_restr.type 
_refine_ls_restr.dev_ideal 
_refine_ls_restr.dev_ideal_target 
_refine_ls_restr.weight 
_refine_ls_restr.number 
_refine_ls_restr.pdbx_refine_id 
_refine_ls_restr.pdbx_restraint_function 
r_bond_refined_d             0.024  0.022  ? 651  'X-RAY DIFFRACTION' ? 
r_bond_other_d               0.001  0.020  ? 423  'X-RAY DIFFRACTION' ? 
r_angle_refined_deg          1.987  1.997  ? 885  'X-RAY DIFFRACTION' ? 
r_angle_other_deg            0.968  3.000  ? 1063 'X-RAY DIFFRACTION' ? 
r_dihedral_angle_1_deg       5.925  5.000  ? 81   'X-RAY DIFFRACTION' ? 
r_dihedral_angle_2_deg       39.851 26.522 ? 23   'X-RAY DIFFRACTION' ? 
r_dihedral_angle_3_deg       14.315 15.000 ? 124  'X-RAY DIFFRACTION' ? 
r_dihedral_angle_4_deg       ?      ?      ? ?    'X-RAY DIFFRACTION' ? 
r_chiral_restr               0.114  0.200  ? 109  'X-RAY DIFFRACTION' ? 
r_gen_planes_refined         0.009  0.021  ? 675  'X-RAY DIFFRACTION' ? 
r_gen_planes_other           0.001  0.020  ? 101  'X-RAY DIFFRACTION' ? 
r_nbd_refined                0.221  0.200  ? 98   'X-RAY DIFFRACTION' ? 
r_nbd_other                  0.184  0.200  ? 407  'X-RAY DIFFRACTION' ? 
r_nbtor_refined              0.165  0.200  ? 300  'X-RAY DIFFRACTION' ? 
r_nbtor_other                0.095  0.200  ? 341  'X-RAY DIFFRACTION' ? 
r_xyhbond_nbd_refined        0.168  0.200  ? 29   'X-RAY DIFFRACTION' ? 
r_xyhbond_nbd_other          0.023  0.200  ? 1    'X-RAY DIFFRACTION' ? 
r_metal_ion_refined          ?      ?      ? ?    'X-RAY DIFFRACTION' ? 
r_metal_ion_other            ?      ?      ? ?    'X-RAY DIFFRACTION' ? 
r_symmetry_vdw_refined       0.150  0.200  ? 8    'X-RAY DIFFRACTION' ? 
r_symmetry_vdw_other         0.155  0.200  ? 16   'X-RAY DIFFRACTION' ? 
r_symmetry_hbond_refined     0.720  0.200  ? 3    'X-RAY DIFFRACTION' ? 
r_symmetry_hbond_other       ?      ?      ? ?    'X-RAY DIFFRACTION' ? 
r_symmetry_metal_ion_refined ?      ?      ? ?    'X-RAY DIFFRACTION' ? 
r_symmetry_metal_ion_other   ?      ?      ? ?    'X-RAY DIFFRACTION' ? 
r_mcbond_it                  1.249  1.500  ? 405  'X-RAY DIFFRACTION' ? 
r_mcbond_other               0.383  1.500  ? 157  'X-RAY DIFFRACTION' ? 
r_mcangle_it                 2.054  2.000  ? 665  'X-RAY DIFFRACTION' ? 
r_mcangle_other              ?      ?      ? ?    'X-RAY DIFFRACTION' ? 
r_scbond_it                  3.576  3.000  ? 246  'X-RAY DIFFRACTION' ? 
r_scbond_other               ?      ?      ? ?    'X-RAY DIFFRACTION' ? 
r_scangle_it                 5.358  4.500  ? 219  'X-RAY DIFFRACTION' ? 
r_scangle_other              ?      ?      ? ?    'X-RAY DIFFRACTION' ? 
r_long_range_B_refined       ?      ?      ? ?    'X-RAY DIFFRACTION' ? 
r_long_range_B_other         ?      ?      ? ?    'X-RAY DIFFRACTION' ? 
r_rigid_bond_restr           ?      ?      ? ?    'X-RAY DIFFRACTION' ? 
r_sphericity_free            ?      ?      ? ?    'X-RAY DIFFRACTION' ? 
r_sphericity_bonded          ?      ?      ? ?    'X-RAY DIFFRACTION' ? 
# 
_refine_ls_shell.pdbx_refine_id                   'X-RAY DIFFRACTION' 
_refine_ls_shell.pdbx_total_number_of_bins_used   20 
_refine_ls_shell.d_res_high                       1.781 
_refine_ls_shell.d_res_low                        1.827 
_refine_ls_shell.number_reflns_R_work             692 
_refine_ls_shell.R_factor_R_work                  0.312 
_refine_ls_shell.percent_reflns_obs               99.86 
_refine_ls_shell.R_factor_R_free                  0.352 
_refine_ls_shell.R_factor_R_free_error            ? 
_refine_ls_shell.percent_reflns_R_free            ? 
_refine_ls_shell.number_reflns_R_free             37 
_refine_ls_shell.number_reflns_all                ? 
_refine_ls_shell.R_factor_all                     ? 
# 
_struct.entry_id                  4A20 
_struct.title                     'Crystal structure of the Ubl domain of Mdy2 (Get5) at 1.78A' 
_struct.pdbx_model_details        ? 
_struct.pdbx_CASP_flag            ? 
_struct.pdbx_model_type_details   ? 
# 
_struct_keywords.entry_id        4A20 
_struct_keywords.pdbx_keywords   'PROTEIN BINDING' 
_struct_keywords.text            'PROTEIN BINDING, GET-PATHWAY, TAIL-ANCHORED PROTEINS' 
# 
loop_
_struct_asym.id 
_struct_asym.pdbx_blank_PDB_chainid_flag 
_struct_asym.pdbx_modified 
_struct_asym.entity_id 
_struct_asym.details 
A N N 1 ? 
B N N 2 ? 
C N N 2 ? 
D N N 2 ? 
E N N 3 ? 
# 
_struct_biol.id   1 
# 
loop_
_struct_conf.conf_type_id 
_struct_conf.id 
_struct_conf.pdbx_PDB_helix_id 
_struct_conf.beg_label_comp_id 
_struct_conf.beg_label_asym_id 
_struct_conf.beg_label_seq_id 
_struct_conf.pdbx_beg_PDB_ins_code 
_struct_conf.end_label_comp_id 
_struct_conf.end_label_asym_id 
_struct_conf.end_label_seq_id 
_struct_conf.pdbx_end_PDB_ins_code 
_struct_conf.beg_auth_comp_id 
_struct_conf.beg_auth_asym_id 
_struct_conf.beg_auth_seq_id 
_struct_conf.end_auth_comp_id 
_struct_conf.end_auth_asym_id 
_struct_conf.end_auth_seq_id 
_struct_conf.pdbx_PDB_helix_class 
_struct_conf.details 
_struct_conf.pdbx_PDB_helix_length 
HELX_P HELX_P1 1 THR A 43 ? GLU A 54 ? THR A 97  GLU A 108 1 ? 12 
HELX_P HELX_P2 2 HIS A 59 ? SER A 61 ? HIS A 113 SER A 115 5 ? 3  
HELX_P HELX_P3 3 LEU A 78 ? LEU A 81 ? LEU A 132 LEU A 135 5 ? 4  
# 
_struct_conf_type.id          HELX_P 
_struct_conf_type.criteria    ? 
_struct_conf_type.reference   ? 
# 
_struct_mon_prot_cis.pdbx_id                1 
_struct_mon_prot_cis.label_comp_id          ALA 
_struct_mon_prot_cis.label_seq_id           29 
_struct_mon_prot_cis.label_asym_id          A 
_struct_mon_prot_cis.label_alt_id           . 
_struct_mon_prot_cis.pdbx_PDB_ins_code      ? 
_struct_mon_prot_cis.auth_comp_id           ALA 
_struct_mon_prot_cis.auth_seq_id            83 
_struct_mon_prot_cis.auth_asym_id           A 
_struct_mon_prot_cis.pdbx_label_comp_id_2   PRO 
_struct_mon_prot_cis.pdbx_label_seq_id_2    30 
_struct_mon_prot_cis.pdbx_label_asym_id_2   A 
_struct_mon_prot_cis.pdbx_PDB_ins_code_2    ? 
_struct_mon_prot_cis.pdbx_auth_comp_id_2    PRO 
_struct_mon_prot_cis.pdbx_auth_seq_id_2     84 
_struct_mon_prot_cis.pdbx_auth_asym_id_2    A 
_struct_mon_prot_cis.pdbx_PDB_model_num     1 
_struct_mon_prot_cis.pdbx_omega_angle       3.03 
# 
_struct_sheet.id               AA 
_struct_sheet.type             ? 
_struct_sheet.number_strands   5 
_struct_sheet.details          ? 
# 
loop_
_struct_sheet_order.sheet_id 
_struct_sheet_order.range_id_1 
_struct_sheet_order.range_id_2 
_struct_sheet_order.offset 
_struct_sheet_order.sense 
AA 1 2 ? anti-parallel 
AA 2 3 ? parallel      
AA 3 4 ? anti-parallel 
AA 4 5 ? anti-parallel 
# 
loop_
_struct_sheet_range.sheet_id 
_struct_sheet_range.id 
_struct_sheet_range.beg_label_comp_id 
_struct_sheet_range.beg_label_asym_id 
_struct_sheet_range.beg_label_seq_id 
_struct_sheet_range.pdbx_beg_PDB_ins_code 
_struct_sheet_range.end_label_comp_id 
_struct_sheet_range.end_label_asym_id 
_struct_sheet_range.end_label_seq_id 
_struct_sheet_range.pdbx_end_PDB_ins_code 
_struct_sheet_range.beg_auth_comp_id 
_struct_sheet_range.beg_auth_asym_id 
_struct_sheet_range.beg_auth_seq_id 
_struct_sheet_range.end_auth_comp_id 
_struct_sheet_range.end_auth_asym_id 
_struct_sheet_range.end_auth_seq_id 
AA 1 PHE A 32 ? PHE A 38 ? PHE A 86  PHE A 92  
AA 2 VAL A 20 ? LYS A 26 ? VAL A 74  LYS A 80  
AA 3 THR A 89 ? ILE A 94 ? THR A 143 ILE A 148 
AA 4 ILE A 63 ? LEU A 67 ? ILE A 117 LEU A 121 
AA 5 LYS A 70 ? LEU A 72 ? LYS A 124 LEU A 126 
# 
loop_
_pdbx_struct_sheet_hbond.sheet_id 
_pdbx_struct_sheet_hbond.range_id_1 
_pdbx_struct_sheet_hbond.range_id_2 
_pdbx_struct_sheet_hbond.range_1_label_atom_id 
_pdbx_struct_sheet_hbond.range_1_label_comp_id 
_pdbx_struct_sheet_hbond.range_1_label_asym_id 
_pdbx_struct_sheet_hbond.range_1_label_seq_id 
_pdbx_struct_sheet_hbond.range_1_PDB_ins_code 
_pdbx_struct_sheet_hbond.range_1_auth_atom_id 
_pdbx_struct_sheet_hbond.range_1_auth_comp_id 
_pdbx_struct_sheet_hbond.range_1_auth_asym_id 
_pdbx_struct_sheet_hbond.range_1_auth_seq_id 
_pdbx_struct_sheet_hbond.range_2_label_atom_id 
_pdbx_struct_sheet_hbond.range_2_label_comp_id 
_pdbx_struct_sheet_hbond.range_2_label_asym_id 
_pdbx_struct_sheet_hbond.range_2_label_seq_id 
_pdbx_struct_sheet_hbond.range_2_PDB_ins_code 
_pdbx_struct_sheet_hbond.range_2_auth_atom_id 
_pdbx_struct_sheet_hbond.range_2_auth_comp_id 
_pdbx_struct_sheet_hbond.range_2_auth_asym_id 
_pdbx_struct_sheet_hbond.range_2_auth_seq_id 
AA 1 2 N PHE A 38 ? N PHE A 92  O VAL A 20 ? O VAL A 74  
AA 2 3 N LYS A 25 ? N LYS A 79  O ILE A 90 ? O ILE A 144 
AA 3 4 N MET A 93 ? N MET A 147 O LYS A 64 ? O LYS A 118 
AA 4 5 N LEU A 67 ? N LEU A 121 O LYS A 70 ? O LYS A 124 
# 
loop_
_struct_site.id 
_struct_site.pdbx_evidence_code 
_struct_site.pdbx_auth_asym_id 
_struct_site.pdbx_auth_comp_id 
_struct_site.pdbx_auth_seq_id 
_struct_site.pdbx_auth_ins_code 
_struct_site.pdbx_num_residues 
_struct_site.details 
AC1 Software A SO4 1152 ? 3 'BINDING SITE FOR RESIDUE SO4 A 1152' 
AC2 Software A SO4 1153 ? 2 'BINDING SITE FOR RESIDUE SO4 A 1153' 
AC3 Software A SO4 1154 ? 4 'BINDING SITE FOR RESIDUE SO4 A 1154' 
# 
loop_
_struct_site_gen.id 
_struct_site_gen.site_id 
_struct_site_gen.pdbx_num_res 
_struct_site_gen.label_comp_id 
_struct_site_gen.label_asym_id 
_struct_site_gen.label_seq_id 
_struct_site_gen.pdbx_auth_ins_code 
_struct_site_gen.auth_comp_id 
_struct_site_gen.auth_asym_id 
_struct_site_gen.auth_seq_id 
_struct_site_gen.label_atom_id 
_struct_site_gen.label_alt_id 
_struct_site_gen.symmetry 
_struct_site_gen.details 
1 AC1 3 HIS A 73 ? HIS A 127  . ? 1_555 ? 
2 AC1 3 ASP A 74 ? ASP A 128  . ? 1_555 ? 
3 AC1 3 HOH E .  ? HOH A 2025 . ? 4_655 ? 
4 AC2 2 GLN A 28 ? GLN A 82   . ? 1_555 ? 
5 AC2 2 ALA A 29 ? ALA A 83   . ? 1_555 ? 
6 AC3 4 LYS A 70 ? LYS A 124  . ? 1_555 ? 
7 AC3 4 VAL A 71 ? VAL A 125  . ? 1_555 ? 
8 AC3 4 HOH E .  ? HOH A 2033 . ? 1_555 ? 
9 AC3 4 HOH E .  ? HOH A 2037 . ? 1_555 ? 
# 
_atom_sites.entry_id                    4A20 
_atom_sites.fract_transf_matrix[1][1]   0.01886044 
_atom_sites.fract_transf_matrix[1][2]   -0.01548584 
_atom_sites.fract_transf_matrix[1][3]   0.00179620 
_atom_sites.fract_transf_matrix[2][1]   0.01739034 
_atom_sites.fract_transf_matrix[2][2]   0.00379505 
_atom_sites.fract_transf_matrix[2][3]   0.01679005 
_atom_sites.fract_transf_matrix[3][1]   -0.00656252 
_atom_sites.fract_transf_matrix[3][2]   -0.00702014 
_atom_sites.fract_transf_matrix[3][3]   0.00838391 
_atom_sites.fract_transf_vector[1]      0.710292 
_atom_sites.fract_transf_vector[2]      0.039669 
_atom_sites.fract_transf_vector[3]      0.027361 
# 
loop_
_atom_type.symbol 
C 
N 
O 
S 
# 
loop_
_atom_site.group_PDB 
_atom_site.id 
_atom_site.type_symbol 
_atom_site.label_atom_id 
_atom_site.label_alt_id 
_atom_site.label_comp_id 
_atom_site.label_asym_id 
_atom_site.label_entity_id 
_atom_site.label_seq_id 
_atom_site.pdbx_PDB_ins_code 
_atom_site.Cartn_x 
_atom_site.Cartn_y 
_atom_site.Cartn_z 
_atom_site.occupancy 
_atom_site.B_iso_or_equiv 
_atom_site.pdbx_formal_charge 
_atom_site.auth_seq_id 
_atom_site.auth_comp_id 
_atom_site.auth_asym_id 
_atom_site.auth_atom_id 
_atom_site.pdbx_PDB_model_num 
ATOM   1   N N   . ALA A 1 18 ? 12.503  -9.876  -9.045  1.00 34.90 ? 72   ALA A N   1 
ATOM   2   C CA  . ALA A 1 18 ? 12.829  -8.536  -8.639  1.00 35.82 ? 72   ALA A CA  1 
ATOM   3   C C   . ALA A 1 18 ? 11.524  -7.669  -8.719  1.00 35.02 ? 72   ALA A C   1 
ATOM   4   O O   . ALA A 1 18 ? 11.662  -6.450  -8.842  1.00 37.38 ? 72   ALA A O   1 
ATOM   5   C CB  . ALA A 1 18 ? 13.891  -7.940  -9.475  1.00 36.88 ? 72   ALA A CB  1 
ATOM   6   N N   . ALA A 1 19 ? 10.325  -8.255  -8.841  1.00 33.08 ? 73   ALA A N   1 
ATOM   7   C CA  . ALA A 1 19 ? 9.077   -7.417  -8.797  1.00 31.12 ? 73   ALA A CA  1 
ATOM   8   C C   . ALA A 1 19 ? 8.311   -7.848  -7.536  1.00 27.97 ? 73   ALA A C   1 
ATOM   9   O O   . ALA A 1 19 ? 8.275   -9.054  -7.248  1.00 30.09 ? 73   ALA A O   1 
ATOM   10  C CB  . ALA A 1 19 ? 8.262   -7.680  -9.950  1.00 31.88 ? 73   ALA A CB  1 
ATOM   11  N N   . VAL A 1 20 ? 7.714   -6.892  -6.834  1.00 27.31 ? 74   VAL A N   1 
ATOM   12  C CA  . VAL A 1 20 ? 6.724   -7.140  -5.786  1.00 25.28 ? 74   VAL A CA  1 
ATOM   13  C C   . VAL A 1 20 ? 5.383   -6.595  -6.323  1.00 23.74 ? 74   VAL A C   1 
ATOM   14  O O   . VAL A 1 20 ? 5.154   -5.380  -6.384  1.00 24.61 ? 74   VAL A O   1 
ATOM   15  C CB  . VAL A 1 20 ? 7.109   -6.455  -4.476  1.00 25.84 ? 74   VAL A CB  1 
ATOM   16  C CG1 . VAL A 1 20 ? 6.045   -6.751  -3.361  1.00 28.12 ? 74   VAL A CG1 1 
ATOM   17  C CG2 . VAL A 1 20 ? 8.499   -6.912  -4.076  1.00 28.37 ? 74   VAL A CG2 1 
ATOM   18  N N   . HIS A 1 21 ? 4.515   -7.507  -6.744  1.00 22.85 ? 75   HIS A N   1 
ATOM   19  C CA  . HIS A 1 21 ? 3.227   -7.126  -7.328  1.00 21.89 ? 75   HIS A CA  1 
ATOM   20  C C   . HIS A 1 21 ? 2.225   -7.061  -6.202  1.00 21.37 ? 75   HIS A C   1 
ATOM   21  O O   . HIS A 1 21 ? 2.084   -8.030  -5.417  1.00 22.80 ? 75   HIS A O   1 
ATOM   22  C CB  . HIS A 1 21 ? 2.729   -8.205  -8.302  1.00 23.85 ? 75   HIS A CB  1 
ATOM   23  C CG  . HIS A 1 21 ? 1.424   -7.878  -8.955  1.00 21.53 ? 75   HIS A CG  1 
ATOM   24  N ND1 . HIS A 1 21 ? 1.327   -7.037  -10.047 1.00 32.10 ? 75   HIS A ND1 1 
ATOM   25  C CD2 . HIS A 1 21 ? 0.156   -8.170  -8.597  1.00 26.85 ? 75   HIS A CD2 1 
ATOM   26  C CE1 . HIS A 1 21 ? 0.057   -6.894  -10.379 1.00 33.61 ? 75   HIS A CE1 1 
ATOM   27  N NE2 . HIS A 1 21 ? -0.670  -7.564  -9.506  1.00 29.72 ? 75   HIS A NE2 1 
ATOM   28  N N   . LEU A 1 22 ? 1.592   -5.923  -6.051  1.00 21.89 ? 76   LEU A N   1 
ATOM   29  C CA  . LEU A 1 22 ? 0.592   -5.740  -4.989  1.00 20.01 ? 76   LEU A CA  1 
ATOM   30  C C   . LEU A 1 22 ? -0.749  -5.231  -5.516  1.00 20.68 ? 76   LEU A C   1 
ATOM   31  O O   . LEU A 1 22 ? -0.827  -4.475  -6.503  1.00 22.29 ? 76   LEU A O   1 
ATOM   32  C CB  . LEU A 1 22 ? 1.079   -4.728  -3.956  1.00 20.93 ? 76   LEU A CB  1 
ATOM   33  C CG  . LEU A 1 22 ? 2.438   -5.014  -3.301  1.00 20.18 ? 76   LEU A CG  1 
ATOM   34  C CD1 . LEU A 1 22 ? 2.930   -3.771  -2.499  1.00 22.51 ? 76   LEU A CD1 1 
ATOM   35  C CD2 . LEU A 1 22 ? 2.349   -6.216  -2.379  1.00 22.03 ? 76   LEU A CD2 1 
ATOM   36  N N   . THR A 1 23 ? -1.807  -5.688  -4.837  1.00 21.61 ? 77   THR A N   1 
ATOM   37  C CA  . THR A 1 23 ? -3.123  -5.073  -4.914  1.00 21.35 ? 77   THR A CA  1 
ATOM   38  C C   . THR A 1 23 ? -3.253  -4.140  -3.699  1.00 21.43 ? 77   THR A C   1 
ATOM   39  O O   . THR A 1 23 ? -2.928  -4.502  -2.549  1.00 21.28 ? 77   THR A O   1 
ATOM   40  C CB  . THR A 1 23 ? -4.217  -6.156  -4.931  1.00 23.62 ? 77   THR A CB  1 
ATOM   41  O OG1 . THR A 1 23 ? -4.006  -6.996  -6.062  1.00 24.85 ? 77   THR A OG1 1 
ATOM   42  C CG2 . THR A 1 23 ? -5.667  -5.490  -4.881  1.00 25.81 ? 77   THR A CG2 1 
ATOM   43  N N   . LEU A 1 24 ? -3.762  -2.941  -3.977  1.00 20.03 ? 78   LEU A N   1 
ATOM   44  C CA  . LEU A 1 24 ? -3.993  -1.895  -2.982  1.00 19.98 ? 78   LEU A CA  1 
ATOM   45  C C   . LEU A 1 24 ? -5.518  -1.708  -2.949  1.00 21.68 ? 78   LEU A C   1 
ATOM   46  O O   . LEU A 1 24 ? -6.116  -1.259  -3.910  1.00 23.16 ? 78   LEU A O   1 
ATOM   47  C CB  . LEU A 1 24 ? -3.290  -0.621  -3.412  1.00 20.25 ? 78   LEU A CB  1 
ATOM   48  C CG  . LEU A 1 24 ? -1.836  -0.753  -3.835  1.00 20.81 ? 78   LEU A CG  1 
ATOM   49  C CD1 . LEU A 1 24 ? -1.251  0.590   -4.310  1.00 21.82 ? 78   LEU A CD1 1 
ATOM   50  C CD2 . LEU A 1 24 ? -0.977  -1.341  -2.717  1.00 20.71 ? 78   LEU A CD2 1 
ATOM   51  N N   . LYS A 1 25 ? -6.115  -2.114  -1.847  1.00 19.93 ? 79   LYS A N   1 
ATOM   52  C CA  . LYS A 1 25 ? -7.578  -2.132  -1.695  1.00 20.68 ? 79   LYS A CA  1 
ATOM   53  C C   . LYS A 1 25 ? -8.001  -1.250  -0.501  1.00 20.44 ? 79   LYS A C   1 
ATOM   54  O O   . LYS A 1 25 ? -7.643  -1.519  0.637   1.00 21.28 ? 79   LYS A O   1 
ATOM   55  C CB  . LYS A 1 25 ? -8.006  -3.575  -1.503  1.00 22.69 ? 79   LYS A CB  1 
ATOM   56  C CG  . LYS A 1 25 ? -9.474  -3.786  -1.189  1.00 29.77 ? 79   LYS A CG  1 
ATOM   57  C CD  . LYS A 1 25 ? -10.365 -3.814  -2.427  1.00 39.59 ? 79   LYS A CD  1 
ATOM   58  C CE  . LYS A 1 25 ? -11.662 -4.762  -2.240  1.00 43.49 ? 79   LYS A CE  1 
ATOM   59  N NZ  . LYS A 1 25 ? -11.203 -6.215  -2.414  1.00 45.54 ? 79   LYS A NZ  1 
ATOM   60  N N   . LYS A 1 26 ? -8.777  -0.201  -0.834  1.00 23.52 ? 80   LYS A N   1 
ATOM   61  C CA  . LYS A 1 26 ? -9.356  0.690   0.135   1.00 24.42 ? 80   LYS A CA  1 
ATOM   62  C C   . LYS A 1 26 ? -10.684 0.125   0.511   1.00 24.54 ? 80   LYS A C   1 
ATOM   63  O O   . LYS A 1 26 ? -11.544 -0.168  -0.354  1.00 25.62 ? 80   LYS A O   1 
ATOM   64  C CB  . LYS A 1 26 ? -9.464  2.143   -0.333  1.00 25.87 ? 80   LYS A CB  1 
ATOM   65  C CG  . LYS A 1 26 ? -10.011 3.071   0.757   1.00 27.29 ? 80   LYS A CG  1 
ATOM   66  C CD  . LYS A 1 26 ? -9.586  4.519   0.553   1.00 28.72 ? 80   LYS A CD  1 
ATOM   67  C CE  . LYS A 1 26 ? -10.193 5.515   1.641   1.00 31.38 ? 80   LYS A CE  1 
ATOM   68  N NZ  . LYS A 1 26 ? -11.629 5.705   1.405   1.00 31.17 ? 80   LYS A NZ  1 
ATOM   69  N N   . ILE A 1 27 ? -10.868 0.018   1.822   1.00 26.24 ? 81   ILE A N   1 
ATOM   70  C CA  . ILE A 1 27 ? -11.975 -0.719  2.353   1.00 29.07 ? 81   ILE A CA  1 
ATOM   71  C C   . ILE A 1 27 ? -13.108 0.134   2.938   1.00 31.96 ? 81   ILE A C   1 
ATOM   72  O O   . ILE A 1 27 ? -14.206 -0.388  3.247   1.00 35.12 ? 81   ILE A O   1 
ATOM   73  C CB  . ILE A 1 27 ? -11.466 -1.739  3.421   1.00 31.05 ? 81   ILE A CB  1 
ATOM   74  C CG1 . ILE A 1 27 ? -10.792 -0.966  4.564   1.00 32.76 ? 81   ILE A CG1 1 
ATOM   75  C CG2 . ILE A 1 27 ? -10.512 -2.791  2.787   1.00 26.91 ? 81   ILE A CG2 1 
ATOM   76  C CD1 . ILE A 1 27 ? -10.844 -1.747  5.890   1.00 35.11 ? 81   ILE A CD1 1 
ATOM   77  N N   . GLN A 1 28 ? -12.877 1.420   3.109   1.00 31.09 ? 82   GLN A N   1 
ATOM   78  C CA  . GLN A 1 28 ? -13.985 2.314   3.492   1.00 33.39 ? 82   GLN A CA  1 
ATOM   79  C C   . GLN A 1 28 ? -14.316 3.238   2.297   1.00 33.14 ? 82   GLN A C   1 
ATOM   80  O O   . GLN A 1 28 ? -13.400 3.609   1.564   1.00 31.54 ? 82   GLN A O   1 
ATOM   81  C CB  . GLN A 1 28 ? -13.516 3.154   4.680   1.00 35.12 ? 82   GLN A CB  1 
ATOM   82  C CG  . GLN A 1 28 ? -13.122 2.306   5.923   1.00 38.99 ? 82   GLN A CG  1 
ATOM   83  C CD  . GLN A 1 28 ? -13.003 3.193   7.171   1.00 50.33 ? 82   GLN A CD  1 
ATOM   84  O OE1 . GLN A 1 28 ? -13.842 3.140   8.092   1.00 53.23 ? 82   GLN A OE1 1 
ATOM   85  N NE2 . GLN A 1 28 ? -11.983 4.065   7.170   1.00 53.36 ? 82   GLN A NE2 1 
ATOM   86  N N   . ALA A 1 29 ? -15.578 3.648   2.108   1.00 33.32 ? 83   ALA A N   1 
ATOM   87  C CA  . ALA A 1 29 ? -15.955 4.508   0.954   1.00 34.45 ? 83   ALA A CA  1 
ATOM   88  C C   . ALA A 1 29 ? -15.288 5.854   1.100   1.00 35.34 ? 83   ALA A C   1 
ATOM   89  O O   . ALA A 1 29 ? -15.333 6.446   2.207   1.00 37.62 ? 83   ALA A O   1 
ATOM   90  C CB  . ALA A 1 29 ? -17.505 4.705   0.822   1.00 35.79 ? 83   ALA A CB  1 
ATOM   91  N N   . PRO A 1 30 ? -14.707 6.375   0.026   1.00 33.23 ? 84   PRO A N   1 
ATOM   92  C CA  . PRO A 1 30 ? -14.680 5.820   -1.349  1.00 33.20 ? 84   PRO A CA  1 
ATOM   93  C C   . PRO A 1 30 ? -13.658 4.743   -1.460  1.00 30.16 ? 84   PRO A C   1 
ATOM   94  O O   . PRO A 1 30 ? -12.490 4.984   -1.133  1.00 28.59 ? 84   PRO A O   1 
ATOM   95  C CB  . PRO A 1 30 ? -14.265 6.989   -2.239  1.00 34.87 ? 84   PRO A CB  1 
ATOM   96  C CG  . PRO A 1 30 ? -13.926 8.152   -1.289  1.00 36.72 ? 84   PRO A CG  1 
ATOM   97  C CD  . PRO A 1 30 ? -14.186 7.759   0.125   1.00 35.89 ? 84   PRO A CD  1 
ATOM   98  N N   . LYS A 1 31 ? -14.123 3.561   -1.901  1.00 29.18 ? 85   LYS A N   1 
ATOM   99  C CA  . LYS A 1 31 ? -13.281 2.390   -2.003  1.00 29.07 ? 85   LYS A CA  1 
ATOM   100 C C   . LYS A 1 31 ? -12.592 2.426   -3.339  1.00 28.68 ? 85   LYS A C   1 
ATOM   101 O O   . LYS A 1 31 ? -13.008 3.206   -4.234  1.00 29.54 ? 85   LYS A O   1 
ATOM   102 C CB  . LYS A 1 31 ? -14.116 1.099   -1.886  1.00 30.21 ? 85   LYS A CB  1 
ATOM   103 C CG  . LYS A 1 31 ? -14.887 0.952   -0.559  1.00 33.62 ? 85   LYS A CG  1 
ATOM   104 C CD  . LYS A 1 31 ? -15.622 -0.415  -0.419  1.00 42.65 ? 85   LYS A CD  1 
ATOM   105 C CE  . LYS A 1 31 ? -16.833 -0.280  0.568   1.00 50.25 ? 85   LYS A CE  1 
ATOM   106 N NZ  . LYS A 1 31 ? -17.286 -1.605  1.232   1.00 53.72 ? 85   LYS A NZ  1 
ATOM   107 N N   . PHE A 1 32 ? -11.558 1.601   -3.454  1.00 27.24 ? 86   PHE A N   1 
ATOM   108 C CA  . PHE A 1 32 ? -10.862 1.277   -4.741  1.00 27.38 ? 86   PHE A CA  1 
ATOM   109 C C   . PHE A 1 32 ? -10.087 -0.010  -4.575  1.00 27.58 ? 86   PHE A C   1 
ATOM   110 O O   . PHE A 1 32 ? -9.832  -0.419  -3.445  1.00 24.86 ? 86   PHE A O   1 
ATOM   111 C CB  . PHE A 1 32 ? -9.950  2.460   -5.213  1.00 27.77 ? 86   PHE A CB  1 
ATOM   112 C CG  . PHE A 1 32 ? -8.838  2.843   -4.249  1.00 26.56 ? 86   PHE A CG  1 
ATOM   113 C CD1 . PHE A 1 32 ? -7.685  2.081   -4.187  1.00 25.62 ? 86   PHE A CD1 1 
ATOM   114 C CD2 . PHE A 1 32 ? -8.916  3.992   -3.532  1.00 28.81 ? 86   PHE A CD2 1 
ATOM   115 C CE1 . PHE A 1 32 ? -6.647  2.410   -3.314  1.00 29.80 ? 86   PHE A CE1 1 
ATOM   116 C CE2 . PHE A 1 32 ? -7.875  4.344   -2.655  1.00 28.77 ? 86   PHE A CE2 1 
ATOM   117 C CZ  . PHE A 1 32 ? -6.767  3.541   -2.534  1.00 28.51 ? 86   PHE A CZ  1 
ATOM   118 N N   . SER A 1 33 ? -9.756  -0.655  -5.707  1.00 27.60 ? 87   SER A N   1 
ATOM   119 C CA  . SER A 1 33 ? -8.782  -1.751  -5.789  1.00 27.41 ? 87   SER A CA  1 
ATOM   120 C C   . SER A 1 33 ? -7.908  -1.645  -7.048  1.00 29.89 ? 87   SER A C   1 
ATOM   121 O O   . SER A 1 33 ? -8.397  -1.867  -8.153  1.00 31.29 ? 87   SER A O   1 
ATOM   122 C CB  . SER A 1 33 ? -9.539  -3.068  -5.847  1.00 29.10 ? 87   SER A CB  1 
ATOM   123 O OG  . SER A 1 33 ? -8.639  -4.158  -5.771  1.00 30.27 ? 87   SER A OG  1 
ATOM   124 N N   . ILE A 1 34 ? -6.627  -1.314  -6.906  1.00 27.98 ? 88   ILE A N   1 
ATOM   125 C CA  . ILE A 1 34 ? -5.745  -1.081  -8.010  1.00 29.39 ? 88   ILE A CA  1 
ATOM   126 C C   . ILE A 1 34 ? -4.523  -2.009  -7.804  1.00 28.10 ? 88   ILE A C   1 
ATOM   127 O O   . ILE A 1 34 ? -4.330  -2.493  -6.714  1.00 26.42 ? 88   ILE A O   1 
ATOM   128 C CB  . ILE A 1 34 ? -5.320  0.430   -8.111  1.00 29.29 ? 88   ILE A CB  1 
ATOM   129 C CG1 . ILE A 1 34 ? -4.568  0.905   -6.865  1.00 29.93 ? 88   ILE A CG1 1 
ATOM   130 C CG2 . ILE A 1 34 ? -6.540  1.288   -8.345  1.00 34.08 ? 88   ILE A CG2 1 
ATOM   131 C CD1 . ILE A 1 34 ? -3.901  2.278   -7.009  1.00 32.45 ? 88   ILE A CD1 1 
ATOM   132 N N   . GLU A 1 35 ? -3.737  -2.246  -8.843  1.00 28.11 ? 89   GLU A N   1 
ATOM   133 C CA  . GLU A 1 35 ? -2.589  -3.112  -8.754  1.00 28.83 ? 89   GLU A CA  1 
ATOM   134 C C   . GLU A 1 35 ? -1.391  -2.392  -9.320  1.00 29.01 ? 89   GLU A C   1 
ATOM   135 O O   . GLU A 1 35 ? -1.519  -1.585  -10.232 1.00 30.48 ? 89   GLU A O   1 
ATOM   136 C CB  . GLU A 1 35 ? -2.754  -4.425  -9.507  1.00 31.57 ? 89   GLU A CB  1 
ATOM   137 C CG  . GLU A 1 35 ? -3.917  -5.309  -9.162  1.00 36.42 ? 89   GLU A CG  1 
ATOM   138 C CD  . GLU A 1 35 ? -4.042  -6.426  -10.176 1.00 40.32 ? 89   GLU A CD  1 
ATOM   139 O OE1 . GLU A 1 35 ? -3.136  -7.294  -10.294 1.00 38.55 ? 89   GLU A OE1 1 
ATOM   140 O OE2 . GLU A 1 35 ? -5.020  -6.382  -10.899 1.00 44.31 ? 89   GLU A OE2 1 
ATOM   141 N N   . HIS A 1 36 ? -0.200  -2.775  -8.857  1.00 26.70 ? 90   HIS A N   1 
ATOM   142 C CA  . HIS A 1 36 ? 1.014   -2.209  -9.379  1.00 26.83 ? 90   HIS A CA  1 
ATOM   143 C C   . HIS A 1 36 ? 2.211   -3.143  -9.046  1.00 26.15 ? 90   HIS A C   1 
ATOM   144 O O   . HIS A 1 36 ? 2.169   -3.781  -8.008  1.00 25.89 ? 90   HIS A O   1 
ATOM   145 C CB  . HIS A 1 36 ? 1.204   -0.839  -8.723  1.00 26.19 ? 90   HIS A CB  1 
ATOM   146 C CG  . HIS A 1 36 ? 2.293   -0.005  -9.345  1.00 29.10 ? 90   HIS A CG  1 
ATOM   147 N ND1 . HIS A 1 36 ? 2.180   0.544   -10.598 1.00 36.51 ? 90   HIS A ND1 1 
ATOM   148 C CD2 . HIS A 1 36 ? 3.490   0.394   -8.869  1.00 32.29 ? 90   HIS A CD2 1 
ATOM   149 C CE1 . HIS A 1 36 ? 3.269   1.250   -10.866 1.00 40.20 ? 90   HIS A CE1 1 
ATOM   150 N NE2 . HIS A 1 36 ? 4.084   1.170   -9.833  1.00 35.60 ? 90   HIS A NE2 1 
ATOM   151 N N   . ASP A 1 37 ? 3.241   -3.160  -9.892  1.00 29.17 ? 91   ASP A N   1 
ATOM   152 C CA  . ASP A 1 37 ? 4.485   -3.880  -9.663  1.00 29.13 ? 91   ASP A CA  1 
ATOM   153 C C   . ASP A 1 37 ? 5.473   -2.906  -9.104  1.00 28.80 ? 91   ASP A C   1 
ATOM   154 O O   . ASP A 1 37 ? 5.860   -1.972  -9.783  1.00 30.18 ? 91   ASP A O   1 
ATOM   155 C CB  . ASP A 1 37 ? 5.083   -4.455  -10.927 1.00 33.14 ? 91   ASP A CB  1 
ATOM   156 C CG  . ASP A 1 37 ? 4.231   -5.492  -11.573 1.00 40.49 ? 91   ASP A CG  1 
ATOM   157 O OD1 . ASP A 1 37 ? 3.645   -6.283  -10.870 1.00 45.06 ? 91   ASP A OD1 1 
ATOM   158 O OD2 . ASP A 1 37 ? 4.189   -5.523  -12.825 1.00 51.29 ? 91   ASP A OD2 1 
ATOM   159 N N   . PHE A 1 38 ? 5.913   -3.167  -7.887  1.00 26.92 ? 92   PHE A N   1 
ATOM   160 C CA  . PHE A 1 38 ? 6.875   -2.342  -7.194  1.00 27.54 ? 92   PHE A CA  1 
ATOM   161 C C   . PHE A 1 38 ? 8.225   -3.058  -7.210  1.00 27.99 ? 92   PHE A C   1 
ATOM   162 O O   . PHE A 1 38 ? 8.309   -4.247  -7.502  1.00 29.54 ? 92   PHE A O   1 
ATOM   163 C CB  . PHE A 1 38 ? 6.430   -2.125  -5.753  1.00 26.31 ? 92   PHE A CB  1 
ATOM   164 C CG  . PHE A 1 38 ? 5.233   -1.258  -5.623  1.00 25.52 ? 92   PHE A CG  1 
ATOM   165 C CD1 . PHE A 1 38 ? 5.415   0.125   -5.569  1.00 25.73 ? 92   PHE A CD1 1 
ATOM   166 C CD2 . PHE A 1 38 ? 3.955   -1.805  -5.568  1.00 22.82 ? 92   PHE A CD2 1 
ATOM   167 C CE1 . PHE A 1 38 ? 4.357   0.985   -5.514  1.00 29.29 ? 92   PHE A CE1 1 
ATOM   168 C CE2 . PHE A 1 38 ? 2.854   -0.957  -5.493  1.00 27.24 ? 92   PHE A CE2 1 
ATOM   169 C CZ  . PHE A 1 38 ? 3.055   0.463   -5.417  1.00 25.59 ? 92   PHE A CZ  1 
ATOM   170 N N   . SER A 1 39 ? 9.276   -2.329  -6.929  1.00 29.85 ? 93   SER A N   1 
ATOM   171 C CA  . SER A 1 39 ? 10.603  -2.886  -6.740  1.00 32.12 ? 93   SER A CA  1 
ATOM   172 C C   . SER A 1 39 ? 10.790  -3.326  -5.327  1.00 30.04 ? 93   SER A C   1 
ATOM   173 O O   . SER A 1 39 ? 10.319  -2.673  -4.398  1.00 28.67 ? 93   SER A O   1 
ATOM   174 C CB  . SER A 1 39 ? 11.723  -1.866  -7.028  1.00 35.31 ? 93   SER A CB  1 
ATOM   175 O OG  . SER A 1 39 ? 11.626  -1.454  -8.367  1.00 43.66 ? 93   SER A OG  1 
ATOM   176 N N   . PRO A 1 40 ? 11.553  -4.381  -5.109  1.00 30.47 ? 94   PRO A N   1 
ATOM   177 C CA  . PRO A 1 40 ? 11.777  -4.828  -3.752  1.00 31.83 ? 94   PRO A CA  1 
ATOM   178 C C   . PRO A 1 40 ? 12.461  -3.752  -2.904  1.00 31.75 ? 94   PRO A C   1 
ATOM   179 O O   . PRO A 1 40 ? 12.265  -3.701  -1.728  1.00 33.77 ? 94   PRO A O   1 
ATOM   180 C CB  . PRO A 1 40 ? 12.742  -6.006  -3.938  1.00 34.46 ? 94   PRO A CB  1 
ATOM   181 C CG  . PRO A 1 40 ? 12.324  -6.557  -5.213  1.00 34.72 ? 94   PRO A CG  1 
ATOM   182 C CD  . PRO A 1 40 ? 12.083  -5.355  -6.087  1.00 34.32 ? 94   PRO A CD  1 
ATOM   183 N N   . SER A 1 41 ? 13.274  -2.929  -3.529  1.00 33.93 ? 95   SER A N   1 
ATOM   184 C CA  . SER A 1 41 ? 14.013  -1.890  -2.797  1.00 34.87 ? 95   SER A CA  1 
ATOM   185 C C   . SER A 1 41 ? 13.163  -0.656  -2.440  1.00 33.16 ? 95   SER A C   1 
ATOM   186 O O   . SER A 1 41 ? 13.633  0.247   -1.682  1.00 33.03 ? 95   SER A O   1 
ATOM   187 C CB  . SER A 1 41 ? 15.258  -1.506  -3.599  1.00 38.26 ? 95   SER A CB  1 
ATOM   188 O OG  . SER A 1 41 ? 14.901  -0.954  -4.867  1.00 42.42 ? 95   SER A OG  1 
ATOM   189 N N   . ASP A 1 42 ? 11.952  -0.585  -2.976  1.00 30.36 ? 96   ASP A N   1 
ATOM   190 C CA  . ASP A 1 42 ? 11.023  0.523   -2.719  1.00 29.61 ? 96   ASP A CA  1 
ATOM   191 C C   . ASP A 1 42 ? 10.592  0.463   -1.254  1.00 28.41 ? 96   ASP A C   1 
ATOM   192 O O   . ASP A 1 42 ? 10.726  -0.553  -0.606  1.00 28.53 ? 96   ASP A O   1 
ATOM   193 C CB  . ASP A 1 42 ? 9.751   0.402   -3.534  1.00 30.04 ? 96   ASP A CB  1 
ATOM   194 C CG  . ASP A 1 42 ? 9.910   0.810   -5.003  1.00 32.63 ? 96   ASP A CG  1 
ATOM   195 O OD1 . ASP A 1 42 ? 10.929  1.447   -5.345  1.00 30.60 ? 96   ASP A OD1 1 
ATOM   196 O OD2 . ASP A 1 42 ? 8.959   0.488   -5.783  1.00 33.56 ? 96   ASP A OD2 1 
ATOM   197 N N   . THR A 1 43 ? 10.135  1.584   -0.717  1.00 27.47 ? 97   THR A N   1 
ATOM   198 C CA  . THR A 1 43 ? 9.617   1.617   0.655   1.00 25.15 ? 97   THR A CA  1 
ATOM   199 C C   . THR A 1 43 ? 8.110   1.688   0.608   1.00 22.04 ? 97   THR A C   1 
ATOM   200 O O   . THR A 1 43 ? 7.520   2.014   -0.411  1.00 23.33 ? 97   THR A O   1 
ATOM   201 C CB  . THR A 1 43 ? 10.165  2.833   1.488   1.00 24.16 ? 97   THR A CB  1 
ATOM   202 O OG1 . THR A 1 43 ? 9.841   4.060   0.827   1.00 26.13 ? 97   THR A OG1 1 
ATOM   203 C CG2 . THR A 1 43 ? 11.618  2.722   1.645   1.00 26.11 ? 97   THR A CG2 1 
ATOM   204 N N   . ILE A 1 44 ? 7.481   1.534   1.779   1.00 22.10 ? 98   ILE A N   1 
ATOM   205 C CA  . ILE A 1 44 ? 6.081   1.825   1.937   1.00 22.08 ? 98   ILE A CA  1 
ATOM   206 C C   . ILE A 1 44 ? 5.703   3.276   1.538   1.00 22.50 ? 98   ILE A C   1 
ATOM   207 O O   . ILE A 1 44 ? 4.685   3.507   0.954   1.00 22.75 ? 98   ILE A O   1 
ATOM   208 C CB  . ILE A 1 44 ? 5.621   1.471   3.368   1.00 20.91 ? 98   ILE A CB  1 
ATOM   209 C CG1 . ILE A 1 44 ? 5.604   -0.075  3.558   1.00 24.45 ? 98   ILE A CG1 1 
ATOM   210 C CG2 . ILE A 1 44 ? 4.308   2.183   3.717   1.00 23.04 ? 98   ILE A CG2 1 
ATOM   211 C CD1 . ILE A 1 44 ? 4.407   -0.752  2.851   1.00 23.15 ? 98   ILE A CD1 1 
ATOM   212 N N   . LEU A 1 45 ? 6.576   4.236   1.772   1.00 23.44 ? 99   LEU A N   1 
ATOM   213 C CA  . LEU A 1 45 ? 6.413   5.612   1.281   1.00 25.29 ? 99   LEU A CA  1 
ATOM   214 C C   . LEU A 1 45 ? 6.122   5.618   -0.226  1.00 25.01 ? 99   LEU A C   1 
ATOM   215 O O   . LEU A 1 45 ? 5.271   6.369   -0.666  1.00 25.05 ? 99   LEU A O   1 
ATOM   216 C CB  . LEU A 1 45 ? 7.681   6.443   1.575   1.00 27.02 ? 99   LEU A CB  1 
ATOM   217 C CG  . LEU A 1 45 ? 7.610   7.843   1.011   1.00 28.29 ? 99   LEU A CG  1 
ATOM   218 C CD1 . LEU A 1 45 ? 6.497   8.586   1.743   1.00 32.50 ? 99   LEU A CD1 1 
ATOM   219 C CD2 . LEU A 1 45 ? 8.940   8.509   1.117   1.00 31.29 ? 99   LEU A CD2 1 
ATOM   220 N N   . GLN A 1 46 ? 6.821   4.789   -0.964  1.00 24.52 ? 100  GLN A N   1 
ATOM   221 C CA  . GLN A 1 46 ? 6.611   4.695   -2.422  1.00 27.01 ? 100  GLN A CA  1 
ATOM   222 C C   . GLN A 1 46 ? 5.232   4.188   -2.786  1.00 23.25 ? 100  GLN A C   1 
ATOM   223 O O   . GLN A 1 46 ? 4.647   4.638   -3.795  1.00 26.58 ? 100  GLN A O   1 
ATOM   224 C CB  . GLN A 1 46 ? 7.627   3.765   -3.091  1.00 27.98 ? 100  GLN A CB  1 
ATOM   225 C CG  . GLN A 1 46 ? 8.708   4.491   -3.714  1.00 34.76 ? 100  GLN A CG  1 
ATOM   226 C CD  . GLN A 1 46 ? 9.754   4.755   -2.738  1.00 34.91 ? 100  GLN A CD  1 
ATOM   227 O OE1 . GLN A 1 46 ? 10.562  3.848   -2.426  1.00 35.43 ? 100  GLN A OE1 1 
ATOM   228 N NE2 . GLN A 1 46 ? 9.766   5.984   -2.204  1.00 39.64 ? 100  GLN A NE2 1 
ATOM   229 N N   . ILE A 1 47 ? 4.699   3.278   -2.006  1.00 22.68 ? 101  ILE A N   1 
ATOM   230 C CA  . ILE A 1 47 ? 3.288   2.812   -2.225  1.00 21.61 ? 101  ILE A CA  1 
ATOM   231 C C   . ILE A 1 47 ? 2.340   4.013   -2.002  1.00 21.31 ? 101  ILE A C   1 
ATOM   232 O O   . ILE A 1 47 ? 1.493   4.279   -2.829  1.00 22.66 ? 101  ILE A O   1 
ATOM   233 C CB  . ILE A 1 47 ? 2.885   1.662   -1.348  1.00 19.98 ? 101  ILE A CB  1 
ATOM   234 C CG1 . ILE A 1 47 ? 3.836   0.474   -1.572  1.00 23.04 ? 101  ILE A CG1 1 
ATOM   235 C CG2 . ILE A 1 47 ? 1.433   1.214   -1.657  1.00 20.34 ? 101  ILE A CG2 1 
ATOM   236 C CD1 . ILE A 1 47 ? 3.375   -0.742  -0.874  1.00 23.23 ? 101  ILE A CD1 1 
ATOM   237 N N   . LYS A 1 48 ? 2.510   4.726   -0.891  1.00 22.38 ? 102  LYS A N   1 
ATOM   238 C CA  . LYS A 1 48 ? 1.727   5.950   -0.587  1.00 22.15 ? 102  LYS A CA  1 
ATOM   239 C C   . LYS A 1 48 ? 1.827   6.954   -1.705  1.00 25.10 ? 102  LYS A C   1 
ATOM   240 O O   . LYS A 1 48 ? 0.816   7.457   -2.162  1.00 27.14 ? 102  LYS A O   1 
ATOM   241 C CB  . LYS A 1 48 ? 2.160   6.535   0.801   1.00 22.12 ? 102  LYS A CB  1 
ATOM   242 C CG  . LYS A 1 48 ? 1.752   5.610   1.979   1.00 22.63 ? 102  LYS A CG  1 
ATOM   243 C CD  . LYS A 1 48 ? 2.078   6.137   3.369   1.00 22.89 ? 102  LYS A CD  1 
ATOM   244 C CE  . LYS A 1 48 ? 1.599   5.115   4.381   1.00 21.75 ? 102  LYS A CE  1 
ATOM   245 N NZ  . LYS A 1 48 ? 2.036   5.469   5.774   1.00 22.51 ? 102  LYS A NZ  1 
ATOM   246 N N   . GLN A 1 49 ? 3.064   7.254   -2.161  1.00 26.09 ? 103  GLN A N   1 
ATOM   247 C CA  . GLN A 1 49 ? 3.285   8.170   -3.291  1.00 28.24 ? 103  GLN A CA  1 
ATOM   248 C C   . GLN A 1 49 ? 2.564   7.732   -4.568  1.00 26.65 ? 103  GLN A C   1 
ATOM   249 O O   . GLN A 1 49 ? 1.987   8.577   -5.282  1.00 29.44 ? 103  GLN A O   1 
ATOM   250 C CB  . GLN A 1 49 ? 4.767   8.292   -3.580  1.00 29.62 ? 103  GLN A CB  1 
ATOM   251 C CG  . GLN A 1 49 ? 5.568   9.010   -2.484  1.00 35.07 ? 103  GLN A CG  1 
ATOM   252 C CD  . GLN A 1 49 ? 7.080   8.922   -2.628  1.00 35.75 ? 103  GLN A CD  1 
ATOM   253 O OE1 . GLN A 1 49 ? 7.628   7.977   -3.229  1.00 40.41 ? 103  GLN A OE1 1 
ATOM   254 N NE2 . GLN A 1 49 ? 7.762   9.913   -2.061  1.00 39.77 ? 103  GLN A NE2 1 
ATOM   255 N N   . HIS A 1 50 ? 2.587   6.417   -4.861  1.00 25.93 ? 104  HIS A N   1 
ATOM   256 C CA  . HIS A 1 50 ? 1.825   5.851   -5.973  1.00 25.81 ? 104  HIS A CA  1 
ATOM   257 C C   . HIS A 1 50 ? 0.299   6.169   -5.827  1.00 26.52 ? 104  HIS A C   1 
ATOM   258 O O   . HIS A 1 50 ? -0.361  6.473   -6.787  1.00 27.92 ? 104  HIS A O   1 
ATOM   259 C CB  . HIS A 1 50 ? 2.021   4.303   -6.101  1.00 25.34 ? 104  HIS A CB  1 
ATOM   260 C CG  . HIS A 1 50 ? 1.298   3.715   -7.269  1.00 23.30 ? 104  HIS A CG  1 
ATOM   261 N ND1 . HIS A 1 50 ? 1.627   4.038   -8.570  1.00 31.67 ? 104  HIS A ND1 1 
ATOM   262 C CD2 . HIS A 1 50 ? 0.263   2.849   -7.341  1.00 27.12 ? 104  HIS A CD2 1 
ATOM   263 C CE1 . HIS A 1 50 ? 0.782   3.432   -9.391  1.00 33.37 ? 104  HIS A CE1 1 
ATOM   264 N NE2 . HIS A 1 50 ? -0.068  2.716   -8.670  1.00 28.44 ? 104  HIS A NE2 1 
ATOM   265 N N   . LEU A 1 51 ? -0.226  6.036   -4.606  1.00 25.08 ? 105  LEU A N   1 
ATOM   266 C CA  . LEU A 1 51 ? -1.645  6.328   -4.345  1.00 26.26 ? 105  LEU A CA  1 
ATOM   267 C C   . LEU A 1 51 ? -1.905  7.791   -4.605  1.00 28.29 ? 105  LEU A C   1 
ATOM   268 O O   . LEU A 1 51 ? -2.951  8.145   -5.184  1.00 30.92 ? 105  LEU A O   1 
ATOM   269 C CB  . LEU A 1 51 ? -1.973  5.915   -2.946  1.00 25.19 ? 105  LEU A CB  1 
ATOM   270 C CG  . LEU A 1 51 ? -1.981  4.357   -2.720  1.00 23.05 ? 105  LEU A CG  1 
ATOM   271 C CD1 . LEU A 1 51 ? -2.098  4.033   -1.231  1.00 25.51 ? 105  LEU A CD1 1 
ATOM   272 C CD2 . LEU A 1 51 ? -3.082  3.754   -3.508  1.00 24.90 ? 105  LEU A CD2 1 
ATOM   273 N N   . ILE A 1 52 ? -0.959  8.668   -4.228  1.00 29.02 ? 106  ILE A N   1 
ATOM   274 C CA  . ILE A 1 52 ? -1.160  10.097  -4.515  1.00 31.74 ? 106  ILE A CA  1 
ATOM   275 C C   . ILE A 1 52 ? -1.142  10.321  -6.022  1.00 34.86 ? 106  ILE A C   1 
ATOM   276 O O   . ILE A 1 52 ? -1.989  11.004  -6.592  1.00 37.22 ? 106  ILE A O   1 
ATOM   277 C CB  . ILE A 1 52 ? -0.156  10.982  -3.736  1.00 33.24 ? 106  ILE A CB  1 
ATOM   278 C CG1 . ILE A 1 52 ? -0.502  10.916  -2.238  1.00 31.95 ? 106  ILE A CG1 1 
ATOM   279 C CG2 . ILE A 1 52 ? -0.146  12.447  -4.270  1.00 36.64 ? 106  ILE A CG2 1 
ATOM   280 C CD1 . ILE A 1 52 ? 0.466   11.566  -1.387  1.00 34.48 ? 106  ILE A CD1 1 
ATOM   281 N N   . SER A 1 53 ? -0.149  9.739   -6.675  1.00 35.68 ? 107  SER A N   1 
ATOM   282 C CA  . SER A 1 53 ? -0.019  9.782   -8.142  1.00 38.32 ? 107  SER A CA  1 
ATOM   283 C C   . SER A 1 53 ? -1.285  9.323   -8.905  1.00 38.31 ? 107  SER A C   1 
ATOM   284 O O   . SER A 1 53 ? -1.685  9.935   -9.943  1.00 40.43 ? 107  SER A O   1 
ATOM   285 C CB  . SER A 1 53 ? 1.219   8.931   -8.538  1.00 38.01 ? 107  SER A CB  1 
ATOM   286 O OG  . SER A 1 53 ? 1.213   8.603   -9.921  1.00 47.94 ? 107  SER A OG  1 
ATOM   287 N N   . GLU A 1 54 ? -1.938  8.287   -8.381  1.00 35.30 ? 108  GLU A N   1 
ATOM   288 C CA  . GLU A 1 54 ? -3.186  7.766   -8.917  1.00 36.45 ? 108  GLU A CA  1 
ATOM   289 C C   . GLU A 1 54 ? -4.408  8.506   -8.402  1.00 36.54 ? 108  GLU A C   1 
ATOM   290 O O   . GLU A 1 54 ? -5.526  7.992   -8.548  1.00 38.02 ? 108  GLU A O   1 
ATOM   291 C CB  . GLU A 1 54 ? -3.329  6.288   -8.564  1.00 33.71 ? 108  GLU A CB  1 
ATOM   292 C CG  . GLU A 1 54 ? -2.319  5.392   -9.220  1.00 35.82 ? 108  GLU A CG  1 
ATOM   293 C CD  . GLU A 1 54 ? -2.417  5.434   -10.698 1.00 43.03 ? 108  GLU A CD  1 
ATOM   294 O OE1 . GLU A 1 54 ? -3.557  5.431   -11.191 1.00 45.58 ? 108  GLU A OE1 1 
ATOM   295 O OE2 . GLU A 1 54 ? -1.388  5.561   -11.377 1.00 47.96 ? 108  GLU A OE2 1 
ATOM   296 N N   . GLU A 1 55 ? -4.204  9.652   -7.741  1.00 36.78 ? 109  GLU A N   1 
ATOM   297 C CA  . GLU A 1 55 ? -5.335  10.517  -7.284  1.00 39.04 ? 109  GLU A CA  1 
ATOM   298 C C   . GLU A 1 55 ? -6.283  9.836   -6.267  1.00 37.98 ? 109  GLU A C   1 
ATOM   299 O O   . GLU A 1 55 ? -7.490  10.156  -6.187  1.00 37.67 ? 109  GLU A O   1 
ATOM   300 C CB  . GLU A 1 55 ? -6.114  11.058  -8.495  1.00 43.61 ? 109  GLU A CB  1 
ATOM   301 C CG  . GLU A 1 55 ? -5.206  11.619  -9.642  1.00 49.00 ? 109  GLU A CG  1 
ATOM   302 C CD  . GLU A 1 55 ? -4.563  12.983  -9.360  1.00 55.65 ? 109  GLU A CD  1 
ATOM   303 O OE1 . GLU A 1 55 ? -4.565  13.440  -8.178  1.00 56.14 ? 109  GLU A OE1 1 
ATOM   304 O OE2 . GLU A 1 55 ? -4.072  13.599  -10.351 1.00 60.07 ? 109  GLU A OE2 1 
ATOM   305 N N   . LYS A 1 56 ? -5.711  8.931   -5.464  1.00 34.21 ? 110  LYS A N   1 
ATOM   306 C CA  . LYS A 1 56 ? -6.443  8.206   -4.436  1.00 33.90 ? 110  LYS A CA  1 
ATOM   307 C C   . LYS A 1 56 ? -6.250  8.798   -3.034  1.00 34.04 ? 110  LYS A C   1 
ATOM   308 O O   . LYS A 1 56 ? -6.888  8.373   -2.062  1.00 35.94 ? 110  LYS A O   1 
ATOM   309 C CB  . LYS A 1 56 ? -5.964  6.739   -4.393  1.00 32.04 ? 110  LYS A CB  1 
ATOM   310 C CG  . LYS A 1 56 ? -6.293  5.916   -5.640  1.00 32.34 ? 110  LYS A CG  1 
ATOM   311 C CD  . LYS A 1 56 ? -7.635  6.098   -6.210  1.00 37.95 ? 110  LYS A CD  1 
ATOM   312 C CE  . LYS A 1 56 ? -7.814  5.051   -7.275  1.00 41.24 ? 110  LYS A CE  1 
ATOM   313 N NZ  . LYS A 1 56 ? -9.009  5.267   -8.044  1.00 43.78 ? 110  LYS A NZ  1 
ATOM   314 N N   . ALA A 1 57 ? -5.369  9.766   -2.927  1.00 35.59 ? 111  ALA A N   1 
ATOM   315 C CA  . ALA A 1 57 ? -5.106  10.474  -1.704  1.00 35.74 ? 111  ALA A CA  1 
ATOM   316 C C   . ALA A 1 57 ? -4.406  11.782  -2.080  1.00 39.54 ? 111  ALA A C   1 
ATOM   317 O O   . ALA A 1 57 ? -3.854  11.910  -3.182  1.00 38.48 ? 111  ALA A O   1 
ATOM   318 C CB  . ALA A 1 57 ? -4.194  9.560   -0.780  1.00 34.04 ? 111  ALA A CB  1 
ATOM   319 N N   . SER A 1 58 ? -4.424  12.727  -1.150  1.00 40.96 ? 112  SER A N   1 
ATOM   320 C CA  . SER A 1 58 ? -3.859  14.048  -1.327  1.00 45.55 ? 112  SER A CA  1 
ATOM   321 C C   . SER A 1 58 ? -2.530  14.170  -0.596  1.00 43.67 ? 112  SER A C   1 
ATOM   322 O O   . SER A 1 58 ? -1.638  14.837  -1.096  1.00 44.13 ? 112  SER A O   1 
ATOM   323 C CB  . SER A 1 58 ? -4.850  15.091  -0.810  1.00 47.70 ? 112  SER A CB  1 
ATOM   324 O OG  . SER A 1 58 ? -4.243  16.366  -0.721  1.00 56.90 ? 112  SER A OG  1 
ATOM   325 N N   . HIS A 1 59 ? -2.381  13.497  0.549   1.00 40.65 ? 113  HIS A N   1 
ATOM   326 C CA  . HIS A 1 59 ? -1.187  13.669  1.391   1.00 40.20 ? 113  HIS A CA  1 
ATOM   327 C C   . HIS A 1 59 ? -0.726  12.359  1.964   1.00 36.29 ? 113  HIS A C   1 
ATOM   328 O O   . HIS A 1 59 ? -1.530  11.572  2.428   1.00 33.67 ? 113  HIS A O   1 
ATOM   329 C CB  . HIS A 1 59 ? -1.479  14.574  2.592   1.00 42.29 ? 113  HIS A CB  1 
ATOM   330 C CG  . HIS A 1 59 ? -1.912  15.954  2.226   1.00 45.98 ? 113  HIS A CG  1 
ATOM   331 N ND1 . HIS A 1 59 ? -1.041  16.899  1.730   1.00 47.23 ? 113  HIS A ND1 1 
ATOM   332 C CD2 . HIS A 1 59 ? -3.126  16.549  2.283   1.00 46.01 ? 113  HIS A CD2 1 
ATOM   333 C CE1 . HIS A 1 59 ? -1.703  18.018  1.492   1.00 52.45 ? 113  HIS A CE1 1 
ATOM   334 N NE2 . HIS A 1 59 ? -2.970  17.833  1.820   1.00 51.92 ? 113  HIS A NE2 1 
ATOM   335 N N   . ILE A 1 60 ? 0.582   12.184  2.046   1.00 35.41 ? 114  ILE A N   1 
ATOM   336 C CA  . ILE A 1 60 ? 1.175   10.938  2.576   1.00 33.33 ? 114  ILE A CA  1 
ATOM   337 C C   . ILE A 1 60 ? 0.692   10.659  4.009   1.00 32.56 ? 114  ILE A C   1 
ATOM   338 O O   . ILE A 1 60 ? 0.307   9.544   4.326   1.00 30.34 ? 114  ILE A O   1 
ATOM   339 C CB  . ILE A 1 60 ? 2.752   11.022  2.547   1.00 34.19 ? 114  ILE A CB  1 
ATOM   340 C CG1 . ILE A 1 60 ? 3.291   11.060  1.117   1.00 35.95 ? 114  ILE A CG1 1 
ATOM   341 C CG2 . ILE A 1 60 ? 3.468   9.892   3.325   1.00 33.58 ? 114  ILE A CG2 1 
ATOM   342 C CD1 . ILE A 1 60 ? 3.007   9.849   0.331   1.00 32.77 ? 114  ILE A CD1 1 
ATOM   343 N N   . SER A 1 61 ? 0.640   11.706  4.842   1.00 34.15 ? 115  SER A N   1 
ATOM   344 C CA  . SER A 1 61 ? 0.297   11.574  6.253   1.00 35.47 ? 115  SER A CA  1 
ATOM   345 C C   . SER A 1 61 ? -1.097  11.028  6.484   1.00 34.86 ? 115  SER A C   1 
ATOM   346 O O   . SER A 1 61 ? -1.404  10.573  7.602   1.00 35.90 ? 115  SER A O   1 
ATOM   347 C CB  . SER A 1 61 ? 0.441   12.913  6.995   1.00 38.83 ? 115  SER A CB  1 
ATOM   348 O OG  . SER A 1 61 ? -0.503  13.850  6.515   1.00 40.82 ? 115  SER A OG  1 
ATOM   349 N N   . GLU A 1 62 ? -1.960  11.107  5.464   1.00 32.49 ? 116  GLU A N   1 
ATOM   350 C CA  . GLU A 1 62 ? -3.350  10.668  5.602   1.00 31.87 ? 116  GLU A CA  1 
ATOM   351 C C   . GLU A 1 62 ? -3.509  9.154   5.407   1.00 29.20 ? 116  GLU A C   1 
ATOM   352 O O   . GLU A 1 62 ? -4.517  8.580   5.843   1.00 30.61 ? 116  GLU A O   1 
ATOM   353 C CB  . GLU A 1 62 ? -4.224  11.468  4.623   1.00 32.69 ? 116  GLU A CB  1 
ATOM   354 C CG  . GLU A 1 62 ? -4.318  12.976  5.105   1.00 36.32 ? 116  GLU A CG  1 
ATOM   355 C CD  . GLU A 1 62 ? -5.029  13.972  4.169   1.00 42.59 ? 116  GLU A CD  1 
ATOM   356 O OE1 . GLU A 1 62 ? -5.137  13.704  2.950   1.00 40.77 ? 116  GLU A OE1 1 
ATOM   357 O OE2 . GLU A 1 62 ? -5.421  15.089  4.672   1.00 48.36 ? 116  GLU A OE2 1 
ATOM   358 N N   . ILE A 1 63 ? -2.515  8.548   4.785   1.00 26.80 ? 117  ILE A N   1 
ATOM   359 C CA  . ILE A 1 63 ? -2.574  7.132   4.326   1.00 25.06 ? 117  ILE A CA  1 
ATOM   360 C C   . ILE A 1 63 ? -1.991  6.170   5.309   1.00 23.68 ? 117  ILE A C   1 
ATOM   361 O O   . ILE A 1 63 ? -0.875  6.371   5.765   1.00 24.81 ? 117  ILE A O   1 
ATOM   362 C CB  . ILE A 1 63 ? -1.902  6.918   2.980   1.00 24.11 ? 117  ILE A CB  1 
ATOM   363 C CG1 . ILE A 1 63 ? -2.469  7.860   1.875   1.00 25.89 ? 117  ILE A CG1 1 
ATOM   364 C CG2 . ILE A 1 63 ? -2.191  5.437   2.471   1.00 21.57 ? 117  ILE A CG2 1 
ATOM   365 C CD1 . ILE A 1 63 ? -1.587  8.034   0.625   1.00 26.33 ? 117  ILE A CD1 1 
ATOM   366 N N   . LYS A 1 64 ? -2.779  5.137   5.680   1.00 22.98 ? 118  LYS A N   1 
ATOM   367 C CA  . LYS A 1 64 ? -2.339  4.044   6.521   1.00 23.08 ? 118  LYS A CA  1 
ATOM   368 C C   . LYS A 1 64 ? -2.469  2.778   5.654   1.00 22.15 ? 118  LYS A C   1 
ATOM   369 O O   . LYS A 1 64 ? -3.487  2.528   5.108   1.00 23.58 ? 118  LYS A O   1 
ATOM   370 C CB  . LYS A 1 64 ? -3.221  3.946   7.785   1.00 25.90 ? 118  LYS A CB  1 
ATOM   371 C CG  . LYS A 1 64 ? -2.855  2.804   8.676   1.00 27.62 ? 118  LYS A CG  1 
ATOM   372 C CD  . LYS A 1 64 ? -3.727  2.750   10.025  1.00 35.80 ? 118  LYS A CD  1 
ATOM   373 C CE  . LYS A 1 64 ? -3.197  3.685   11.047  1.00 43.41 ? 118  LYS A CE  1 
ATOM   374 N NZ  . LYS A 1 64 ? -4.006  3.556   12.299  1.00 45.49 ? 118  LYS A NZ  1 
ATOM   375 N N   . LEU A 1 65 ? -1.425  1.990   5.615   1.00 22.44 ? 119  LEU A N   1 
ATOM   376 C CA  . LEU A 1 65 ? -1.438  0.726   4.918   1.00 19.78 ? 119  LEU A CA  1 
ATOM   377 C C   . LEU A 1 65 ? -1.263  -0.354  5.941   1.00 17.37 ? 119  LEU A C   1 
ATOM   378 O O   . LEU A 1 65 ? -0.450  -0.213  6.889   1.00 21.13 ? 119  LEU A O   1 
ATOM   379 C CB  . LEU A 1 65 ? -0.265  0.709   3.929   1.00 20.95 ? 119  LEU A CB  1 
ATOM   380 C CG  . LEU A 1 65 ? -0.303  1.860   2.904   1.00 19.73 ? 119  LEU A CG  1 
ATOM   381 C CD1 . LEU A 1 65 ? 0.873   1.696   1.941   1.00 17.32 ? 119  LEU A CD1 1 
ATOM   382 C CD2 . LEU A 1 65 ? -1.581  1.851   2.140   1.00 21.44 ? 119  LEU A CD2 1 
ATOM   383 N N   . LEU A 1 66 ? -1.926  -1.480  5.695   1.00 20.54 ? 120  LEU A N   1 
ATOM   384 C CA  . LEU A 1 66 ? -1.822  -2.624  6.559   1.00 20.09 ? 120  LEU A CA  1 
ATOM   385 C C   . LEU A 1 66 ? -1.716  -3.925  5.732   1.00 19.47 ? 120  LEU A C   1 
ATOM   386 O O   . LEU A 1 66 ? -2.250  -4.052  4.677   1.00 19.77 ? 120  LEU A O   1 
ATOM   387 C CB  . LEU A 1 66 ? -3.025  -2.734  7.474   1.00 21.73 ? 120  LEU A CB  1 
ATOM   388 C CG  . LEU A 1 66 ? -3.356  -1.514  8.381   1.00 20.70 ? 120  LEU A CG  1 
ATOM   389 C CD1 . LEU A 1 66 ? -4.293  -0.627  7.600   1.00 25.93 ? 120  LEU A CD1 1 
ATOM   390 C CD2 . LEU A 1 66 ? -3.924  -1.882  9.669   1.00 25.28 ? 120  LEU A CD2 1 
ATOM   391 N N   . LEU A 1 67 ? -1.108  -4.939  6.323   1.00 19.94 ? 121  LEU A N   1 
ATOM   392 C CA  . LEU A 1 67 ? -1.165  -6.293  5.738   1.00 21.30 ? 121  LEU A CA  1 
ATOM   393 C C   . LEU A 1 67 ? -1.370  -7.201  6.895   1.00 22.02 ? 121  LEU A C   1 
ATOM   394 O O   . LEU A 1 67 ? -0.637  -7.107  7.919   1.00 22.46 ? 121  LEU A O   1 
ATOM   395 C CB  . LEU A 1 67 ? 0.160   -6.590  4.971   1.00 21.57 ? 121  LEU A CB  1 
ATOM   396 C CG  . LEU A 1 67 ? 0.204   -8.029  4.413   1.00 21.68 ? 121  LEU A CG  1 
ATOM   397 C CD1 . LEU A 1 67 ? -0.874  -8.357  3.336   1.00 26.57 ? 121  LEU A CD1 1 
ATOM   398 C CD2 . LEU A 1 67 ? 1.645   -8.194  3.844   1.00 24.65 ? 121  LEU A CD2 1 
ATOM   399 N N   . LYS A 1 68 ? -2.409  -8.040  6.784   1.00 27.26 ? 122  LYS A N   1 
ATOM   400 C CA  . LYS A 1 68 ? -2.801  -8.939  7.798   1.00 30.42 ? 122  LYS A CA  1 
ATOM   401 C C   . LYS A 1 68 ? -2.982  -8.189  9.064   1.00 29.89 ? 122  LYS A C   1 
ATOM   402 O O   . LYS A 1 68 ? -2.638  -8.656  10.134  1.00 31.98 ? 122  LYS A O   1 
ATOM   403 C CB  . LYS A 1 68 ? -1.843  -10.150 7.944   1.00 34.42 ? 122  LYS A CB  1 
ATOM   404 C CG  . LYS A 1 68 ? -0.909  -10.042 9.171   1.00 38.82 ? 122  LYS A CG  1 
ATOM   405 N N   . GLY A 1 69 ? -3.528  -6.977  8.949   1.00 27.43 ? 123  GLY A N   1 
ATOM   406 C CA  . GLY A 1 69 ? -3.925  -6.248  10.158  1.00 28.54 ? 123  GLY A CA  1 
ATOM   407 C C   . GLY A 1 69 ? -2.793  -5.549  10.874  1.00 29.54 ? 123  GLY A C   1 
ATOM   408 O O   . GLY A 1 69 ? -3.035  -4.943  11.913  1.00 31.97 ? 123  GLY A O   1 
ATOM   409 N N   . LYS A 1 70 ? -1.576  -5.679  10.358  1.00 28.20 ? 124  LYS A N   1 
ATOM   410 C CA  . LYS A 1 70 ? -0.388  -4.975  10.862  1.00 28.75 ? 124  LYS A CA  1 
ATOM   411 C C   . LYS A 1 70 ? -0.152  -3.704  10.075  1.00 24.16 ? 124  LYS A C   1 
ATOM   412 O O   . LYS A 1 70 ? -0.155  -3.693  8.846   1.00 23.07 ? 124  LYS A O   1 
ATOM   413 C CB  . LYS A 1 70 ? 0.816   -5.884  10.760  1.00 29.70 ? 124  LYS A CB  1 
ATOM   414 C CG  . LYS A 1 70 ? 2.040   -5.290  11.439  1.00 37.34 ? 124  LYS A CG  1 
ATOM   415 C CD  . LYS A 1 70 ? 3.047   -6.362  11.913  1.00 46.09 ? 124  LYS A CD  1 
ATOM   416 C CE  . LYS A 1 70 ? 3.634   -5.970  13.317  1.00 49.39 ? 124  LYS A CE  1 
ATOM   417 N NZ  . LYS A 1 70 ? 2.572   -6.089  14.392  1.00 50.51 ? 124  LYS A NZ  1 
ATOM   418 N N   . VAL A 1 71 ? 0.084   -2.618  10.787  1.00 25.11 ? 125  VAL A N   1 
ATOM   419 C CA  . VAL A 1 71 ? 0.415   -1.362  10.114  1.00 22.72 ? 125  VAL A CA  1 
ATOM   420 C C   . VAL A 1 71 ? 1.802   -1.428  9.516   1.00 21.25 ? 125  VAL A C   1 
ATOM   421 O O   . VAL A 1 71 ? 2.760   -1.860  10.149  1.00 24.44 ? 125  VAL A O   1 
ATOM   422 C CB  . VAL A 1 71 ? 0.302   -0.150  11.077  1.00 23.56 ? 125  VAL A CB  1 
ATOM   423 C CG1 . VAL A 1 71 ? 0.767   1.116   10.420  1.00 23.49 ? 125  VAL A CG1 1 
ATOM   424 C CG2 . VAL A 1 71 ? -1.153  0.064   11.566  1.00 27.30 ? 125  VAL A CG2 1 
ATOM   425 N N   . LEU A 1 72 ? 1.916   -0.943  8.304   1.00 22.02 ? 126  LEU A N   1 
ATOM   426 C CA  . LEU A 1 72 ? 3.139   -0.914  7.506   1.00 21.37 ? 126  LEU A CA  1 
ATOM   427 C C   . LEU A 1 72 ? 3.604   0.539   7.534   1.00 21.08 ? 126  LEU A C   1 
ATOM   428 O O   . LEU A 1 72 ? 2.982   1.425   6.980   1.00 22.38 ? 126  LEU A O   1 
ATOM   429 C CB  . LEU A 1 72 ? 2.868   -1.377  6.079   1.00 21.48 ? 126  LEU A CB  1 
ATOM   430 C CG  . LEU A 1 72 ? 2.115   -2.729  5.870   1.00 21.54 ? 126  LEU A CG  1 
ATOM   431 C CD1 . LEU A 1 72 ? 1.885   -3.096  4.397   1.00 20.50 ? 126  LEU A CD1 1 
ATOM   432 C CD2 . LEU A 1 72 ? 2.854   -3.795  6.579   1.00 24.55 ? 126  LEU A CD2 1 
ATOM   433 N N   . HIS A 1 73 ? 4.682   0.760   8.262   1.00 21.70 ? 127  HIS A N   1 
ATOM   434 C CA  . HIS A 1 73 ? 5.239   2.078   8.437   1.00 20.10 ? 127  HIS A CA  1 
ATOM   435 C C   . HIS A 1 73 ? 6.108   2.501   7.240   1.00 21.23 ? 127  HIS A C   1 
ATOM   436 O O   . HIS A 1 73 ? 6.597   1.661   6.446   1.00 20.31 ? 127  HIS A O   1 
ATOM   437 C CB  . HIS A 1 73 ? 5.954   2.133   9.768   1.00 22.94 ? 127  HIS A CB  1 
ATOM   438 C CG  . HIS A 1 73 ? 5.045   1.875   10.930  1.00 26.08 ? 127  HIS A CG  1 
ATOM   439 N ND1 . HIS A 1 73 ? 4.255   2.856   11.463  1.00 32.26 ? 127  HIS A ND1 1 
ATOM   440 C CD2 . HIS A 1 73 ? 4.780   0.746   11.631  1.00 28.00 ? 127  HIS A CD2 1 
ATOM   441 C CE1 . HIS A 1 73 ? 3.565   2.349   12.481  1.00 34.99 ? 127  HIS A CE1 1 
ATOM   442 N NE2 . HIS A 1 73 ? 3.861   1.062   12.595  1.00 28.19 ? 127  HIS A NE2 1 
ATOM   443 N N   . ASP A 1 74 ? 6.272   3.831   7.090   1.00 21.96 ? 128  ASP A N   1 
ATOM   444 C CA  . ASP A 1 74 ? 6.851   4.347   5.837   1.00 22.98 ? 128  ASP A CA  1 
ATOM   445 C C   . ASP A 1 74 ? 8.207   3.813   5.472   1.00 22.00 ? 128  ASP A C   1 
ATOM   446 O O   . ASP A 1 74 ? 8.512   3.729   4.264   1.00 22.29 ? 128  ASP A O   1 
ATOM   447 C CB  . ASP A 1 74 ? 6.984   5.847   5.890   1.00 22.83 ? 128  ASP A CB  1 
ATOM   448 C CG  . ASP A 1 74 ? 5.672   6.601   5.801   1.00 28.70 ? 128  ASP A CG  1 
ATOM   449 O OD1 . ASP A 1 74 ? 4.609   6.091   5.462   1.00 25.12 ? 128  ASP A OD1 1 
ATOM   450 O OD2 . ASP A 1 74 ? 5.704   7.784   6.188   1.00 28.48 ? 128  ASP A OD2 1 
ATOM   451 N N   . ASN A 1 75 ? 9.039   3.502   6.470   1.00 22.43 ? 129  ASN A N   1 
ATOM   452 C CA  . ASN A 1 75 ? 10.410  3.108   6.220   1.00 24.35 ? 129  ASN A CA  1 
ATOM   453 C C   . ASN A 1 75 ? 10.587  1.658   5.885   1.00 24.44 ? 129  ASN A C   1 
ATOM   454 O O   . ASN A 1 75 ? 11.661  1.263   5.493   1.00 24.96 ? 129  ASN A O   1 
ATOM   455 C CB  . ASN A 1 75 ? 11.345  3.483   7.390   1.00 25.30 ? 129  ASN A CB  1 
ATOM   456 C CG  . ASN A 1 75 ? 11.737  4.982   7.388   1.00 31.00 ? 129  ASN A CG  1 
ATOM   457 O OD1 . ASN A 1 75 ? 11.286  5.849   8.254   1.00 37.38 ? 129  ASN A OD1 1 
ATOM   458 N ND2 . ASN A 1 75 ? 12.662  5.306   6.443   1.00 28.85 ? 129  ASN A ND2 1 
ATOM   459 N N   . LEU A 1 76 ? 9.530   0.858   6.036   1.00 23.71 ? 130  LEU A N   1 
ATOM   460 C CA  . LEU A 1 76 ? 9.593   -0.583  5.691   1.00 23.75 ? 130  LEU A CA  1 
ATOM   461 C C   . LEU A 1 76 ? 9.871   -0.832  4.171   1.00 24.47 ? 130  LEU A C   1 
ATOM   462 O O   . LEU A 1 76 ? 9.289   -0.163  3.305   1.00 22.52 ? 130  LEU A O   1 
ATOM   463 C CB  . LEU A 1 76 ? 8.264   -1.267  6.083   1.00 22.53 ? 130  LEU A CB  1 
ATOM   464 C CG  . LEU A 1 76 ? 8.116   -2.779  5.806   1.00 28.00 ? 130  LEU A CG  1 
ATOM   465 C CD1 . LEU A 1 76 ? 8.974   -3.581  6.775   1.00 33.35 ? 130  LEU A CD1 1 
ATOM   466 C CD2 . LEU A 1 76 ? 6.665   -3.187  5.975   1.00 33.88 ? 130  LEU A CD2 1 
ATOM   467 N N   . PHE A 1 77 ? 10.788  -1.745  3.887   1.00 24.75 ? 131  PHE A N   1 
ATOM   468 C CA  . PHE A 1 77 ? 11.065  -2.083  2.495   1.00 25.58 ? 131  PHE A CA  1 
ATOM   469 C C   . PHE A 1 77 ? 10.119  -3.157  2.014   1.00 25.08 ? 131  PHE A C   1 
ATOM   470 O O   . PHE A 1 77 ? 9.689   -4.057  2.784   1.00 25.06 ? 131  PHE A O   1 
ATOM   471 C CB  . PHE A 1 77 ? 12.490  -2.509  2.303   1.00 26.46 ? 131  PHE A CB  1 
ATOM   472 C CG  . PHE A 1 77 ? 13.458  -1.407  2.602   1.00 27.18 ? 131  PHE A CG  1 
ATOM   473 C CD1 . PHE A 1 77 ? 13.587  -0.303  1.752   1.00 29.13 ? 131  PHE A CD1 1 
ATOM   474 C CD2 . PHE A 1 77 ? 14.136  -1.403  3.794   1.00 28.49 ? 131  PHE A CD2 1 
ATOM   475 C CE1 . PHE A 1 77 ? 14.457  0.739   2.058   1.00 32.84 ? 131  PHE A CE1 1 
ATOM   476 C CE2 . PHE A 1 77 ? 14.980  -0.353  4.085   1.00 29.96 ? 131  PHE A CE2 1 
ATOM   477 C CZ  . PHE A 1 77 ? 15.104  0.719   3.204   1.00 29.28 ? 131  PHE A CZ  1 
ATOM   478 N N   . LEU A 1 78 ? 9.775   -3.067  0.743   1.00 25.16 ? 132  LEU A N   1 
ATOM   479 C CA  . LEU A 1 78 ? 8.818   -4.036  0.192   1.00 27.97 ? 132  LEU A CA  1 
ATOM   480 C C   . LEU A 1 78 ? 9.361   -5.462  0.197   1.00 30.36 ? 132  LEU A C   1 
ATOM   481 O O   . LEU A 1 78 ? 8.608   -6.436  0.292   1.00 31.76 ? 132  LEU A O   1 
ATOM   482 C CB  . LEU A 1 78 ? 8.373   -3.578  -1.164  1.00 29.12 ? 132  LEU A CB  1 
ATOM   483 C CG  . LEU A 1 78 ? 7.706   -2.190  -1.236  1.00 30.80 ? 132  LEU A CG  1 
ATOM   484 C CD1 . LEU A 1 78 ? 6.888   -2.196  -2.544  1.00 31.56 ? 132  LEU A CD1 1 
ATOM   485 C CD2 . LEU A 1 78 ? 6.887   -1.763  -0.019  1.00 30.30 ? 132  LEU A CD2 1 
ATOM   486 N N   . SER A 1 79 ? 10.672  -5.590  0.134   1.00 32.02 ? 133  SER A N   1 
ATOM   487 C CA  . SER A 1 79 ? 11.303  -6.884  0.292   1.00 35.25 ? 133  SER A CA  1 
ATOM   488 C C   . SER A 1 79 ? 11.114  -7.499  1.679   1.00 35.71 ? 133  SER A C   1 
ATOM   489 O O   . SER A 1 79 ? 11.380  -8.680  1.828   1.00 38.76 ? 133  SER A O   1 
ATOM   490 C CB  . SER A 1 79 ? 12.801  -6.758  -0.019  1.00 36.81 ? 133  SER A CB  1 
ATOM   491 O OG  . SER A 1 79 ? 13.449  -5.764  0.755   1.00 34.10 ? 133  SER A OG  1 
ATOM   492 N N   . ASP A 1 80 ? 10.681  -6.717  2.669   1.00 34.72 ? 134  ASP A N   1 
ATOM   493 C CA  . ASP A 1 80 ? 10.400  -7.197  4.045   1.00 35.59 ? 134  ASP A CA  1 
ATOM   494 C C   . ASP A 1 80 ? 8.911   -7.541  4.218   1.00 37.34 ? 134  ASP A C   1 
ATOM   495 O O   . ASP A 1 80 ? 8.500   -8.094  5.266   1.00 39.60 ? 134  ASP A O   1 
ATOM   496 C CB  . ASP A 1 80 ? 10.852  -6.164  5.089   1.00 34.95 ? 134  ASP A CB  1 
ATOM   497 C CG  . ASP A 1 80 ? 12.363  -5.922  5.089   1.00 37.16 ? 134  ASP A CG  1 
ATOM   498 O OD1 . ASP A 1 80 ? 13.189  -6.805  4.686   1.00 44.03 ? 134  ASP A OD1 1 
ATOM   499 O OD2 . ASP A 1 80 ? 12.734  -4.814  5.480   1.00 43.25 ? 134  ASP A OD2 1 
ATOM   500 N N   . LEU A 1 81 ? 8.089   -7.276  3.188   1.00 36.15 ? 135  LEU A N   1 
ATOM   501 C CA  . LEU A 1 81 ? 6.682   -7.687  3.244   1.00 36.98 ? 135  LEU A CA  1 
ATOM   502 C C   . LEU A 1 81 ? 6.545   -9.155  3.109   1.00 39.16 ? 135  LEU A C   1 
ATOM   503 O O   . LEU A 1 81 ? 7.074   -9.773  2.166   1.00 40.43 ? 135  LEU A O   1 
ATOM   504 C CB  . LEU A 1 81 ? 5.831   -7.108  2.133   1.00 35.59 ? 135  LEU A CB  1 
ATOM   505 C CG  . LEU A 1 81 ? 5.463   -5.673  2.205   1.00 35.10 ? 135  LEU A CG  1 
ATOM   506 C CD1 . LEU A 1 81 ? 4.775   -5.340  0.940   1.00 32.74 ? 135  LEU A CD1 1 
ATOM   507 C CD2 . LEU A 1 81 ? 4.635   -5.358  3.476   1.00 34.29 ? 135  LEU A CD2 1 
ATOM   508 N N   . LYS A 1 82 ? 5.729   -9.734  3.966   1.00 41.39 ? 136  LYS A N   1 
ATOM   509 C CA  . LYS A 1 82 ? 5.471   -11.159 3.800   1.00 45.11 ? 136  LYS A CA  1 
ATOM   510 C C   . LYS A 1 82 ? 4.334   -11.396 2.821   1.00 43.75 ? 136  LYS A C   1 
ATOM   511 O O   . LYS A 1 82 ? 3.228   -11.684 3.200   1.00 43.25 ? 136  LYS A O   1 
ATOM   512 C CB  . LYS A 1 82 ? 5.243   -11.809 5.159   1.00 47.67 ? 136  LYS A CB  1 
ATOM   513 C CG  . LYS A 1 82 ? 6.512   -11.697 6.034   1.00 51.36 ? 136  LYS A CG  1 
ATOM   514 C CD  . LYS A 1 82 ? 7.648   -12.627 5.551   1.00 57.37 ? 136  LYS A CD  1 
ATOM   515 C CE  . LYS A 1 82 ? 8.873   -12.587 6.494   1.00 60.54 ? 136  LYS A CE  1 
ATOM   516 N NZ  . LYS A 1 82 ? 9.578   -11.238 6.534   1.00 59.28 ? 136  LYS A NZ  1 
ATOM   517 N N   . VAL A 1 83 ? 4.654   -11.371 1.526   1.00 38.81 ? 137  VAL A N   1 
ATOM   518 C CA  . VAL A 1 83 ? 3.605   -11.554 0.498   1.00 34.80 ? 137  VAL A CA  1 
ATOM   519 C C   . VAL A 1 83 ? 3.800   -12.959 -0.124  1.00 33.46 ? 137  VAL A C   1 
ATOM   520 O O   . VAL A 1 83 ? 4.913   -13.516 -0.165  1.00 39.61 ? 137  VAL A O   1 
ATOM   521 C CB  . VAL A 1 83 ? 3.497   -10.341 -0.497  1.00 33.59 ? 137  VAL A CB  1 
ATOM   522 C CG1 . VAL A 1 83 ? 2.677   -9.147  0.131   1.00 32.84 ? 137  VAL A CG1 1 
ATOM   523 C CG2 . VAL A 1 83 ? 4.855   -9.832  -0.924  1.00 37.18 ? 137  VAL A CG2 1 
ATOM   524 N N   . THR A 1 84 ? 2.704   -13.585 -0.507  1.00 30.65 ? 138  THR A N   1 
ATOM   525 C CA  . THR A 1 84 ? 2.634   -14.903 -1.113  1.00 29.69 ? 138  THR A CA  1 
ATOM   526 C C   . THR A 1 84 ? 1.570   -14.904 -2.203  1.00 27.09 ? 138  THR A C   1 
ATOM   527 O O   . THR A 1 84 ? 0.811   -13.953 -2.297  1.00 23.36 ? 138  THR A O   1 
ATOM   528 C CB  . THR A 1 84 ? 2.303   -16.019 -0.040  1.00 32.64 ? 138  THR A CB  1 
ATOM   529 O OG1 . THR A 1 84 ? 0.973   -15.863 0.461   1.00 30.06 ? 138  THR A OG1 1 
ATOM   530 C CG2 . THR A 1 84 ? 3.284   -15.904 1.154   1.00 36.58 ? 138  THR A CG2 1 
ATOM   531 N N   . PRO A 1 85 ? 1.441   -15.997 -2.999  1.00 27.07 ? 139  PRO A N   1 
ATOM   532 C CA  . PRO A 1 85 ? 0.362   -15.973 -3.985  1.00 28.66 ? 139  PRO A CA  1 
ATOM   533 C C   . PRO A 1 85 ? -0.998  -15.799 -3.391  1.00 26.74 ? 139  PRO A C   1 
ATOM   534 O O   . PRO A 1 85 ? -1.855  -15.090 -3.979  1.00 29.05 ? 139  PRO A O   1 
ATOM   535 C CB  . PRO A 1 85 ? 0.466   -17.370 -4.643  1.00 30.71 ? 139  PRO A CB  1 
ATOM   536 C CG  . PRO A 1 85 ? 1.905   -17.660 -4.529  1.00 31.05 ? 139  PRO A CG  1 
ATOM   537 C CD  . PRO A 1 85 ? 2.291   -17.178 -3.208  1.00 31.68 ? 139  PRO A CD  1 
ATOM   538 N N   . ALA A 1 86 ? -1.218  -16.397 -2.213  1.00 26.25 ? 140  ALA A N   1 
ATOM   539 C CA  . ALA A 1 86 ? -2.522  -16.300 -1.535  1.00 28.31 ? 140  ALA A CA  1 
ATOM   540 C C   . ALA A 1 86 ? -2.860  -14.902 -1.101  1.00 28.25 ? 140  ALA A C   1 
ATOM   541 O O   . ALA A 1 86 ? -4.011  -14.589 -0.988  1.00 29.18 ? 140  ALA A O   1 
ATOM   542 C CB  . ALA A 1 86 ? -2.645  -17.251 -0.304  1.00 30.90 ? 140  ALA A CB  1 
ATOM   543 N N   . ASN A 1 87 ? -1.876  -14.050 -0.886  1.00 26.68 ? 141  ASN A N   1 
ATOM   544 C CA  A ASN A 1 87 ? -2.229  -12.675 -0.375  0.50 25.56 ? 141  ASN A CA  1 
ATOM   545 C CA  B ASN A 1 87 ? -2.106  -12.796 -0.256  0.50 26.87 ? 141  ASN A CA  1 
ATOM   546 C C   . ASN A 1 87 ? -1.018  -11.772 -0.551  1.00 22.79 ? 141  ASN A C   1 
ATOM   547 O O   . ASN A 1 87 ? 0.069   -11.844 0.044   1.00 25.50 ? 141  ASN A O   1 
ATOM   548 C CB  A ASN A 1 87 ? -2.974  -12.667 1.030   0.50 25.45 ? 141  ASN A CB  1 
ATOM   549 C CB  B ASN A 1 87 ? -2.348  -13.153 1.214   0.50 29.15 ? 141  ASN A CB  1 
ATOM   550 C CG  A ASN A 1 87 ? -3.497  -11.259 1.529   0.50 23.24 ? 141  ASN A CG  1 
ATOM   551 C CG  B ASN A 1 87 ? -1.178  -12.898 2.147   0.50 28.09 ? 141  ASN A CG  1 
ATOM   552 O OD1 A ASN A 1 87 ? -3.232  -10.217 0.955   0.50 12.72 ? 141  ASN A OD1 1 
ATOM   553 O OD1 B ASN A 1 87 ? -0.118  -13.577 2.207   0.50 26.91 ? 141  ASN A OD1 1 
ATOM   554 N ND2 A ASN A 1 87 ? -4.264  -11.284 2.666   0.50 25.59 ? 141  ASN A ND2 1 
ATOM   555 N ND2 B ASN A 1 87 ? -1.483  -12.032 3.014   0.50 17.57 ? 141  ASN A ND2 1 
ATOM   556 N N   . SER A 1 88 ? -1.283  -10.905 -1.487  1.00 23.51 ? 142  SER A N   1 
ATOM   557 C CA  . SER A 1 88 ? -0.424  -9.840  -1.824  1.00 23.45 ? 142  SER A CA  1 
ATOM   558 C C   . SER A 1 88 ? -1.321  -8.595  -1.913  1.00 20.43 ? 142  SER A C   1 
ATOM   559 O O   . SER A 1 88 ? -1.075  -7.721  -2.703  1.00 21.55 ? 142  SER A O   1 
ATOM   560 C CB  . SER A 1 88 ? 0.293   -10.163 -3.102  1.00 25.19 ? 142  SER A CB  1 
ATOM   561 O OG  . SER A 1 88 ? -0.604  -10.330 -4.210  1.00 28.94 ? 142  SER A OG  1 
ATOM   562 N N   . THR A 1 89 ? -2.347  -8.539  -1.071  1.00 21.17 ? 143  THR A N   1 
ATOM   563 C CA  . THR A 1 89 ? -3.238  -7.398  -0.981  1.00 19.65 ? 143  THR A CA  1 
ATOM   564 C C   . THR A 1 89 ? -2.963  -6.557  0.257   1.00 19.90 ? 143  THR A C   1 
ATOM   565 O O   . THR A 1 89 ? -3.017  -7.066  1.414   1.00 20.71 ? 143  THR A O   1 
ATOM   566 C CB  . THR A 1 89 ? -4.752  -7.823  -1.021  1.00 22.05 ? 143  THR A CB  1 
ATOM   567 O OG1 . THR A 1 89 ? -4.969  -8.594  -2.221  1.00 23.27 ? 143  THR A OG1 1 
ATOM   568 C CG2 . THR A 1 89 ? -5.704  -6.628  -0.995  1.00 21.64 ? 143  THR A CG2 1 
ATOM   569 N N   . ILE A 1 90 ? -2.728  -5.269  -0.009  1.00 19.14 ? 144  ILE A N   1 
ATOM   570 C CA  . ILE A 1 90 ? -2.540  -4.268  1.007   1.00 18.94 ? 144  ILE A CA  1 
ATOM   571 C C   . ILE A 1 90 ? -3.832  -3.532  1.287   1.00 19.06 ? 144  ILE A C   1 
ATOM   572 O O   . ILE A 1 90 ? -4.479  -3.084  0.362   1.00 19.10 ? 144  ILE A O   1 
ATOM   573 C CB  . ILE A 1 90 ? -1.449  -3.251  0.614   1.00 19.88 ? 144  ILE A CB  1 
ATOM   574 C CG1 . ILE A 1 90 ? -0.154  -3.942  0.168   1.00 21.00 ? 144  ILE A CG1 1 
ATOM   575 C CG2 . ILE A 1 90 ? -1.161  -2.251  1.856   1.00 22.38 ? 144  ILE A CG2 1 
ATOM   576 C CD1 . ILE A 1 90 ? 0.486   -4.828  1.127   1.00 20.64 ? 144  ILE A CD1 1 
ATOM   577 N N   . THR A 1 91 ? -4.198  -3.432  2.573   1.00 18.21 ? 145  THR A N   1 
ATOM   578 C CA  . THR A 1 91 ? -5.460  -2.763  2.968   1.00 20.26 ? 145  THR A CA  1 
ATOM   579 C C   . THR A 1 91 ? -5.115  -1.303  3.126   1.00 19.01 ? 145  THR A C   1 
ATOM   580 O O   . THR A 1 91 ? -4.143  -0.994  3.773   1.00 20.35 ? 145  THR A O   1 
ATOM   581 C CB  . THR A 1 91 ? -5.988  -3.323  4.335   1.00 21.29 ? 145  THR A CB  1 
ATOM   582 O OG1 . THR A 1 91 ? -6.320  -4.731  4.125   1.00 22.55 ? 145  THR A OG1 1 
ATOM   583 C CG2 . THR A 1 91 ? -7.201  -2.548  4.896   1.00 22.33 ? 145  THR A CG2 1 
ATOM   584 N N   . VAL A 1 92 ? -5.905  -0.430  2.549   1.00 20.38 ? 146  VAL A N   1 
ATOM   585 C CA  . VAL A 1 92 ? -5.653  1.018   2.568   1.00 19.97 ? 146  VAL A CA  1 
ATOM   586 C C   . VAL A 1 92 ? -6.713  1.733   3.417   1.00 20.22 ? 146  VAL A C   1 
ATOM   587 O O   . VAL A 1 92 ? -7.933  1.499   3.210   1.00 22.70 ? 146  VAL A O   1 
ATOM   588 C CB  . VAL A 1 92 ? -5.651  1.567   1.172   1.00 20.72 ? 146  VAL A CB  1 
ATOM   589 C CG1 . VAL A 1 92 ? -5.302  3.079   1.255   1.00 21.92 ? 146  VAL A CG1 1 
ATOM   590 C CG2 . VAL A 1 92 ? -4.613  0.889   0.292   1.00 19.27 ? 146  VAL A CG2 1 
ATOM   591 N N   . MET A 1 93 ? -6.255  2.582   4.344   1.00 23.77 ? 147  MET A N   1 
ATOM   592 C CA  . MET A 1 93 ? -7.154  3.424   5.111   1.00 25.61 ? 147  MET A CA  1 
ATOM   593 C C   . MET A 1 93 ? -6.681  4.852   4.925   1.00 26.35 ? 147  MET A C   1 
ATOM   594 O O   . MET A 1 93 ? -5.473  5.156   4.969   1.00 26.77 ? 147  MET A O   1 
ATOM   595 C CB  . MET A 1 93 ? -7.122  3.125   6.611   1.00 29.06 ? 147  MET A CB  1 
ATOM   596 C CG  . MET A 1 93 ? -7.187  1.697   6.971   1.00 33.68 ? 147  MET A CG  1 
ATOM   597 S SD  . MET A 1 93 ? -8.807  1.173   7.064   1.00 44.23 ? 147  MET A SD  1 
ATOM   598 C CE  . MET A 1 93 ? -9.363  1.992   8.552   1.00 39.99 ? 147  MET A CE  1 
ATOM   599 N N   . ILE A 1 94 ? -7.642  5.773   4.851   1.00 26.53 ? 148  ILE A N   1 
ATOM   600 C CA  . ILE A 1 94 ? -7.260  7.179   4.671   1.00 26.95 ? 148  ILE A CA  1 
ATOM   601 C C   . ILE A 1 94 ? -8.082  8.043   5.623   1.00 28.31 ? 148  ILE A C   1 
ATOM   602 O O   . ILE A 1 94 ? -9.282  7.876   5.725   1.00 28.34 ? 148  ILE A O   1 
ATOM   603 C CB  . ILE A 1 94 ? -7.392  7.641   3.222   1.00 27.10 ? 148  ILE A CB  1 
ATOM   604 C CG1 . ILE A 1 94 ? -6.599  6.716   2.266   1.00 27.62 ? 148  ILE A CG1 1 
ATOM   605 C CG2 . ILE A 1 94 ? -6.798  9.093   3.063   1.00 29.61 ? 148  ILE A CG2 1 
ATOM   606 C CD1 . ILE A 1 94 ? -6.789  7.048   0.756   1.00 28.29 ? 148  ILE A CD1 1 
ATOM   607 N N   . LYS A 1 95 ? -7.391  8.866   6.396   1.00 31.14 ? 149  LYS A N   1 
ATOM   608 C CA  . LYS A 1 95 ? -8.013  9.633   7.487   1.00 33.75 ? 149  LYS A CA  1 
ATOM   609 C C   . LYS A 1 95 ? -7.366  10.971  7.521   1.00 36.62 ? 149  LYS A C   1 
ATOM   610 O O   . LYS A 1 95 ? -6.190  11.087  7.271   1.00 35.00 ? 149  LYS A O   1 
ATOM   611 C CB  . LYS A 1 95 ? -7.746  8.871   8.816   1.00 36.76 ? 149  LYS A CB  1 
ATOM   612 C CG  . LYS A 1 95 ? -7.416  9.698   10.043  1.00 41.78 ? 149  LYS A CG  1 
ATOM   613 N N   . PRO A 1 96 ? -8.134  12.029  7.827   1.00 39.94 ? 150  PRO A N   1 
ATOM   614 C CA  . PRO A 1 96 ? -7.558  13.350  7.807   1.00 44.35 ? 150  PRO A CA  1 
ATOM   615 C C   . PRO A 1 96 ? -6.541  13.578  8.938   1.00 49.04 ? 150  PRO A C   1 
ATOM   616 O O   . PRO A 1 96 ? -6.535  12.844  9.936   1.00 49.61 ? 150  PRO A O   1 
ATOM   617 C CB  . PRO A 1 96 ? -8.780  14.284  7.974   1.00 45.21 ? 150  PRO A CB  1 
ATOM   618 C CG  . PRO A 1 96 ? -9.871  13.404  8.592   1.00 43.53 ? 150  PRO A CG  1 
ATOM   619 C CD  . PRO A 1 96 ? -9.562  12.003  8.161   1.00 42.56 ? 150  PRO A CD  1 
ATOM   620 N N   . ASN A 1 97 ? -5.697  14.592  8.738   1.00 53.47 ? 151  ASN A N   1 
ATOM   621 C CA  . ASN A 1 97 ? -4.742  15.050  9.753   1.00 59.15 ? 151  ASN A CA  1 
ATOM   622 C C   . ASN A 1 97 ? -5.196  16.283  10.506  1.00 61.79 ? 151  ASN A C   1 
ATOM   623 O O   . ASN A 1 97 ? -5.359  16.201  11.711  1.00 65.18 ? 151  ASN A O   1 
ATOM   624 C CB  . ASN A 1 97 ? -3.361  15.301  9.138   1.00 62.24 ? 151  ASN A CB  1 
ATOM   625 C CG  . ASN A 1 97 ? -2.507  14.071  9.177   1.00 62.13 ? 151  ASN A CG  1 
ATOM   626 O OD1 . ASN A 1 97 ? -1.443  14.055  9.799   1.00 69.41 ? 151  ASN A OD1 1 
ATOM   627 N ND2 . ASN A 1 97 ? -3.005  13.013  8.593   1.00 62.83 ? 151  ASN A ND2 1 
HETATM 628 S S   . SO4 B 2 .  ? 5.150   6.214   9.939   1.00 57.35 ? 1152 SO4 A S   1 
HETATM 629 O O1  . SO4 B 2 .  ? 4.999   5.563   11.251  1.00 55.50 ? 1152 SO4 A O1  1 
HETATM 630 O O2  . SO4 B 2 .  ? 6.613   6.327   9.779   1.00 52.42 ? 1152 SO4 A O2  1 
HETATM 631 O O3  . SO4 B 2 .  ? 4.505   5.478   8.921   1.00 38.04 ? 1152 SO4 A O3  1 
HETATM 632 O O4  . SO4 B 2 .  ? 4.488   7.573   9.953   1.00 52.15 ? 1152 SO4 A O4  1 
HETATM 633 S S   . SO4 C 2 .  ? -17.648 3.036   4.871   1.00 86.65 ? 1153 SO4 A S   1 
HETATM 634 O O1  . SO4 C 2 .  ? -17.644 2.273   3.605   1.00 83.20 ? 1153 SO4 A O1  1 
HETATM 635 O O2  . SO4 C 2 .  ? -16.858 4.284   4.813   1.00 87.18 ? 1153 SO4 A O2  1 
HETATM 636 O O3  . SO4 C 2 .  ? -19.026 3.436   5.183   1.00 86.69 ? 1153 SO4 A O3  1 
HETATM 637 O O4  . SO4 C 2 .  ? -17.113 2.194   5.957   1.00 86.09 ? 1153 SO4 A O4  1 
HETATM 638 S S   . SO4 D 2 .  ? 0.233   -2.865  14.623  1.00 77.29 ? 1154 SO4 A S   1 
HETATM 639 O O1  . SO4 D 2 .  ? 0.052   -2.434  13.238  1.00 76.94 ? 1154 SO4 A O1  1 
HETATM 640 O O2  . SO4 D 2 .  ? 1.196   -1.997  15.295  1.00 78.53 ? 1154 SO4 A O2  1 
HETATM 641 O O3  . SO4 D 2 .  ? -1.068  -2.767  15.310  1.00 76.21 ? 1154 SO4 A O3  1 
HETATM 642 O O4  . SO4 D 2 .  ? 0.756   -4.236  14.637  1.00 77.76 ? 1154 SO4 A O4  1 
HETATM 643 O O   . HOH E 3 .  ? 5.092   -10.408 -6.323  1.00 33.77 ? 2001 HOH A O   1 
HETATM 644 O O   . HOH E 3 .  ? 2.543   -10.838 -5.718  1.00 39.97 ? 2002 HOH A O   1 
HETATM 645 O O   . HOH E 3 .  ? -2.113  -8.796  -5.964  1.00 35.72 ? 2003 HOH A O   1 
HETATM 646 O O   . HOH E 3 .  ? -6.221  -7.594  -7.555  1.00 41.03 ? 2004 HOH A O   1 
HETATM 647 O O   . HOH E 3 .  ? -11.548 7.663   3.508   1.00 45.81 ? 2005 HOH A O   1 
HETATM 648 O O   . HOH E 3 .  ? -10.289 2.531   4.065   1.00 45.57 ? 2006 HOH A O   1 
HETATM 649 O O   . HOH E 3 .  ? -15.281 -2.544  3.007   1.00 33.15 ? 2007 HOH A O   1 
HETATM 650 O O   . HOH E 3 .  ? -10.432 4.801   5.265   1.00 28.97 ? 2008 HOH A O   1 
HETATM 651 O O   . HOH E 3 .  ? -17.143 3.209   -2.353  1.00 32.55 ? 2009 HOH A O   1 
HETATM 652 O O   . HOH E 3 .  ? -11.785 5.966   -4.665  1.00 43.30 ? 2010 HOH A O   1 
HETATM 653 O O   . HOH E 3 .  ? -10.948 0.637   -8.111  1.00 37.36 ? 2011 HOH A O   1 
HETATM 654 O O   . HOH E 3 .  ? -7.756  -5.079  -8.207  1.00 38.76 ? 2012 HOH A O   1 
HETATM 655 O O   . HOH E 3 .  ? -1.944  1.201   -9.751  1.00 37.25 ? 2013 HOH A O   1 
HETATM 656 O O   . HOH E 3 .  ? 0.258   0.526   -12.136 1.00 51.02 ? 2014 HOH A O   1 
HETATM 657 O O   . HOH E 3 .  ? 2.700   -2.425  -12.631 1.00 38.69 ? 2015 HOH A O   1 
HETATM 658 O O   . HOH E 3 .  ? 11.666  6.161   0.072   1.00 42.99 ? 2016 HOH A O   1 
HETATM 659 O O   . HOH E 3 .  ? 5.943   5.248   -6.073  1.00 39.06 ? 2017 HOH A O   1 
HETATM 660 O O   . HOH E 3 .  ? 1.222   8.162   6.618   1.00 29.04 ? 2018 HOH A O   1 
HETATM 661 O O   . HOH E 3 .  ? 0.865   3.169   7.132   1.00 21.07 ? 2019 HOH A O   1 
HETATM 662 O O   . HOH E 3 .  ? 3.816   5.674   -9.253  1.00 41.59 ? 2020 HOH A O   1 
HETATM 663 O O   . HOH E 3 .  ? -3.383  9.406   -12.878 1.00 56.11 ? 2021 HOH A O   1 
HETATM 664 O O   . HOH E 3 .  ? -4.007  2.076   -11.279 1.00 39.64 ? 2022 HOH A O   1 
HETATM 665 O O   . HOH E 3 .  ? 0.700   4.637   9.616   1.00 31.66 ? 2023 HOH A O   1 
HETATM 666 O O   . HOH E 3 .  ? -8.230  11.461  -3.837  1.00 44.83 ? 2024 HOH A O   1 
HETATM 667 O O   . HOH E 3 .  ? -9.786  9.741   -4.917  1.00 36.55 ? 2025 HOH A O   1 
HETATM 668 O O   . HOH E 3 .  ? -5.575  -0.870  -11.765 1.00 39.20 ? 2026 HOH A O   1 
HETATM 669 O O   . HOH E 3 .  ? -0.654  7.129   8.596   1.00 35.91 ? 2027 HOH A O   1 
HETATM 670 O O   . HOH E 3 .  ? 10.637  -9.220  -2.461  1.00 44.01 ? 2028 HOH A O   1 
HETATM 671 O O   . HOH E 3 .  ? -4.429  -6.735  3.708   1.00 24.20 ? 2029 HOH A O   1 
HETATM 672 O O   . HOH E 3 .  ? 2.055   -7.814  8.217   1.00 37.67 ? 2030 HOH A O   1 
HETATM 673 O O   . HOH E 3 .  ? -4.552  -8.933  5.483   1.00 23.38 ? 2031 HOH A O   1 
HETATM 674 O O   . HOH E 3 .  ? -5.437  -5.712  7.197   1.00 30.57 ? 2032 HOH A O   1 
HETATM 675 O O   . HOH E 3 .  ? -3.364  -2.680  13.437  1.00 34.47 ? 2033 HOH A O   1 
HETATM 676 O O   . HOH E 3 .  ? 6.177   -1.429  9.462   1.00 31.93 ? 2034 HOH A O   1 
HETATM 677 O O   . HOH E 3 .  ? 3.171   -2.249  12.859  1.00 41.01 ? 2035 HOH A O   1 
HETATM 678 O O   . HOH E 3 .  ? 4.736   -3.807  10.020  1.00 40.40 ? 2036 HOH A O   1 
HETATM 679 O O   . HOH E 3 .  ? 2.150   0.434   14.633  1.00 41.91 ? 2037 HOH A O   1 
HETATM 680 O O   . HOH E 3 .  ? 3.766   9.076   7.129   1.00 34.98 ? 2038 HOH A O   1 
HETATM 681 O O   . HOH E 3 .  ? 13.410  3.490   4.987   1.00 28.47 ? 2039 HOH A O   1 
HETATM 682 O O   . HOH E 3 .  ? 12.910  -0.390  7.177   1.00 39.31 ? 2040 HOH A O   1 
HETATM 683 O O   . HOH E 3 .  ? 8.520   -9.218  -0.506  1.00 37.61 ? 2041 HOH A O   1 
HETATM 684 O O   . HOH E 3 .  ? 5.033   -8.471  6.029   1.00 46.59 ? 2042 HOH A O   1 
HETATM 685 O O   . HOH E 3 .  ? 0.056   -18.940 -1.177  1.00 35.02 ? 2043 HOH A O   1 
HETATM 686 O O   . HOH E 3 .  ? 0.203   -18.451 1.758   0.50 39.08 ? 2044 HOH A O   1 
HETATM 687 O O   . HOH E 3 .  ? -3.915  -10.865 -3.117  1.00 30.25 ? 2045 HOH A O   1 
HETATM 688 O O   . HOH E 3 .  ? -7.362  -8.825  -3.577  1.00 33.84 ? 2046 HOH A O   1 
# 
loop_
_atom_site_anisotrop.id 
_atom_site_anisotrop.type_symbol 
_atom_site_anisotrop.pdbx_label_atom_id 
_atom_site_anisotrop.pdbx_label_alt_id 
_atom_site_anisotrop.pdbx_label_comp_id 
_atom_site_anisotrop.pdbx_label_asym_id 
_atom_site_anisotrop.pdbx_label_seq_id 
_atom_site_anisotrop.pdbx_PDB_ins_code 
_atom_site_anisotrop.U[1][1] 
_atom_site_anisotrop.U[2][2] 
_atom_site_anisotrop.U[3][3] 
_atom_site_anisotrop.U[1][2] 
_atom_site_anisotrop.U[1][3] 
_atom_site_anisotrop.U[2][3] 
_atom_site_anisotrop.pdbx_auth_seq_id 
_atom_site_anisotrop.pdbx_auth_comp_id 
_atom_site_anisotrop.pdbx_auth_asym_id 
_atom_site_anisotrop.pdbx_auth_atom_id 
1   N N   . ALA A 18 ? 0.4186 0.4901 0.4174 0.0751  0.0703  -0.1308 72   ALA A N   
2   C CA  . ALA A 18 ? 0.4116 0.5136 0.4357 0.0655  0.0636  -0.1286 72   ALA A CA  
3   C C   . ALA A 18 ? 0.4161 0.5013 0.4130 0.0494  0.0578  -0.1217 72   ALA A C   
4   O O   . ALA A 18 ? 0.4317 0.5284 0.4600 0.0393  0.0682  -0.1179 72   ALA A O   
5   C CB  . ALA A 18 ? 0.4069 0.5278 0.4666 0.0635  0.0877  -0.1302 72   ALA A CB  
6   N N   . ALA A 19 ? 0.4137 0.4734 0.3697 0.0473  0.0496  -0.1198 73   ALA A N   
7   C CA  . ALA A 19 ? 0.3960 0.4499 0.3363 0.0358  0.0423  -0.1104 73   ALA A CA  
8   C C   . ALA A 19 ? 0.3614 0.4033 0.2978 0.0360  0.0257  -0.1109 73   ALA A C   
9   O O   . ALA A 19 ? 0.3943 0.4212 0.3276 0.0454  0.0266  -0.1114 73   ALA A O   
10  C CB  . ALA A 19 ? 0.4174 0.4729 0.3208 0.0350  0.0447  -0.1107 73   ALA A CB  
11  N N   . VAL A 20 ? 0.3481 0.3961 0.2934 0.0286  0.0194  -0.1082 74   VAL A N   
12  C CA  . VAL A 20 ? 0.3287 0.3697 0.2620 0.0301  0.0098  -0.1042 74   VAL A CA  
13  C C   . VAL A 20 ? 0.3165 0.3423 0.2432 0.0179  0.0105  -0.0966 74   VAL A C   
14  O O   . VAL A 20 ? 0.3185 0.3506 0.2660 0.0116  0.0163  -0.0926 74   VAL A O   
15  C CB  . VAL A 20 ? 0.3179 0.3961 0.2675 0.0345  0.0021  -0.1175 74   VAL A CB  
16  C CG1 . VAL A 20 ? 0.3541 0.4336 0.2805 0.0426  -0.0018 -0.1076 74   VAL A CG1 
17  C CG2 . VAL A 20 ? 0.3323 0.4513 0.2940 0.0510  -0.0038 -0.1258 74   VAL A CG2 
18  N N   . HIS A 21 ? 0.3145 0.3256 0.2278 0.0157  0.0081  -0.0965 75   HIS A N   
19  C CA  . HIS A 21 ? 0.3007 0.3186 0.2123 0.0076  0.0030  -0.0930 75   HIS A CA  
20  C C   . HIS A 21 ? 0.2941 0.2991 0.2185 0.0046  0.0028  -0.0862 75   HIS A C   
21  O O   . HIS A 21 ? 0.3164 0.3037 0.2461 0.0085  0.0090  -0.0851 75   HIS A O   
22  C CB  . HIS A 21 ? 0.3236 0.3511 0.2313 0.0028  -0.0016 -0.1159 75   HIS A CB  
23  C CG  . HIS A 21 ? 0.2819 0.3449 0.1913 -0.0021 -0.0142 -0.1193 75   HIS A CG  
24  N ND1 . HIS A 21 ? 0.4064 0.5206 0.2927 0.0095  -0.0200 -0.1044 75   HIS A ND1 
25  C CD2 . HIS A 21 ? 0.3393 0.4038 0.2770 -0.0119 -0.0198 -0.1276 75   HIS A CD2 
26  C CE1 . HIS A 21 ? 0.4083 0.5646 0.3040 0.0092  -0.0347 -0.1062 75   HIS A CE1 
27  N NE2 . HIS A 21 ? 0.3577 0.4820 0.2893 -0.0074 -0.0356 -0.1252 75   HIS A NE2 
28  N N   . LEU A 22 ? 0.2939 0.3072 0.2302 0.0021  0.0037  -0.0758 76   LEU A N   
29  C CA  . LEU A 22 ? 0.2685 0.2739 0.2178 0.0003  0.0078  -0.0716 76   LEU A CA  
30  C C   . LEU A 22 ? 0.2659 0.2831 0.2366 -0.0040 0.0054  -0.0606 76   LEU A C   
31  O O   . LEU A 22 ? 0.2767 0.3162 0.2538 0.0008  0.0037  -0.0464 76   LEU A O   
32  C CB  . LEU A 22 ? 0.2744 0.2867 0.2337 0.0030  0.0159  -0.0801 76   LEU A CB  
33  C CG  . LEU A 22 ? 0.2638 0.2938 0.2089 0.0113  0.0125  -0.0965 76   LEU A CG  
34  C CD1 . LEU A 22 ? 0.2736 0.3325 0.2491 0.0077  0.0179  -0.1285 76   LEU A CD1 
35  C CD2 . LEU A 22 ? 0.2951 0.3298 0.2118 0.0277  0.0128  -0.0842 76   LEU A CD2 
36  N N   . THR A 23 ? 0.2750 0.2846 0.2614 -0.0080 0.0092  -0.0603 77   THR A N   
37  C CA  . THR A 23 ? 0.2558 0.2805 0.2747 -0.0098 0.0101  -0.0498 77   THR A CA  
38  C C   . THR A 23 ? 0.2579 0.2685 0.2878 -0.0058 0.0290  -0.0464 77   THR A C   
39  O O   . THR A 23 ? 0.2658 0.2669 0.2759 -0.0019 0.0388  -0.0547 77   THR A O   
40  C CB  . THR A 23 ? 0.2729 0.3029 0.3217 -0.0197 0.0082  -0.0597 77   THR A CB  
41  O OG1 . THR A 23 ? 0.2809 0.3340 0.3292 -0.0264 -0.0081 -0.0835 77   THR A OG1 
42  C CG2 . THR A 23 ? 0.2771 0.3323 0.3710 -0.0201 0.0093  -0.0483 77   THR A CG2 
43  N N   . LEU A 24 ? 0.1908 0.3110 0.2590 0.0007  0.0059  -0.0355 78   LEU A N   
44  C CA  . LEU A 24 ? 0.2026 0.2961 0.2603 -0.0020 0.0131  -0.0247 78   LEU A CA  
45  C C   . LEU A 24 ? 0.2272 0.3035 0.2930 0.0036  0.0146  -0.0141 78   LEU A C   
46  O O   . LEU A 24 ? 0.2442 0.3259 0.3098 0.0036  0.0119  -0.0084 78   LEU A O   
47  C CB  . LEU A 24 ? 0.2086 0.3040 0.2565 -0.0135 0.0185  -0.0200 78   LEU A CB  
48  C CG  . LEU A 24 ? 0.2068 0.3275 0.2563 -0.0211 0.0193  -0.0306 78   LEU A CG  
49  C CD1 . LEU A 24 ? 0.2192 0.3387 0.2708 -0.0341 0.0309  -0.0210 78   LEU A CD1 
50  C CD2 . LEU A 24 ? 0.2028 0.3268 0.2572 -0.0176 0.0140  -0.0467 78   LEU A CD2 
51  N N   . LYS A 25 ? 0.2083 0.2672 0.2815 0.0108  0.0196  -0.0111 79   LYS A N   
52  C CA  . LYS A 25 ? 0.2163 0.2616 0.3076 0.0166  0.0238  -0.0032 79   LYS A CA  
53  C C   . LYS A 25 ? 0.2251 0.2472 0.3042 0.0197  0.0344  0.0049  79   LYS A C   
54  O O   . LYS A 25 ? 0.2417 0.2582 0.3087 0.0264  0.0409  0.0053  79   LYS A O   
55  C CB  . LYS A 25 ? 0.2304 0.2786 0.3528 0.0237  0.0256  -0.0062 79   LYS A CB  
56  C CG  . LYS A 25 ? 0.3134 0.3493 0.4682 0.0289  0.0340  0.0007  79   LYS A CG  
57  C CD  . LYS A 25 ? 0.4227 0.4747 0.6067 0.0284  0.0219  -0.0098 79   LYS A CD  
58  C CE  . LYS A 25 ? 0.4522 0.5019 0.6981 0.0332  0.0284  -0.0135 79   LYS A CE  
59  N NZ  . LYS A 25 ? 0.4630 0.5223 0.7449 0.0339  0.0265  -0.0255 79   LYS A NZ  
60  N N   . LYS A 26 ? 0.2665 0.2787 0.3484 0.0178  0.0351  0.0104  80   LYS A N   
61  C CA  . LYS A 26 ? 0.2858 0.2782 0.3637 0.0217  0.0444  0.0137  80   LYS A CA  
62  C C   . LYS A 26 ? 0.2809 0.2683 0.3829 0.0304  0.0531  0.0196  80   LYS A C   
63  O O   . LYS A 26 ? 0.2831 0.2774 0.4127 0.0308  0.0477  0.0206  80   LYS A O   
64  C CB  . LYS A 26 ? 0.3080 0.2894 0.3852 0.0160  0.0425  0.0169  80   LYS A CB  
65  C CG  . LYS A 26 ? 0.3321 0.2940 0.4106 0.0212  0.0515  0.0136  80   LYS A CG  
66  C CD  . LYS A 26 ? 0.3535 0.3014 0.4361 0.0137  0.0504  0.0117  80   LYS A CD  
67  C CE  . LYS A 26 ? 0.3903 0.3199 0.4820 0.0205  0.0580  0.0012  80   LYS A CE  
68  N NZ  . LYS A 26 ? 0.3844 0.3049 0.4948 0.0283  0.0613  0.0118  80   LYS A NZ  
69  N N   . ILE A 27 ? 0.3085 0.2870 0.4015 0.0393  0.0670  0.0223  81   ILE A N   
70  C CA  . ILE A 27 ? 0.3369 0.3119 0.4555 0.0480  0.0824  0.0316  81   ILE A CA  
71  C C   . ILE A 27 ? 0.3741 0.3384 0.5018 0.0541  0.0947  0.0339  81   ILE A C   
72  O O   . ILE A 27 ? 0.4036 0.3670 0.5636 0.0599  0.1101  0.0420  81   ILE A O   
73  C CB  . ILE A 27 ? 0.3666 0.3429 0.4699 0.0586  0.0954  0.0406  81   ILE A CB  
74  C CG1 . ILE A 27 ? 0.4043 0.3798 0.4605 0.0681  0.0983  0.0354  81   ILE A CG1 
75  C CG2 . ILE A 27 ? 0.3089 0.2958 0.4176 0.0541  0.0839  0.0380  81   ILE A CG2 
76  C CD1 . ILE A 27 ? 0.4403 0.4173 0.4761 0.0881  0.1179  0.0510  81   ILE A CD1 
77  N N   . GLN A 28 ? 0.3721 0.3287 0.4802 0.0530  0.0901  0.0257  82   GLN A N   
78  C CA  . GLN A 28 ? 0.3992 0.3461 0.5232 0.0588  0.0992  0.0243  82   GLN A CA  
79  C C   . GLN A 28 ? 0.3915 0.3323 0.5351 0.0514  0.0837  0.0234  82   GLN A C   
80  O O   . GLN A 28 ? 0.3761 0.3168 0.5054 0.0427  0.0704  0.0226  82   GLN A O   
81  C CB  . GLN A 28 ? 0.4331 0.3755 0.5256 0.0668  0.1056  0.0120  82   GLN A CB  
82  C CG  . GLN A 28 ? 0.4892 0.4425 0.5496 0.0811  0.1198  0.0154  82   GLN A CG  
83  C CD  . GLN A 28 ? 0.6414 0.5983 0.6725 0.0957  0.1264  -0.0023 82   GLN A CD  
84  O OE1 . GLN A 28 ? 0.6783 0.6397 0.7044 0.1116  0.1471  0.0017  82   GLN A OE1 
85  N NE2 . GLN A 28 ? 0.6842 0.6414 0.7019 0.0904  0.1093  -0.0250 82   GLN A NE2 
86  N N   . ALA A 29 ? 0.3843 0.3214 0.5601 0.0568  0.0865  0.0254  83   ALA A N   
87  C CA  . ALA A 29 ? 0.3947 0.3275 0.5866 0.0553  0.0706  0.0292  83   ALA A CA  
88  C C   . ALA A 29 ? 0.4177 0.3313 0.5937 0.0520  0.0685  0.0268  83   ALA A C   
89  O O   . ALA A 29 ? 0.4509 0.3541 0.6242 0.0564  0.0798  0.0151  83   ALA A O   
90  C CB  . ALA A 29 ? 0.3966 0.3314 0.6319 0.0650  0.0726  0.0294  83   ALA A CB  
91  N N   . PRO A 30 ? 0.3941 0.3042 0.5641 0.0459  0.0562  0.0367  84   PRO A N   
92  C CA  . PRO A 30 ? 0.3887 0.3168 0.5558 0.0456  0.0420  0.0484  84   PRO A CA  
93  C C   . PRO A 30 ? 0.3518 0.2970 0.4970 0.0376  0.0403  0.0436  84   PRO A C   
94  O O   . PRO A 30 ? 0.3404 0.2804 0.4655 0.0287  0.0439  0.0404  84   PRO A O   
95  C CB  . PRO A 30 ? 0.4160 0.3312 0.5775 0.0444  0.0366  0.0651  84   PRO A CB  
96  C CG  . PRO A 30 ? 0.4459 0.3322 0.6169 0.0397  0.0478  0.0584  84   PRO A CG  
97  C CD  . PRO A 30 ? 0.4346 0.3218 0.6071 0.0419  0.0577  0.0366  84   PRO A CD  
98  N N   . LYS A 31 ? 0.3280 0.2949 0.4857 0.0412  0.0341  0.0397  85   LYS A N   
99  C CA  . LYS A 31 ? 0.3248 0.3084 0.4712 0.0357  0.0322  0.0330  85   LYS A CA  
100 C C   . LYS A 31 ? 0.3200 0.3212 0.4485 0.0336  0.0185  0.0368  85   LYS A C   
101 O O   . LYS A 31 ? 0.3309 0.3342 0.4572 0.0400  0.0105  0.0477  85   LYS A O   
102 C CB  . LYS A 31 ? 0.3230 0.3203 0.5042 0.0404  0.0333  0.0245  85   LYS A CB  
103 C CG  . LYS A 31 ? 0.3645 0.3474 0.5653 0.0445  0.0533  0.0260  85   LYS A CG  
104 C CD  . LYS A 31 ? 0.4596 0.4538 0.7069 0.0469  0.0606  0.0217  85   LYS A CD  
105 C CE  . LYS A 31 ? 0.5486 0.5331 0.8277 0.0535  0.0821  0.0268  85   LYS A CE  
106 N NZ  . LYS A 31 ? 0.5779 0.5643 0.8987 0.0549  0.1035  0.0318  85   LYS A NZ  
107 N N   . PHE A 32 ? 0.3017 0.3168 0.4165 0.0274  0.0173  0.0296  86   PHE A N   
108 C CA  . PHE A 32 ? 0.2998 0.3419 0.3986 0.0272  0.0062  0.0283  86   PHE A CA  
109 C C   . PHE A 32 ? 0.2961 0.3538 0.3978 0.0232  0.0052  0.0129  86   PHE A C   
110 O O   . PHE A 32 ? 0.2649 0.3084 0.3713 0.0200  0.0145  0.0099  86   PHE A O   
111 C CB  . PHE A 32 ? 0.3161 0.3514 0.3876 0.0212  0.0113  0.0449  86   PHE A CB  
112 C CG  . PHE A 32 ? 0.3086 0.3267 0.3736 0.0082  0.0232  0.0421  86   PHE A CG  
113 C CD1 . PHE A 32 ? 0.2940 0.3285 0.3506 0.0016  0.0231  0.0306  86   PHE A CD1 
114 C CD2 . PHE A 32 ? 0.3443 0.3346 0.4158 0.0045  0.0317  0.0476  86   PHE A CD2 
115 C CE1 . PHE A 32 ? 0.3508 0.3761 0.4050 -0.0076 0.0301  0.0232  86   PHE A CE1 
116 C CE2 . PHE A 32 ? 0.3469 0.3283 0.4181 -0.0054 0.0387  0.0369  86   PHE A CE2 
117 C CZ  . PHE A 32 ? 0.3404 0.3406 0.4022 -0.0108 0.0369  0.0246  86   PHE A CZ  
118 N N   . SER A 33 ? 0.2871 0.3759 0.3857 0.0266  -0.0064 0.0030  87   SER A N   
119 C CA  . SER A 33 ? 0.2781 0.3850 0.3782 0.0232  -0.0084 -0.0127 87   SER A CA  
120 C C   . SER A 33 ? 0.3077 0.4462 0.3815 0.0243  -0.0142 -0.0153 87   SER A C   
121 O O   . SER A 33 ? 0.3161 0.4835 0.3890 0.0356  -0.0271 -0.0236 87   SER A O   
122 C CB  . SER A 33 ? 0.2810 0.4001 0.4244 0.0297  -0.0164 -0.0325 87   SER A CB  
123 O OG  . SER A 33 ? 0.2888 0.4192 0.4420 0.0273  -0.0170 -0.0469 87   SER A OG  
124 N N   . ILE A 34 ? 0.2907 0.4283 0.3439 0.0145  -0.0049 -0.0100 88   ILE A N   
125 C CA  . ILE A 34 ? 0.3070 0.4735 0.3360 0.0145  -0.0032 -0.0074 88   ILE A CA  
126 C C   . ILE A 34 ? 0.2829 0.4657 0.3188 0.0085  -0.0021 -0.0265 88   ILE A C   
127 O O   . ILE A 34 ? 0.2621 0.4267 0.3149 0.0044  -0.0012 -0.0336 88   ILE A O   
128 C CB  . ILE A 34 ? 0.3180 0.4674 0.3273 0.0068  0.0120  0.0210  88   ILE A CB  
129 C CG1 . ILE A 34 ? 0.3316 0.4525 0.3529 -0.0083 0.0230  0.0210  88   ILE A CG1 
130 C CG2 . ILE A 34 ? 0.3853 0.5182 0.3912 0.0159  0.0095  0.0402  88   ILE A CG2 
131 C CD1 . ILE A 34 ? 0.3688 0.4760 0.3878 -0.0190 0.0393  0.0416  88   ILE A CD1 
132 N N   . GLU A 35 ? 0.2757 0.4949 0.2974 0.0109  -0.0017 -0.0336 89   GLU A N   
133 C CA  . GLU A 35 ? 0.2749 0.5134 0.3068 0.0071  -0.0013 -0.0539 89   GLU A CA  
134 C C   . GLU A 35 ? 0.2773 0.5344 0.2903 -0.0009 0.0142  -0.0434 89   GLU A C   
135 O O   . GLU A 35 ? 0.3004 0.5693 0.2883 0.0025  0.0228  -0.0235 89   GLU A O   
136 C CB  . GLU A 35 ? 0.2928 0.5664 0.3400 0.0195  -0.0159 -0.0837 89   GLU A CB  
137 C CG  . GLU A 35 ? 0.3462 0.6086 0.4287 0.0273  -0.0298 -0.0988 89   GLU A CG  
138 C CD  . GLU A 35 ? 0.3748 0.6792 0.4778 0.0402  -0.0452 -0.1339 89   GLU A CD  
139 O OE1 . GLU A 35 ? 0.3405 0.6646 0.4596 0.0407  -0.0466 -0.1557 89   GLU A OE1 
140 O OE2 . GLU A 35 ? 0.4192 0.7412 0.5230 0.0517  -0.0572 -0.1422 89   GLU A OE2 
141 N N   . HIS A 36 ? 0.2563 0.5225 0.2354 -0.0444 -0.0056 -0.0558 90   HIS A N   
142 C CA  . HIS A 36 ? 0.2559 0.5355 0.2275 -0.0429 0.0009  -0.0492 90   HIS A CA  
143 C C   . HIS A 36 ? 0.2528 0.5165 0.2240 -0.0415 0.0048  -0.0739 90   HIS A C   
144 O O   . HIS A 36 ? 0.2585 0.4872 0.2378 -0.0393 0.0035  -0.0851 90   HIS A O   
145 C CB  . HIS A 36 ? 0.2510 0.5101 0.2339 -0.0397 0.0061  -0.0223 90   HIS A CB  
146 C CG  . HIS A 36 ? 0.2828 0.5587 0.2639 -0.0406 0.0140  -0.0084 90   HIS A CG  
147 N ND1 . HIS A 36 ? 0.3671 0.6827 0.3371 -0.0417 0.0158  0.0098  90   HIS A ND1 
148 C CD2 . HIS A 36 ? 0.3252 0.5857 0.3159 -0.0412 0.0209  -0.0083 90   HIS A CD2 
149 C CE1 . HIS A 36 ? 0.4108 0.7321 0.3845 -0.0435 0.0261  0.0221  90   HIS A CE1 
150 N NE2 . HIS A 36 ? 0.3583 0.6472 0.3469 -0.0440 0.0288  0.0099  90   HIS A NE2 
151 N N   . ASP A 37 ? 0.2848 0.5752 0.2482 -0.0414 0.0105  -0.0794 91   ASP A N   
152 C CA  . ASP A 37 ? 0.2853 0.5674 0.2538 -0.0378 0.0157  -0.0997 91   ASP A CA  
153 C C   . ASP A 37 ? 0.2802 0.5525 0.2616 -0.0363 0.0213  -0.0835 91   ASP A C   
154 O O   . ASP A 37 ? 0.2897 0.5869 0.2699 -0.0395 0.0278  -0.0656 91   ASP A O   
155 C CB  . ASP A 37 ? 0.3274 0.6488 0.2829 -0.0382 0.0210  -0.1175 91   ASP A CB  
156 C CG  . ASP A 37 ? 0.4203 0.7544 0.3636 -0.0414 0.0150  -0.1408 91   ASP A CG  
157 O OD1 . ASP A 37 ? 0.4853 0.7887 0.4377 -0.0416 0.0092  -0.1539 91   ASP A OD1 
158 O OD2 . ASP A 37 ? 0.5491 0.9264 0.4731 -0.0442 0.0167  -0.1467 91   ASP A OD2 
159 N N   . PHE A 38 ? 0.2636 0.5015 0.2576 -0.0319 0.0186  -0.0901 92   PHE A N   
160 C CA  . PHE A 38 ? 0.2698 0.4973 0.2790 -0.0315 0.0210  -0.0803 92   PHE A CA  
161 C C   . PHE A 38 ? 0.2684 0.5065 0.2883 -0.0265 0.0238  -0.0988 92   PHE A C   
162 O O   . PHE A 38 ? 0.2883 0.5297 0.3043 -0.0210 0.0235  -0.1194 92   PHE A O   
163 C CB  . PHE A 38 ? 0.2666 0.4529 0.2801 -0.0291 0.0143  -0.0762 92   PHE A CB  
164 C CG  . PHE A 38 ? 0.2614 0.4372 0.2709 -0.0324 0.0139  -0.0575 92   PHE A CG  
165 C CD1 . PHE A 38 ? 0.2612 0.4357 0.2805 -0.0364 0.0181  -0.0382 92   PHE A CD1 
166 C CD2 . PHE A 38 ? 0.2327 0.4005 0.2337 -0.0316 0.0103  -0.0591 92   PHE A CD2 
167 C CE1 . PHE A 38 ? 0.3091 0.4745 0.3291 -0.0372 0.0191  -0.0199 92   PHE A CE1 
168 C CE2 . PHE A 38 ? 0.2897 0.4532 0.2921 -0.0329 0.0106  -0.0409 92   PHE A CE2 
169 C CZ  . PHE A 38 ? 0.2668 0.4269 0.2784 -0.0342 0.0151  -0.0210 92   PHE A CZ  
170 N N   . SER A 39 ? 0.2840 0.5284 0.3214 -0.0282 0.0269  -0.0923 93   SER A N   
171 C CA  . SER A 39 ? 0.3031 0.5587 0.3584 -0.0222 0.0278  -0.1078 93   SER A CA  
172 C C   . SER A 39 ? 0.2855 0.5079 0.3478 -0.0142 0.0162  -0.1152 93   SER A C   
173 O O   . SER A 39 ? 0.2779 0.4741 0.3372 -0.0169 0.0098  -0.1048 93   SER A O   
174 C CB  . SER A 39 ? 0.3272 0.6097 0.4047 -0.0294 0.0359  -0.0975 93   SER A CB  
175 O OG  . SER A 39 ? 0.4248 0.7407 0.4932 -0.0360 0.0487  -0.0870 93   SER A OG  
176 N N   . PRO A 40 ? 0.2870 0.5113 0.3592 -0.0031 0.0137  -0.1323 94   PRO A N   
177 C CA  . PRO A 40 ? 0.3125 0.5079 0.3889 0.0066  0.0015  -0.1357 94   PRO A CA  
178 C C   . PRO A 40 ? 0.3060 0.5030 0.3971 0.0019  -0.0052 -0.1274 94   PRO A C   
179 O O   . PRO A 40 ? 0.3427 0.5136 0.4268 0.0056  -0.0159 -0.1252 94   PRO A O   
180 C CB  . PRO A 40 ? 0.3361 0.5443 0.4287 0.0205  0.0023  -0.1534 94   PRO A CB  
181 C CG  . PRO A 40 ? 0.3375 0.5608 0.4208 0.0185  0.0136  -0.1637 94   PRO A CG  
182 C CD  . PRO A 40 ? 0.3258 0.5755 0.4024 0.0035  0.0219  -0.1502 94   PRO A CD  
183 N N   . SER A 41 ? 0.3162 0.5454 0.4275 -0.0069 0.0018  -0.1241 95   SER A N   
184 C CA  . SER A 41 ? 0.3199 0.5530 0.4518 -0.0144 -0.0043 -0.1198 95   SER A CA  
185 C C   . SER A 41 ? 0.3097 0.5188 0.4313 -0.0266 -0.0041 -0.1055 95   SER A C   
186 O O   . SER A 41 ? 0.3046 0.5090 0.4415 -0.0340 -0.0103 -0.1053 95   SER A O   
187 C CB  . SER A 41 ? 0.3371 0.6148 0.5017 -0.0207 0.0053  -0.1214 95   SER A CB  
188 O OG  . SER A 41 ? 0.3857 0.6810 0.5447 -0.0311 0.0221  -0.1092 95   SER A OG  
189 N N   . ASP A 42 ? 0.2861 0.4820 0.3855 -0.0288 0.0026  -0.0954 96   ASP A N   
190 C CA  . ASP A 42 ? 0.2870 0.4596 0.3784 -0.0371 0.0044  -0.0809 96   ASP A CA  
191 C C   . ASP A 42 ? 0.2877 0.4249 0.3665 -0.0317 -0.0073 -0.0869 96   ASP A C   
192 O O   . ASP A 42 ? 0.2952 0.4243 0.3645 -0.0208 -0.0158 -0.0973 96   ASP A O   
193 C CB  . ASP A 42 ? 0.3002 0.4701 0.3711 -0.0371 0.0113  -0.0698 96   ASP A CB  
194 C CG  . ASP A 42 ? 0.3199 0.5241 0.3955 -0.0440 0.0238  -0.0577 96   ASP A CG  
195 O OD1 . ASP A 42 ? 0.2802 0.5051 0.3772 -0.0513 0.0303  -0.0533 96   ASP A OD1 
196 O OD2 . ASP A 42 ? 0.3356 0.5469 0.3924 -0.0424 0.0267  -0.0520 96   ASP A OD2 
197 N N   . THR A 43 ? 0.2826 0.3988 0.3621 -0.0386 -0.0068 -0.0799 97   THR A N   
198 C CA  . THR A 43 ? 0.2696 0.3536 0.3323 -0.0333 -0.0153 -0.0862 97   THR A CA  
199 C C   . THR A 43 ? 0.2438 0.3060 0.2873 -0.0309 -0.0087 -0.0754 97   THR A C   
200 O O   . THR A 43 ? 0.2559 0.3274 0.3031 -0.0348 0.0004  -0.0622 97   THR A O   
201 C CB  . THR A 43 ? 0.2556 0.3292 0.3328 -0.0422 -0.0198 -0.0923 97   THR A CB  
202 O OG1 . THR A 43 ? 0.2765 0.3461 0.3701 -0.0535 -0.0080 -0.0792 97   THR A OG1 
203 C CG2 . THR A 43 ? 0.2645 0.3635 0.3641 -0.0450 -0.0286 -0.1045 97   THR A CG2 
204 N N   . ILE A 44 ? 0.2603 0.2950 0.2843 -0.0247 -0.0130 -0.0800 98   ILE A N   
205 C CA  . ILE A 44 ? 0.2708 0.2853 0.2828 -0.0229 -0.0055 -0.0708 98   ILE A CA  
206 C C   . ILE A 44 ? 0.2724 0.2815 0.3010 -0.0305 0.0032  -0.0599 98   ILE A C   
207 O O   . ILE A 44 ? 0.2751 0.2842 0.3049 -0.0296 0.0108  -0.0463 98   ILE A O   
208 C CB  . ILE A 44 ? 0.2727 0.2609 0.2607 -0.0149 -0.0095 -0.0782 98   ILE A CB  
209 C CG1 . ILE A 44 ? 0.3225 0.3113 0.2950 -0.0060 -0.0140 -0.0806 98   ILE A CG1 
210 C CG2 . ILE A 44 ? 0.3085 0.2759 0.2906 -0.0141 0.0005  -0.0710 98   ILE A CG2 
211 C CD1 . ILE A 44 ? 0.3067 0.2958 0.2768 -0.0056 -0.0056 -0.0713 98   ILE A CD1 
212 N N   . LEU A 45 ? 0.2792 0.2863 0.3251 -0.0382 0.0019  -0.0651 99   LEU A N   
213 C CA  . LEU A 45 ? 0.2974 0.2976 0.3659 -0.0464 0.0115  -0.0530 99   LEU A CA  
214 C C   . LEU A 45 ? 0.2828 0.3072 0.3601 -0.0484 0.0196  -0.0314 99   LEU A C   
215 O O   . LEU A 45 ? 0.2835 0.3003 0.3678 -0.0477 0.0280  -0.0140 99   LEU A O   
216 C CB  . LEU A 45 ? 0.3110 0.3120 0.4035 -0.0580 0.0083  -0.0637 99   LEU A CB  
217 C CG  . LEU A 45 ? 0.3212 0.3117 0.4421 -0.0679 0.0201  -0.0493 99   LEU A CG  
218 C CD1 . LEU A 45 ? 0.3886 0.3423 0.5039 -0.0624 0.0256  -0.0498 99   LEU A CD1 
219 C CD2 . LEU A 45 ? 0.3470 0.3441 0.4976 -0.0825 0.0178  -0.0593 99   LEU A CD2 
220 N N   . GLN A 46 ? 0.2668 0.3213 0.3434 -0.0494 0.0171  -0.0331 100  GLN A N   
221 C CA  . GLN A 46 ? 0.2882 0.3714 0.3665 -0.0510 0.0243  -0.0155 100  GLN A CA  
222 C C   . GLN A 46 ? 0.2460 0.3304 0.3066 -0.0433 0.0247  -0.0071 100  GLN A C   
223 O O   . GLN A 46 ? 0.2822 0.3823 0.3453 -0.0440 0.0304  0.0130  100  GLN A O   
224 C CB  . GLN A 46 ? 0.2895 0.4058 0.3676 -0.0520 0.0225  -0.0244 100  GLN A CB  
225 C CG  . GLN A 46 ? 0.3608 0.4972 0.4623 -0.0621 0.0297  -0.0171 100  GLN A CG  
226 C CD  . GLN A 46 ? 0.3597 0.4871 0.4794 -0.0670 0.0235  -0.0331 100  GLN A CD  
227 O OE1 . GLN A 46 ? 0.3614 0.5032 0.4813 -0.0629 0.0157  -0.0505 100  GLN A OE1 
228 N NE2 . GLN A 46 ? 0.4216 0.5253 0.5591 -0.0753 0.0259  -0.0291 100  GLN A NE2 
229 N N   . ILE A 47 ? 0.2489 0.3195 0.2933 -0.0365 0.0186  -0.0203 101  ILE A N   
230 C CA  . ILE A 47 ? 0.2387 0.3100 0.2722 -0.0311 0.0193  -0.0138 101  ILE A CA  
231 C C   . ILE A 47 ? 0.2372 0.2915 0.2810 -0.0291 0.0255  0.0022  101  ILE A C   
232 O O   . ILE A 47 ? 0.2477 0.3178 0.2955 -0.0273 0.0281  0.0191  101  ILE A O   
233 C CB  . ILE A 47 ? 0.2283 0.2844 0.2464 -0.0256 0.0145  -0.0286 101  ILE A CB  
234 C CG1 . ILE A 47 ? 0.2647 0.3338 0.2770 -0.0252 0.0090  -0.0437 101  ILE A CG1 
235 C CG2 . ILE A 47 ? 0.2322 0.2936 0.2466 -0.0232 0.0161  -0.0221 101  ILE A CG2 
236 C CD1 . ILE A 47 ? 0.2766 0.3297 0.2761 -0.0197 0.0058  -0.0540 101  ILE A CD1 
237 N N   . LYS A 48 ? 0.2593 0.2831 0.3077 -0.0285 0.0274  -0.0042 102  LYS A N   
238 C CA  . LYS A 48 ? 0.2590 0.2614 0.3210 -0.0253 0.0354  0.0074  102  LYS A CA  
239 C C   . LYS A 48 ? 0.2854 0.3002 0.3678 -0.0288 0.0414  0.0308  102  LYS A C   
240 O O   . LYS A 48 ? 0.3074 0.3251 0.3986 -0.0226 0.0460  0.0501  102  LYS A O   
241 C CB  . LYS A 48 ? 0.2702 0.2383 0.3321 -0.0259 0.0359  -0.0103 102  LYS A CB  
242 C CG  . LYS A 48 ? 0.2891 0.2444 0.3261 -0.0193 0.0323  -0.0273 102  LYS A CG  
243 C CD  . LYS A 48 ? 0.3049 0.2310 0.3337 -0.0185 0.0320  -0.0461 102  LYS A CD  
244 C CE  . LYS A 48 ? 0.3025 0.2214 0.3022 -0.0108 0.0301  -0.0562 102  LYS A CE  
245 N NZ  . LYS A 48 ? 0.3253 0.2221 0.3078 -0.0094 0.0273  -0.0764 102  LYS A NZ  
246 N N   . GLN A 49 ? 0.2918 0.3160 0.3835 -0.0382 0.0418  0.0315  103  GLN A N   
247 C CA  . GLN A 49 ? 0.3084 0.3463 0.4181 -0.0428 0.0497  0.0577  103  GLN A CA  
248 C C   . GLN A 49 ? 0.2798 0.3540 0.3786 -0.0378 0.0489  0.0779  103  GLN A C   
249 O O   . GLN A 49 ? 0.3098 0.3890 0.4198 -0.0341 0.0547  0.1060  103  GLN A O   
250 C CB  . GLN A 49 ? 0.3184 0.3681 0.4390 -0.0549 0.0512  0.0528  103  GLN A CB  
251 C CG  . GLN A 49 ? 0.3915 0.4101 0.5306 -0.0629 0.0514  0.0354  103  GLN A CG  
252 C CD  . GLN A 49 ? 0.3894 0.4262 0.5426 -0.0753 0.0501  0.0252  103  GLN A CD  
253 O OE1 . GLN A 49 ? 0.4408 0.5113 0.5834 -0.0754 0.0470  0.0217  103  GLN A OE1 
254 N NE2 . GLN A 49 ? 0.4386 0.4536 0.6187 -0.0862 0.0529  0.0183  103  GLN A NE2 
255 N N   . HIS A 50 ? 0.2693 0.3691 0.3468 -0.0372 0.0412  0.0636  104  HIS A N   
256 C CA  . HIS A 50 ? 0.2601 0.3962 0.3242 -0.0333 0.0377  0.0750  104  HIS A CA  
257 C C   . HIS A 50 ? 0.2692 0.3998 0.3387 -0.0239 0.0363  0.0884  104  HIS A C   
258 O O   . HIS A 50 ? 0.2779 0.4347 0.3482 -0.0198 0.0353  0.1106  104  HIS A O   
259 C CB  . HIS A 50 ? 0.2545 0.4101 0.2981 -0.0346 0.0298  0.0502  104  HIS A CB  
260 C CG  . HIS A 50 ? 0.2199 0.4149 0.2501 -0.0330 0.0251  0.0562  104  HIS A CG  
261 N ND1 . HIS A 50 ? 0.3161 0.5473 0.3396 -0.0352 0.0281  0.0731  104  HIS A ND1 
262 C CD2 . HIS A 50 ? 0.2673 0.4735 0.2895 -0.0304 0.0175  0.0469  104  HIS A CD2 
263 C CE1 . HIS A 50 ? 0.3314 0.5959 0.3405 -0.0331 0.0207  0.0733  104  HIS A CE1 
264 N NE2 . HIS A 50 ? 0.2731 0.5229 0.2842 -0.0310 0.0138  0.0568  104  HIS A NE2 
265 N N   . LEU A 51 ? 0.2601 0.3601 0.3326 -0.0198 0.0360  0.0739  105  LEU A N   
266 C CA  . LEU A 51 ? 0.2733 0.3686 0.3557 -0.0103 0.0370  0.0841  105  LEU A CA  
267 C C   . LEU A 51 ? 0.2952 0.3793 0.4003 -0.0045 0.0450  0.1110  105  LEU A C   
268 O O   . LEU A 51 ? 0.3188 0.4212 0.4347 0.0044  0.0441  0.1327  105  LEU A O   
269 C CB  . LEU A 51 ? 0.2712 0.3359 0.3499 -0.0078 0.0386  0.0628  105  LEU A CB  
270 C CG  . LEU A 51 ? 0.2471 0.3222 0.3062 -0.0116 0.0315  0.0414  105  LEU A CG  
271 C CD1 . LEU A 51 ? 0.2921 0.3334 0.3437 -0.0090 0.0349  0.0239  105  LEU A CD1 
272 C CD2 . LEU A 51 ? 0.2589 0.3669 0.3203 -0.0102 0.0264  0.0482  105  LEU A CD2 
273 N N   . ILE A 52 ? 0.3105 0.3657 0.4265 -0.0095 0.0524  0.1109  106  ILE A N   
274 C CA  . ILE A 52 ? 0.3416 0.3803 0.4839 -0.0046 0.0618  0.1379  106  ILE A CA  
275 C C   . ILE A 52 ? 0.3687 0.4454 0.5103 -0.0041 0.0610  0.1701  106  ILE A C   
276 O O   . ILE A 52 ? 0.3913 0.4763 0.5466 0.0067  0.0628  0.1996  106  ILE A O   
277 C CB  . ILE A 52 ? 0.3691 0.3662 0.5274 -0.0127 0.0701  0.1271  106  ILE A CB  
278 C CG1 . ILE A 52 ? 0.3652 0.3272 0.5213 -0.0089 0.0711  0.0986  106  ILE A CG1 
279 C CG2 . ILE A 52 ? 0.4078 0.3871 0.5970 -0.0108 0.0817  0.1584  106  ILE A CG2 
280 C CD1 . ILE A 52 ? 0.4056 0.3327 0.5717 -0.0181 0.0752  0.0795  106  ILE A CD1 
281 N N   . SER A 53 ? 0.3763 0.4784 0.5007 -0.0146 0.0583  0.1652  107  SER A N   
282 C CA  . SER A 53 ? 0.3989 0.5438 0.5133 -0.0152 0.0579  0.1923  107  SER A CA  
283 C C   . SER A 53 ? 0.3895 0.5740 0.4920 -0.0046 0.0475  0.2057  107  SER A C   
284 O O   . SER A 53 ? 0.4071 0.6178 0.5110 0.0022  0.0479  0.2408  107  SER A O   
285 C CB  . SER A 53 ? 0.3937 0.5618 0.4886 -0.0275 0.0570  0.1737  107  SER A CB  
286 O OG  . SER A 53 ? 0.5097 0.7272 0.5842 -0.0272 0.0550  0.1906  107  SER A OG  
287 N N   . GLU A 54 ? 0.3528 0.5427 0.4456 -0.0032 0.0381  0.1795  108  GLU A N   
288 C CA  . GLU A 54 ? 0.3569 0.5836 0.4444 0.0044  0.0268  0.1851  108  GLU A CA  
289 C C   . GLU A 54 ? 0.3541 0.5653 0.4689 0.0179  0.0284  0.2008  108  GLU A C   
290 O O   . GLU A 54 ? 0.3626 0.6015 0.4804 0.0236  0.0189  0.1994  108  GLU A O   
291 C CB  . GLU A 54 ? 0.3243 0.5610 0.3952 -0.0022 0.0181  0.1494  108  GLU A CB  
292 C CG  . GLU A 54 ? 0.3520 0.6115 0.3974 -0.0125 0.0152  0.1320  108  GLU A CG  
293 C CD  . GLU A 54 ? 0.4315 0.7424 0.4607 -0.0118 0.0100  0.1509  108  GLU A CD  
294 O OE1 . GLU A 54 ? 0.4532 0.7939 0.4845 -0.0053 0.0002  0.1631  108  GLU A OE1 
295 O OE2 . GLU A 54 ? 0.4941 0.8184 0.5096 -0.0169 0.0158  0.1561  108  GLU A OE2 
296 N N   . GLU A 55 ? 0.3639 0.5315 0.5019 0.0225  0.0408  0.2118  109  GLU A N   
297 C CA  . GLU A 55 ? 0.3882 0.5383 0.5568 0.0383  0.0455  0.2285  109  GLU A CA  
298 C C   . GLU A 55 ? 0.3751 0.5188 0.5491 0.0422  0.0436  0.2033  109  GLU A C   
299 O O   . GLU A 55 ? 0.3601 0.5136 0.5573 0.0559  0.0435  0.2163  109  GLU A O   
300 C CB  . GLU A 55 ? 0.4294 0.6198 0.6075 0.0510  0.0394  0.2689  109  GLU A CB  
301 C CG  . GLU A 55 ? 0.4967 0.7016 0.6633 0.0468  0.0421  0.2984  109  GLU A CG  
302 C CD  . GLU A 55 ? 0.5890 0.7443 0.7809 0.0481  0.0592  0.3188  109  GLU A CD  
303 O OE1 . GLU A 55 ? 0.6049 0.7094 0.8188 0.0492  0.0689  0.3013  109  GLU A OE1 
304 O OE2 . GLU A 55 ? 0.6415 0.8098 0.8309 0.0476  0.0635  0.3528  109  GLU A OE2 
305 N N   . LYS A 56 ? 0.3393 0.4663 0.4940 0.0309  0.0435  0.1694  110  LYS A N   
306 C CA  . LYS A 56 ? 0.3383 0.4561 0.4936 0.0322  0.0444  0.1460  110  LYS A CA  
307 C C   . LYS A 56 ? 0.3551 0.4206 0.5177 0.0354  0.0577  0.1308  110  LYS A C   
308 O O   . LYS A 56 ? 0.3828 0.4369 0.5458 0.0384  0.0623  0.1143  110  LYS A O   
309 C CB  . LYS A 56 ? 0.3195 0.4506 0.4471 0.0192  0.0360  0.1194  110  LYS A CB  
310 C CG  . LYS A 56 ? 0.3091 0.4925 0.4272 0.0147  0.0225  0.1239  110  LYS A CG  
311 C CD  . LYS A 56 ? 0.3613 0.5810 0.4994 0.0237  0.0164  0.1424  110  LYS A CD  
312 C CE  . LYS A 56 ? 0.3914 0.6611 0.5143 0.0154  0.0012  0.1354  110  LYS A CE  
313 N NZ  . LYS A 56 ? 0.4022 0.7181 0.5432 0.0234  -0.0090 0.1549  110  LYS A NZ  
314 N N   . ALA A 57 ? 0.3829 0.4181 0.5512 0.0336  0.0645  0.1354  111  ALA A N   
315 C CA  . ALA A 57 ? 0.3985 0.3851 0.5741 0.0354  0.0760  0.1192  111  ALA A CA  
316 C C   . ALA A 57 ? 0.4480 0.4107 0.6436 0.0344  0.0830  0.1362  111  ALA A C   
317 O O   . ALA A 57 ? 0.4276 0.4115 0.6228 0.0290  0.0788  0.1569  111  ALA A O   
318 C CB  . ALA A 57 ? 0.3916 0.3640 0.5375 0.0233  0.0723  0.0857  111  ALA A CB  
319 N N   . SER A 58 ? 0.4749 0.3934 0.6879 0.0390  0.0948  0.1262  112  SER A N   
320 C CA  . SER A 58 ? 0.5351 0.4210 0.7744 0.0376  0.1041  0.1391  112  SER A CA  
321 C C   . SER A 58 ? 0.5240 0.3807 0.7543 0.0210  0.1045  0.1106  112  SER A C   
322 O O   . SER A 58 ? 0.5282 0.3747 0.7736 0.0109  0.1074  0.1216  112  SER A O   
323 C CB  . SER A 58 ? 0.5623 0.4167 0.8333 0.0551  0.1178  0.1451  112  SER A CB  
324 O OG  . SER A 58 ? 0.6841 0.4949 0.9827 0.0521  0.1288  0.1495  112  SER A OG  
325 N N   . HIS A 59 ? 0.4969 0.3443 0.7032 0.0177  0.1013  0.0759  113  HIS A N   
326 C CA  . HIS A 59 ? 0.5023 0.3239 0.7012 0.0036  0.0995  0.0461  113  HIS A CA  
327 C C   . HIS A 59 ? 0.4588 0.2993 0.6206 -0.0024 0.0874  0.0219  113  HIS A C   
328 O O   . HIS A 59 ? 0.4290 0.2791 0.5711 0.0062  0.0864  0.0153  113  HIS A O   
329 C CB  . HIS A 59 ? 0.5402 0.3162 0.7503 0.0089  0.1105  0.0229  113  HIS A CB  
330 C CG  . HIS A 59 ? 0.5831 0.3294 0.8346 0.0165  0.1246  0.0424  113  HIS A CG  
331 N ND1 . HIS A 59 ? 0.5960 0.3220 0.8763 0.0048  0.1287  0.0527  113  HIS A ND1 
332 C CD2 . HIS A 59 ? 0.5806 0.3134 0.8537 0.0353  0.1367  0.0550  113  HIS A CD2 
333 C CE1 . HIS A 59 ? 0.6595 0.3570 0.9762 0.0165  0.1427  0.0722  113  HIS A CE1 
334 N NE2 . HIS A 59 ? 0.6525 0.3543 0.9658 0.0363  0.1473  0.0737  113  HIS A NE2 
335 N N   . ILE A 60 ? 0.4490 0.2919 0.6046 -0.0169 0.0795  0.0078  114  ILE A N   
336 C CA  . ILE A 60 ? 0.4274 0.2882 0.5507 -0.0213 0.0669  -0.0132 114  ILE A CA  
337 C C   . ILE A 60 ? 0.4324 0.2732 0.5316 -0.0138 0.0677  -0.0386 114  ILE A C   
338 O O   . ILE A 60 ? 0.4081 0.2636 0.4809 -0.0085 0.0632  -0.0426 114  ILE A O   
339 C CB  . ILE A 60 ? 0.4346 0.3003 0.5639 -0.0373 0.0588  -0.0259 114  ILE A CB  
340 C CG1 . ILE A 60 ? 0.4420 0.3350 0.5885 -0.0446 0.0596  -0.0006 114  ILE A CG1 
341 C CG2 . ILE A 60 ? 0.4324 0.3111 0.5321 -0.0394 0.0449  -0.0502 114  ILE A CG2 
342 C CD1 . ILE A 60 ? 0.3963 0.3262 0.5225 -0.0398 0.0538  0.0106  114  ILE A CD1 
343 N N   . SER A 61 ? 0.4605 0.2669 0.5699 -0.0131 0.0754  -0.0550 115  SER A N   
344 C CA  . SER A 61 ? 0.4923 0.2800 0.5751 -0.0067 0.0774  -0.0820 115  SER A CA  
345 C C   . SER A 61 ? 0.4871 0.2807 0.5566 0.0084  0.0866  -0.0732 115  SER A C   
346 O O   . SER A 61 ? 0.5123 0.2997 0.5519 0.0141  0.0886  -0.0915 115  SER A O   
347 C CB  . SER A 61 ? 0.5422 0.2913 0.6419 -0.0088 0.0859  -0.1037 115  SER A CB  
348 O OG  . SER A 61 ? 0.5627 0.2934 0.6946 0.0006  0.1019  -0.0858 115  SER A OG  
349 N N   . GLU A 62 ? 0.4446 0.2524 0.5372 0.0149  0.0926  -0.0449 116  GLU A N   
350 C CA  . GLU A 62 ? 0.4343 0.2524 0.5241 0.0283  0.1018  -0.0355 116  GLU A CA  
351 C C   . GLU A 62 ? 0.3982 0.2474 0.4639 0.0262  0.0929  -0.0302 116  GLU A C   
352 O O   . GLU A 62 ? 0.4162 0.2727 0.4738 0.0340  0.1001  -0.0292 116  GLU A O   
353 C CB  . GLU A 62 ? 0.4302 0.2530 0.5589 0.0372  0.1102  -0.0078 116  GLU A CB  
354 C CG  . GLU A 62 ? 0.4810 0.2628 0.6360 0.0434  0.1241  -0.0161 116  GLU A CG  
355 C CD  . GLU A 62 ? 0.5468 0.3259 0.7455 0.0542  0.1329  0.0140  116  GLU A CD  
356 O OE1 . GLU A 62 ? 0.5099 0.3198 0.7192 0.0535  0.1253  0.0436  116  GLU A OE1 
357 O OE2 . GLU A 62 ? 0.6235 0.3674 0.8464 0.0640  0.1476  0.0069  116  GLU A OE2 
358 N N   . ILE A 63 ? 0.3648 0.2307 0.4227 0.0156  0.0791  -0.0280 117  ILE A N   
359 C CA  . ILE A 63 ? 0.3383 0.2329 0.3807 0.0127  0.0704  -0.0220 117  ILE A CA  
360 C C   . ILE A 63 ? 0.3338 0.2226 0.3431 0.0107  0.0642  -0.0405 117  ILE A C   
361 O O   . ILE A 63 ? 0.3550 0.2335 0.3540 0.0056  0.0568  -0.0552 117  ILE A O   
362 C CB  . ILE A 63 ? 0.3144 0.2343 0.3674 0.0048  0.0606  -0.0085 117  ILE A CB  
363 C CG1 . ILE A 63 ? 0.3233 0.2536 0.4065 0.0079  0.0657  0.0160  117  ILE A CG1 
364 C CG2 . ILE A 63 ? 0.2771 0.2252 0.3170 0.0030  0.0535  -0.0054 117  ILE A CG2 
365 C CD1 . ILE A 63 ? 0.3191 0.2696 0.4114 -0.0006 0.0593  0.0298  117  ILE A CD1 
366 N N   . LYS A 64 ? 0.3278 0.2232 0.3221 0.0149  0.0675  -0.0386 118  LYS A N   
367 C CA  . LYS A 64 ? 0.3411 0.2321 0.3038 0.0146  0.0624  -0.0491 118  LYS A CA  
368 C C   . LYS A 64 ? 0.3205 0.2341 0.2867 0.0104  0.0563  -0.0391 118  LYS A C   
369 O O   . LYS A 64 ? 0.3289 0.2565 0.3105 0.0108  0.0618  -0.0281 118  LYS A O   
370 C CB  . LYS A 64 ? 0.3883 0.2639 0.3315 0.0227  0.0759  -0.0545 118  LYS A CB  
371 C CG  . LYS A 64 ? 0.4233 0.2940 0.3318 0.0240  0.0721  -0.0597 118  LYS A CG  
372 C CD  . LYS A 64 ? 0.5401 0.3966 0.4233 0.0325  0.0886  -0.0634 118  LYS A CD  
373 C CE  . LYS A 64 ? 0.6500 0.4886 0.5108 0.0364  0.0889  -0.0831 118  LYS A CE  
374 N NZ  . LYS A 64 ? 0.6893 0.5184 0.5208 0.0452  0.1058  -0.0868 118  LYS A NZ  
375 N N   . LEU A 65 ? 0.3277 0.2442 0.2804 0.0070  0.0448  -0.0453 119  LEU A N   
376 C CA  . LEU A 65 ? 0.2881 0.2204 0.2427 0.0037  0.0398  -0.0410 119  LEU A CA  
377 C C   . LEU A 65 ? 0.2712 0.1884 0.2003 0.0077  0.0391  -0.0455 119  LEU A C   
378 O O   . LEU A 65 ? 0.3302 0.2341 0.2383 0.0119  0.0341  -0.0540 119  LEU A O   
379 C CB  . LEU A 65 ? 0.2945 0.2433 0.2581 -0.0017 0.0284  -0.0438 119  LEU A CB  
380 C CG  . LEU A 65 ? 0.2665 0.2298 0.2531 -0.0056 0.0299  -0.0351 119  LEU A CG  
381 C CD1 . LEU A 65 ? 0.2272 0.2103 0.2204 -0.0114 0.0214  -0.0371 119  LEU A CD1 
382 C CD2 . LEU A 65 ? 0.2778 0.2574 0.2794 -0.0054 0.0354  -0.0220 119  LEU A CD2 
383 N N   . LEU A 66 ? 0.2801 0.2391 0.2612 -0.0406 0.0299  -0.0683 120  LEU A N   
384 C CA  . LEU A 66 ? 0.2710 0.2314 0.2610 -0.0453 0.0300  -0.0579 120  LEU A CA  
385 C C   . LEU A 66 ? 0.2582 0.2112 0.2704 -0.0446 0.0243  -0.0596 120  LEU A C   
386 O O   . LEU A 66 ? 0.2588 0.2120 0.2804 -0.0413 0.0220  -0.0705 120  LEU A O   
387 C CB  . LEU A 66 ? 0.2862 0.2591 0.2801 -0.0504 0.0352  -0.0519 120  LEU A CB  
388 C CG  . LEU A 66 ? 0.2729 0.2620 0.2515 -0.0500 0.0401  -0.0565 120  LEU A CG  
389 C CD1 . LEU A 66 ? 0.3383 0.3261 0.3204 -0.0459 0.0395  -0.0707 120  LEU A CD1 
390 C CD2 . LEU A 66 ? 0.3236 0.3353 0.3014 -0.0561 0.0458  -0.0463 120  LEU A CD2 
391 N N   . LEU A 67 ? 0.2615 0.2102 0.2860 -0.0473 0.0205  -0.0492 121  LEU A N   
392 C CA  . LEU A 67 ? 0.2700 0.2114 0.3277 -0.0470 0.0126  -0.0519 121  LEU A CA  
393 C C   . LEU A 67 ? 0.2747 0.2135 0.3484 -0.0546 0.0113  -0.0299 121  LEU A C   
394 O O   . LEU A 67 ? 0.2844 0.2254 0.3434 -0.0565 0.0115  -0.0149 121  LEU A O   
395 C CB  . LEU A 67 ? 0.2724 0.2111 0.3358 -0.0404 0.0053  -0.0643 121  LEU A CB  
396 C CG  . LEU A 67 ? 0.2612 0.1950 0.3674 -0.0383 -0.0059 -0.0729 121  LEU A CG  
397 C CD1 . LEU A 67 ? 0.3136 0.2542 0.4414 -0.0353 -0.0079 -0.0906 121  LEU A CD1 
398 C CD2 . LEU A 67 ? 0.2966 0.2341 0.4058 -0.0315 -0.0125 -0.0872 121  LEU A CD2 
399 N N   . LYS A 68 ? 0.3316 0.2686 0.4355 -0.0595 0.0099  -0.0261 122  LYS A N   
400 C CA  . LYS A 68 ? 0.3648 0.3014 0.4894 -0.0692 0.0093  -0.0005 122  LYS A CA  
401 C C   . LYS A 68 ? 0.3633 0.3179 0.4543 -0.0747 0.0196  0.0171  122  LYS A C   
402 O O   . LYS A 68 ? 0.3883 0.3483 0.4783 -0.0804 0.0186  0.0423  122  LYS A O   
403 C CB  . LYS A 68 ? 0.4102 0.3311 0.5664 -0.0689 -0.0043 0.0105  122  LYS A CB  
404 C CG  . LYS A 68 ? 0.4726 0.3970 0.6054 -0.0710 -0.0049 0.0341  122  LYS A CG  
405 N N   . GLY A 69 ? 0.3367 0.3041 0.4011 -0.0719 0.0285  0.0027  123  GLY A N   
406 C CA  . GLY A 69 ? 0.3509 0.3435 0.3898 -0.0764 0.0382  0.0128  123  GLY A CA  
407 C C   . GLY A 69 ? 0.3707 0.3711 0.3802 -0.0719 0.0378  0.0140  123  GLY A C   
408 O O   . GLY A 69 ? 0.3992 0.4264 0.3889 -0.0740 0.0444  0.0182  123  GLY A O   
409 N N   . LYS A 70 ? 0.3599 0.3416 0.3697 -0.0657 0.0295  0.0084  124  LYS A N   
410 C CA  . LYS A 70 ? 0.3729 0.3597 0.3596 -0.0603 0.0278  0.0048  124  LYS A CA  
411 C C   . LYS A 70 ? 0.3204 0.3027 0.2948 -0.0537 0.0297  -0.0190 124  LYS A C   
412 O O   . LYS A 70 ? 0.3084 0.2758 0.2920 -0.0507 0.0275  -0.0308 124  LYS A O   
413 C CB  . LYS A 70 ? 0.3860 0.3569 0.3853 -0.0579 0.0173  0.0124  124  LYS A CB  
414 C CG  . LYS A 70 ? 0.4870 0.4661 0.4654 -0.0529 0.0148  0.0103  124  LYS A CG  
415 C CD  . LYS A 70 ? 0.5963 0.5681 0.5866 -0.0519 0.0035  0.0267  124  LYS A CD  
416 C CE  . LYS A 70 ? 0.6380 0.6346 0.6037 -0.0502 0.0030  0.0377  124  LYS A CE  
417 N NZ  . LYS A 70 ? 0.6467 0.6708 0.6013 -0.0576 0.0101  0.0592  124  LYS A NZ  
418 N N   . VAL A 71 ? 0.3332 0.3314 0.2892 -0.0512 0.0329  -0.0260 125  VAL A N   
419 C CA  . VAL A 71 ? 0.3068 0.2986 0.2575 -0.0459 0.0329  -0.0449 125  VAL A CA  
420 C C   . VAL A 71 ? 0.2926 0.2699 0.2447 -0.0427 0.0277  -0.0482 125  VAL A C   
421 O O   . VAL A 71 ? 0.3330 0.3131 0.2827 -0.0419 0.0239  -0.0423 125  VAL A O   
422 C CB  . VAL A 71 ? 0.3135 0.3274 0.2541 -0.0434 0.0354  -0.0557 125  VAL A CB  
423 C CG1 . VAL A 71 ? 0.3150 0.3182 0.2592 -0.0390 0.0330  -0.0718 125  VAL A CG1 
424 C CG2 . VAL A 71 ? 0.3537 0.3884 0.2952 -0.0459 0.0412  -0.0585 125  VAL A CG2 
425 N N   . LEU A 72 ? 0.3049 0.2706 0.2608 -0.0409 0.0275  -0.0575 126  LEU A N   
426 C CA  . LEU A 72 ? 0.2986 0.2565 0.2570 -0.0390 0.0247  -0.0623 126  LEU A CA  
427 C C   . LEU A 72 ? 0.2957 0.2555 0.2495 -0.0381 0.0262  -0.0697 126  LEU A C   
428 O O   . LEU A 72 ? 0.3126 0.2698 0.2677 -0.0382 0.0278  -0.0728 126  LEU A O   
429 C CB  . LEU A 72 ? 0.2990 0.2514 0.2655 -0.0382 0.0238  -0.0662 126  LEU A CB  
430 C CG  . LEU A 72 ? 0.2957 0.2453 0.2772 -0.0385 0.0208  -0.0635 126  LEU A CG  
431 C CD1 . LEU A 72 ? 0.2786 0.2303 0.2700 -0.0355 0.0186  -0.0742 126  LEU A CD1 
432 C CD2 . LEU A 72 ? 0.3313 0.2781 0.3233 -0.0390 0.0153  -0.0565 126  LEU A CD2 
433 N N   . HIS A 73 ? 0.3022 0.2670 0.2550 -0.0371 0.0244  -0.0724 127  HIS A N   
434 C CA  . HIS A 73 ? 0.2797 0.2470 0.2370 -0.0366 0.0243  -0.0811 127  HIS A CA  
435 C C   . HIS A 73 ? 0.2940 0.2540 0.2584 -0.0391 0.0254  -0.0815 127  HIS A C   
436 O O   . HIS A 73 ? 0.2828 0.2422 0.2464 -0.0397 0.0257  -0.0791 127  HIS A O   
437 C CB  . HIS A 73 ? 0.3120 0.2927 0.2670 -0.0337 0.0213  -0.0864 127  HIS A CB  
438 C CG  . HIS A 73 ? 0.3490 0.3468 0.2948 -0.0322 0.0218  -0.0843 127  HIS A CG  
439 N ND1 . HIS A 73 ? 0.4218 0.4330 0.3707 -0.0303 0.0227  -0.0954 127  HIS A ND1 
440 C CD2 . HIS A 73 ? 0.3736 0.3805 0.3096 -0.0327 0.0212  -0.0715 127  HIS A CD2 
441 C CE1 . HIS A 73 ? 0.4527 0.4864 0.3905 -0.0299 0.0244  -0.0912 127  HIS A CE1 
442 N NE2 . HIS A 73 ? 0.3705 0.4009 0.2997 -0.0322 0.0239  -0.0735 127  HIS A NE2 
443 N N   . ASP A 74 ? 0.3006 0.2581 0.2756 -0.0408 0.0254  -0.0849 128  ASP A N   
444 C CA  . ASP A 74 ? 0.3122 0.2662 0.2944 -0.0456 0.0278  -0.0786 128  ASP A CA  
445 C C   . ASP A 74 ? 0.2969 0.2586 0.2803 -0.0475 0.0297  -0.0800 128  ASP A C   
446 O O   . ASP A 74 ? 0.2989 0.2666 0.2813 -0.0511 0.0333  -0.0740 128  ASP A O   
447 C CB  . ASP A 74 ? 0.3055 0.2542 0.3074 -0.0483 0.0257  -0.0793 128  ASP A CB  
448 C CG  . ASP A 74 ? 0.3805 0.3211 0.3886 -0.0466 0.0223  -0.0775 128  ASP A CG  
449 O OD1 . ASP A 74 ? 0.3397 0.2794 0.3352 -0.0443 0.0229  -0.0739 128  ASP A OD1 
450 O OD2 . ASP A 74 ? 0.3712 0.3074 0.4033 -0.0468 0.0174  -0.0832 128  ASP A OD2 
451 N N   . ASN A 75 ? 0.2999 0.2659 0.2861 -0.0449 0.0269  -0.0888 129  ASN A N   
452 C CA  . ASN A 75 ? 0.3194 0.2938 0.3117 -0.0462 0.0273  -0.0936 129  ASN A CA  
453 C C   . ASN A 75 ? 0.3213 0.3000 0.3073 -0.0428 0.0254  -0.0951 129  ASN A C   
454 O O   . ASN A 75 ? 0.3219 0.3106 0.3156 -0.0431 0.0253  -0.1017 129  ASN A O   
455 C CB  . ASN A 75 ? 0.3265 0.3055 0.3290 -0.0437 0.0230  -0.1047 129  ASN A CB  
456 C CG  . ASN A 75 ? 0.3917 0.3699 0.4160 -0.0485 0.0241  -0.1082 129  ASN A CG  
457 O OD1 . ASN A 75 ? 0.4697 0.4462 0.5041 -0.0459 0.0200  -0.1158 129  ASN A OD1 
458 N ND2 . ASN A 75 ? 0.3586 0.3418 0.3958 -0.0560 0.0291  -0.1047 129  ASN A ND2 
459 N N   . LEU A 76 ? 0.3169 0.2894 0.2943 -0.0396 0.0231  -0.0904 130  LEU A N   
460 C CA  . LEU A 76 ? 0.3156 0.2897 0.2967 -0.0361 0.0187  -0.0928 130  LEU A CA  
461 C C   . LEU A 76 ? 0.3187 0.3059 0.3050 -0.0374 0.0219  -0.0991 130  LEU A C   
462 O O   . LEU A 76 ? 0.2948 0.2864 0.2742 -0.0405 0.0276  -0.0942 130  LEU A O   
463 C CB  . LEU A 76 ? 0.3047 0.2698 0.2815 -0.0346 0.0163  -0.0847 130  LEU A CB  
464 C CG  . LEU A 76 ? 0.3703 0.3330 0.3606 -0.0314 0.0095  -0.0860 130  LEU A CG  
465 C CD1 . LEU A 76 ? 0.4359 0.3959 0.4353 -0.0281 0.0006  -0.0840 130  LEU A CD1 
466 C CD2 . LEU A 76 ? 0.4475 0.4026 0.4371 -0.0325 0.0097  -0.0770 130  LEU A CD2 
467 N N   . PHE A 77 ? 0.3145 0.3122 0.3137 -0.0341 0.0174  -0.1106 131  PHE A N   
468 C CA  . PHE A 77 ? 0.3153 0.3357 0.3207 -0.0338 0.0200  -0.1216 131  PHE A CA  
469 C C   . PHE A 77 ? 0.3065 0.3266 0.3195 -0.0286 0.0144  -0.1272 131  PHE A C   
470 O O   . PHE A 77 ? 0.3087 0.3110 0.3325 -0.0251 0.0058  -0.1250 131  PHE A O   
471 C CB  . PHE A 77 ? 0.3152 0.3539 0.3360 -0.0320 0.0176  -0.1374 131  PHE A CB  
472 C CG  . PHE A 77 ? 0.3235 0.3670 0.3420 -0.0382 0.0241  -0.1341 131  PHE A CG  
473 C CD1 . PHE A 77 ? 0.3453 0.4046 0.3569 -0.0465 0.0352  -0.1262 131  PHE A CD1 
474 C CD2 . PHE A 77 ? 0.3420 0.3736 0.3665 -0.0359 0.0183  -0.1358 131  PHE A CD2 
475 C CE1 . PHE A 77 ? 0.3896 0.4509 0.4070 -0.0535 0.0403  -0.1222 131  PHE A CE1 
476 C CE2 . PHE A 77 ? 0.3582 0.3943 0.3857 -0.0412 0.0233  -0.1357 131  PHE A CE2 
477 C CZ  . PHE A 77 ? 0.3455 0.3949 0.3718 -0.0506 0.0345  -0.1287 131  PHE A CZ  
478 N N   . LEU A 78 ? 0.3015 0.3432 0.3111 -0.0285 0.0187  -0.1331 132  LEU A N   
479 C CA  . LEU A 78 ? 0.3321 0.3773 0.3529 -0.0227 0.0126  -0.1427 132  LEU A CA  
480 C C   . LEU A 78 ? 0.3499 0.4004 0.4030 -0.0155 0.0008  -0.1633 132  LEU A C   
481 O O   . LEU A 78 ? 0.3644 0.4040 0.4383 -0.0113 -0.0082 -0.1681 132  LEU A O   
482 C CB  . LEU A 78 ? 0.3415 0.4149 0.3499 -0.0227 0.0186  -0.1459 132  LEU A CB  
483 C CG  . LEU A 78 ? 0.3741 0.4392 0.3570 -0.0290 0.0269  -0.1234 132  LEU A CG  
484 C CD1 . LEU A 78 ? 0.3775 0.4689 0.3527 -0.0254 0.0275  -0.1276 132  LEU A CD1 
485 C CD2 . LEU A 78 ? 0.3815 0.4101 0.3592 -0.0315 0.0260  -0.1081 132  LEU A CD2 
486 N N   . SER A 79 ? 0.3623 0.4285 0.4254 -0.0144 -0.0005 -0.1755 133  SER A N   
487 C CA  . SER A 79 ? 0.3908 0.4586 0.4900 -0.0067 -0.0145 -0.1953 133  SER A CA  
488 C C   . SER A 79 ? 0.4051 0.4347 0.5167 -0.0060 -0.0252 -0.1796 133  SER A C   
489 O O   . SER A 79 ? 0.4336 0.4579 0.5811 0.0005  -0.0399 -0.1914 133  SER A O   
490 C CB  . SER A 79 ? 0.3989 0.4943 0.5053 -0.0058 -0.0130 -0.2124 133  SER A CB  
491 O OG  . SER A 79 ? 0.3752 0.4591 0.4615 -0.0125 -0.0055 -0.1957 133  SER A OG  
492 N N   . ASP A 80 ? 0.4089 0.4161 0.4941 -0.0121 -0.0189 -0.1541 134  ASP A N   
493 C CA  . ASP A 80 ? 0.4278 0.4068 0.5175 -0.0125 -0.0270 -0.1346 134  ASP A CA  
494 C C   . ASP A 80 ? 0.4543 0.4188 0.5455 -0.0151 -0.0269 -0.1207 134  ASP A C   
495 O O   . ASP A 80 ? 0.4867 0.4328 0.5850 -0.0168 -0.0332 -0.1017 134  ASP A O   
496 C CB  . ASP A 80 ? 0.4306 0.4039 0.4932 -0.0164 -0.0208 -0.1197 134  ASP A CB  
497 C CG  . ASP A 80 ? 0.4527 0.4390 0.5200 -0.0140 -0.0224 -0.1333 134  ASP A CG  
498 O OD1 . ASP A 80 ? 0.5274 0.5229 0.6224 -0.0080 -0.0323 -0.1511 134  ASP A OD1 
499 O OD2 . ASP A 80 ? 0.5355 0.5248 0.5831 -0.0178 -0.0144 -0.1286 134  ASP A OD2 
500 N N   . LEU A 81 ? 0.4374 0.4125 0.5237 -0.0156 -0.0205 -0.1292 135  LEU A N   
501 C CA  . LEU A 81 ? 0.4490 0.4129 0.5430 -0.0175 -0.0212 -0.1207 135  LEU A CA  
502 C C   . LEU A 81 ? 0.4633 0.4213 0.6031 -0.0133 -0.0358 -0.1297 135  LEU A C   
503 O O   . LEU A 81 ? 0.4649 0.4395 0.6315 -0.0063 -0.0435 -0.1562 135  LEU A O   
504 C CB  . LEU A 81 ? 0.4307 0.4094 0.5119 -0.0174 -0.0134 -0.1298 135  LEU A CB  
505 C CG  . LEU A 81 ? 0.4365 0.4160 0.4809 -0.0221 -0.0011 -0.1173 135  LEU A CG  
506 C CD1 . LEU A 81 ? 0.4028 0.4000 0.4408 -0.0198 0.0024  -0.1275 135  LEU A CD1 
507 C CD2 . LEU A 81 ? 0.4367 0.3964 0.4697 -0.0274 0.0019  -0.0963 135  LEU A CD2 
508 N N   . LYS A 82 ? 0.4939 0.4316 0.6470 -0.0178 -0.0399 -0.1094 136  LYS A N   
509 C CA  . LYS A 82 ? 0.5262 0.4550 0.7326 -0.0149 -0.0553 -0.1160 136  LYS A CA  
510 C C   . LYS A 82 ? 0.5003 0.4378 0.7241 -0.0137 -0.0543 -0.1322 136  LYS A C   
511 O O   . LYS A 82 ? 0.4941 0.4198 0.7291 -0.0194 -0.0534 -0.1175 136  LYS A O   
512 C CB  . LYS A 82 ? 0.5617 0.4671 0.7824 -0.0213 -0.0620 -0.0831 136  LYS A CB  
513 C CG  . LYS A 82 ? 0.6140 0.5155 0.8218 -0.0195 -0.0669 -0.0718 136  LYS A CG  
514 C CD  . LYS A 82 ? 0.6755 0.5772 0.9270 -0.0101 -0.0847 -0.0944 136  LYS A CD  
515 C CE  . LYS A 82 ? 0.7203 0.6173 0.9626 -0.0076 -0.0917 -0.0823 136  LYS A CE  
516 N NZ  . LYS A 82 ? 0.7154 0.6293 0.9076 -0.0075 -0.0770 -0.0890 136  LYS A NZ  
517 N N   . VAL A 83 ? 0.4632 0.5394 0.4718 0.1060  -0.0142 -0.0406 137  VAL A N   
518 C CA  . VAL A 83 ? 0.4251 0.4773 0.4199 0.0861  0.0066  -0.0262 137  VAL A CA  
519 C C   . VAL A 83 ? 0.4262 0.4547 0.3902 0.0985  0.0163  -0.0182 137  VAL A C   
520 O O   . VAL A 83 ? 0.4984 0.5405 0.4662 0.1172  0.0136  -0.0207 137  VAL A O   
521 C CB  . VAL A 83 ? 0.3913 0.4607 0.4242 0.0649  0.0146  -0.0257 137  VAL A CB  
522 C CG1 . VAL A 83 ? 0.3777 0.4495 0.4204 0.0504  0.0087  -0.0297 137  VAL A CG1 
523 C CG2 . VAL A 83 ? 0.4076 0.5116 0.4932 0.0668  0.0206  -0.0319 137  VAL A CG2 
524 N N   . THR A 84 ? 0.4112 0.4033 0.3498 0.0899  0.0258  -0.0120 138  THR A N   
525 C CA  . THR A 84 ? 0.4200 0.3793 0.3285 0.0980  0.0338  -0.0076 138  THR A CA  
526 C C   . THR A 84 ? 0.3924 0.3309 0.3059 0.0821  0.0319  -0.0109 138  THR A C   
527 O O   . THR A 84 ? 0.3336 0.2824 0.2712 0.0673  0.0257  -0.0154 138  THR A O   
528 C CB  . THR A 84 ? 0.4839 0.4024 0.3537 0.1111  0.0451  -0.0036 138  THR A CB  
529 O OG1 . THR A 84 ? 0.4555 0.3508 0.3356 0.0947  0.0574  -0.0035 138  THR A OG1 
530 C CG2 . THR A 84 ? 0.5374 0.4668 0.3854 0.1384  0.0359  -0.0052 138  THR A CG2 
531 N N   . PRO A 85 ? 0.4115 0.3162 0.3005 0.0886  0.0324  -0.0126 139  PRO A N   
532 C CA  . PRO A 85 ? 0.4369 0.3191 0.3328 0.0791  0.0177  -0.0248 139  PRO A CA  
533 C C   . PRO A 85 ? 0.3976 0.2795 0.3387 0.0592  0.0155  -0.0349 139  PRO A C   
534 O O   . PRO A 85 ? 0.4166 0.3039 0.3833 0.0515  -0.0037 -0.0478 139  PRO A O   
535 C CB  . PRO A 85 ? 0.4882 0.3278 0.3508 0.0911  0.0166  -0.0291 139  PRO A CB  
536 C CG  . PRO A 85 ? 0.4999 0.3488 0.3311 0.1107  0.0315  -0.0141 139  PRO A CG  
537 C CD  . PRO A 85 ? 0.4891 0.3727 0.3418 0.1083  0.0402  -0.0073 139  PRO A CD  
538 N N   . ALA A 86 ? 0.3925 0.2630 0.3417 0.0550  0.0382  -0.0291 140  ALA A N   
539 C CA  . ALA A 86 ? 0.4041 0.2670 0.4043 0.0366  0.0514  -0.0358 140  ALA A CA  
540 C C   . ALA A 86 ? 0.3846 0.2806 0.4081 0.0289  0.0473  -0.0342 140  ALA A C   
541 O O   . ALA A 86 ? 0.3773 0.2764 0.4546 0.0140  0.0497  -0.0441 140  ALA A O   
542 C CB  . ALA A 86 ? 0.4554 0.2774 0.4411 0.0407  0.0920  -0.0244 140  ALA A CB  
543 N N   . ASN A 87 ? 0.3661 0.2879 0.3597 0.0385  0.0410  -0.0246 141  ASN A N   
544 C CA  A ASN A 87 ? 0.3368 0.2837 0.3506 0.0306  0.0386  -0.0240 141  ASN A CA  
545 C CA  B ASN A 87 ? 0.3561 0.3005 0.3642 0.0326  0.0408  -0.0225 141  ASN A CA  
546 C C   . ASN A 87 ? 0.2982 0.2738 0.2936 0.0381  0.0269  -0.0202 141  ASN A C   
547 O O   . ASN A 87 ? 0.3359 0.3209 0.3120 0.0510  0.0277  -0.0162 141  ASN A O   
548 C CB  A ASN A 87 ? 0.3398 0.2667 0.3604 0.0286  0.0660  -0.0182 141  ASN A CB  
549 C CB  B ASN A 87 ? 0.3996 0.3169 0.3909 0.0392  0.0686  -0.0137 141  ASN A CB  
550 C CG  A ASN A 87 ? 0.2990 0.2450 0.3388 0.0216  0.0645  -0.0186 141  ASN A CG  
551 C CG  B ASN A 87 ? 0.4022 0.3216 0.3435 0.0617  0.0648  -0.0072 141  ASN A CG  
552 O OD1 A ASN A 87 ? 0.1536 0.1289 0.2006 0.0175  0.0434  -0.0227 141  ASN A OD1 
553 O OD1 B ASN A 87 ? 0.4003 0.3154 0.3068 0.0810  0.0587  -0.0054 141  ASN A OD1 
554 N ND2 A ASN A 87 ? 0.3377 0.2554 0.3791 0.0232  0.0953  -0.0123 141  ASN A ND2 
555 N ND2 B ASN A 87 ? 0.2711 0.1890 0.2074 0.0635  0.0684  -0.0062 141  ASN A ND2 
556 N N   . SER A 88 ? 0.2992 0.2858 0.3082 0.0317  0.0151  -0.0247 142  SER A N   
557 C CA  . SER A 88 ? 0.2924 0.2987 0.2997 0.0333  0.0137  -0.0220 142  SER A CA  
558 C C   . SER A 88 ? 0.2475 0.2575 0.2709 0.0236  0.0084  -0.0257 142  SER A C   
559 O O   . SER A 88 ? 0.2655 0.2725 0.2808 0.0260  0.0087  -0.0244 142  SER A O   
560 C CB  . SER A 88 ? 0.3267 0.3197 0.3107 0.0447  0.0156  -0.0192 142  SER A CB  
561 O OG  . SER A 88 ? 0.3913 0.3535 0.3548 0.0504  0.0024  -0.0258 142  SER A OG  
562 N N   . THR A 89 ? 0.2502 0.2601 0.2937 0.0159  0.0097  -0.0286 143  THR A N   
563 C CA  . THR A 89 ? 0.2228 0.2381 0.2856 0.0090  0.0060  -0.0323 143  THR A CA  
564 C C   . THR A 89 ? 0.2233 0.2480 0.2847 0.0059  0.0151  -0.0280 143  THR A C   
565 O O   . THR A 89 ? 0.2401 0.2544 0.2922 0.0102  0.0264  -0.0248 143  THR A O   
566 C CB  . THR A 89 ? 0.2420 0.2506 0.3452 0.0039  0.0023  -0.0427 143  THR A CB  
567 O OG1 . THR A 89 ? 0.2612 0.2577 0.3649 0.0106  -0.0174 -0.0544 143  THR A OG1 
568 C CG2 . THR A 89 ? 0.2254 0.2430 0.3536 0.0011  -0.0037 -0.0483 143  THR A CG2 
569 N N   . ILE A 90 ? 0.2107 0.2435 0.2730 0.0026  0.0116  -0.0287 144  ILE A N   
570 C CA  . ILE A 90 ? 0.2065 0.2441 0.2690 -0.0003 0.0139  -0.0297 144  ILE A CA  
571 C C   . ILE A 90 ? 0.2076 0.2373 0.2794 -0.0035 0.0175  -0.0299 144  ILE A C   
572 O O   . ILE A 90 ? 0.2058 0.2337 0.2862 -0.0039 0.0117  -0.0321 144  ILE A O   
573 C CB  . ILE A 90 ? 0.2121 0.2603 0.2828 -0.0050 0.0136  -0.0327 144  ILE A CB  
574 C CG1 . ILE A 90 ? 0.2191 0.2799 0.2989 -0.0015 0.0154  -0.0336 144  ILE A CG1 
575 C CG2 . ILE A 90 ? 0.2408 0.2926 0.3168 -0.0073 0.0078  -0.0414 144  ILE A CG2 
576 C CD1 . ILE A 90 ? 0.2118 0.2831 0.2893 0.0083  0.0053  -0.0389 144  ILE A CD1 
577 N N   . THR A 91 ? 0.2035 0.2219 0.2663 0.0003  0.0271  -0.0283 145  THR A N   
578 C CA  . THR A 91 ? 0.2278 0.2370 0.3046 -0.0005 0.0380  -0.0270 145  THR A CA  
579 C C   . THR A 91 ? 0.2169 0.2256 0.2794 -0.0024 0.0309  -0.0298 145  THR A C   
580 O O   . THR A 91 ? 0.2423 0.2474 0.2832 0.0004  0.0240  -0.0340 145  THR A O   
581 C CB  . THR A 91 ? 0.2563 0.2357 0.3165 0.0099  0.0640  -0.0201 145  THR A CB  
582 O OG1 . THR A 91 ? 0.2671 0.2410 0.3487 0.0087  0.0781  -0.0177 145  THR A OG1 
583 C CG2 . THR A 91 ? 0.2688 0.2348 0.3446 0.0118  0.0843  -0.0171 145  THR A CG2 
584 N N   . VAL A 92 ? 0.2292 0.2391 0.3061 -0.0046 0.0298  -0.0306 146  VAL A N   
585 C CA  . VAL A 92 ? 0.2318 0.2332 0.2936 -0.0068 0.0277  -0.0324 146  VAL A CA  
586 C C   . VAL A 92 ? 0.2409 0.2274 0.2999 -0.0008 0.0387  -0.0306 146  VAL A C   
587 O O   . VAL A 92 ? 0.2602 0.2521 0.3501 0.0035  0.0449  -0.0297 146  VAL A O   
588 C CB  . VAL A 92 ? 0.2430 0.2411 0.3033 -0.0062 0.0225  -0.0325 146  VAL A CB  
589 C CG1 . VAL A 92 ? 0.2701 0.2490 0.3134 -0.0096 0.0296  -0.0329 146  VAL A CG1 
590 C CG2 . VAL A 92 ? 0.2245 0.2269 0.2805 -0.0078 0.0207  -0.0315 146  VAL A CG2 
591 N N   . MET A 93 ? 0.3019 0.2696 0.3316 0.0009  0.0395  -0.0333 147  MET A N   
592 C CA  . MET A 93 ? 0.3379 0.2824 0.3526 0.0096  0.0519  -0.0306 147  MET A CA  
593 C C   . MET A 93 ? 0.3566 0.2885 0.3560 0.0041  0.0440  -0.0369 147  MET A C   
594 O O   . MET A 93 ? 0.3629 0.2948 0.3592 -0.0046 0.0318  -0.0471 147  MET A O   
595 C CB  . MET A 93 ? 0.4069 0.3182 0.3790 0.0254  0.0628  -0.0290 147  MET A CB  
596 C CG  . MET A 93 ? 0.4675 0.3744 0.4377 0.0331  0.0763  -0.0224 147  MET A CG  
597 S SD  . MET A 93 ? 0.5883 0.4901 0.6019 0.0365  0.1159  -0.0103 147  MET A SD  
598 C CE  . MET A 93 ? 0.5753 0.4163 0.5275 0.0613  0.1460  -0.0022 147  MET A CE  
599 N N   . ILE A 94 ? 0.3646 0.2828 0.3604 0.0102  0.0532  -0.0331 148  ILE A N   
600 C CA  . ILE A 94 ? 0.3839 0.2795 0.3602 0.0057  0.0516  -0.0379 148  ILE A CA  
601 C C   . ILE A 94 ? 0.4207 0.2858 0.3691 0.0186  0.0622  -0.0363 148  ILE A C   
602 O O   . ILE A 94 ? 0.4157 0.2843 0.3766 0.0311  0.0754  -0.0282 148  ILE A O   
603 C CB  . ILE A 94 ? 0.3840 0.2791 0.3662 0.0052  0.0533  -0.0339 148  ILE A CB  
604 C CG1 . ILE A 94 ? 0.3788 0.2934 0.3770 -0.0020 0.0480  -0.0337 148  ILE A CG1 
605 C CG2 . ILE A 94 ? 0.4357 0.2940 0.3953 -0.0015 0.0628  -0.0375 148  ILE A CG2 
606 C CD1 . ILE A 94 ? 0.4003 0.2951 0.3791 0.0096  0.0513  -0.0282 148  ILE A CD1 
607 N N   . LYS A 95 ? 0.4768 0.3121 0.3943 0.0166  0.0556  -0.0469 149  LYS A N   
608 C CA  . LYS A 95 ? 0.5382 0.3321 0.4118 0.0334  0.0641  -0.0469 149  LYS A CA  
609 C C   . LYS A 95 ? 0.5898 0.3540 0.4475 0.0244  0.0551  -0.0608 149  LYS A C   
610 O O   . LYS A 95 ? 0.5584 0.3309 0.4403 0.0066  0.0398  -0.0763 149  LYS A O   
611 C CB  . LYS A 95 ? 0.5978 0.3686 0.4303 0.0507  0.0594  -0.0511 149  LYS A CB  
612 C CG  . LYS A 95 ? 0.7025 0.4161 0.4688 0.0684  0.0467  -0.0659 149  LYS A CG  
613 N N   . PRO A 96 ? 0.6547 0.3827 0.4801 0.0361  0.0679  -0.0568 150  PRO A N   
614 C CA  . PRO A 96 ? 0.7266 0.4193 0.5393 0.0258  0.0634  -0.0706 150  PRO A CA  
615 C C   . PRO A 96 ? 0.8013 0.4670 0.5948 0.0249  0.0351  -0.0983 150  PRO A C   
616 O O   . PRO A 96 ? 0.8234 0.4798 0.5816 0.0448  0.0212  -0.1026 150  PRO A O   
617 C CB  . PRO A 96 ? 0.7618 0.4193 0.5364 0.0453  0.0840  -0.0581 150  PRO A CB  
618 C CG  . PRO A 96 ? 0.7392 0.4085 0.5061 0.0685  0.0978  -0.0432 150  PRO A CG  
619 C CD  . PRO A 96 ? 0.6957 0.4148 0.5065 0.0586  0.0909  -0.0402 150  PRO A CD  
620 N N   . ASN A 97 ? 0.8556 0.5026 0.6730 0.0050  0.0273  -0.1189 151  ASN A N   
621 C CA  . ASN A 97 ? 0.9382 0.5569 0.7522 0.0043  -0.0089 -0.1559 151  ASN A CA  
622 C C   . ASN A 97 ? 1.0131 0.5660 0.7685 0.0183  -0.0097 -0.1652 151  ASN A C   
623 O O   . ASN A 97 ? 1.0915 0.6054 0.7794 0.0479  -0.0326 -0.1769 151  ASN A O   
624 C CB  . ASN A 97 ? 0.9378 0.5823 0.8446 -0.0304 -0.0190 -0.1821 151  ASN A CB  
625 C CG  . ASN A 97 ? 0.9041 0.6002 0.8562 -0.0329 -0.0448 -0.1939 151  ASN A CG  
626 O OD1 . ASN A 97 ? 0.9805 0.6832 0.9732 -0.0355 -0.0863 -0.2332 151  ASN A OD1 
627 N ND2 . ASN A 97 ? 0.9043 0.6346 0.8483 -0.0275 -0.0262 -0.1639 151  ASN A ND2 
643 O O   . HOH E .  ? 0.4583 0.4271 0.3974 0.0330  0.0297  -0.1022 2001 HOH A O   
644 O O   . HOH E .  ? 0.5339 0.4755 0.5092 0.0148  0.0379  -0.0985 2002 HOH A O   
645 O O   . HOH E .  ? 0.4441 0.4449 0.4682 -0.0265 0.0071  -0.1062 2003 HOH A O   
646 O O   . HOH E .  ? 0.4199 0.5848 0.5539 -0.0434 -0.0415 -0.1309 2004 HOH A O   
647 O O   . HOH E .  ? 0.5739 0.4719 0.6947 0.0370  0.0718  -0.0274 2005 HOH A O   
648 O O   . HOH E .  ? 0.5756 0.5365 0.6193 0.0501  0.0757  -0.0011 2006 HOH A O   
649 O O   . HOH E .  ? 0.3487 0.3198 0.5909 0.0607  0.1278  0.0546  2007 HOH A O   
650 O O   . HOH E .  ? 0.3704 0.3172 0.4129 0.0567  0.0779  -0.0326 2008 HOH A O   
651 O O   . HOH E .  ? 0.3366 0.3216 0.5784 0.0628  0.0256  0.0321  2009 HOH A O   
652 O O   . HOH E .  ? 0.5279 0.4897 0.6275 0.0310  0.0242  0.0851  2010 HOH A O   
653 O O   . HOH E .  ? 0.4074 0.5321 0.4799 0.0515  -0.0286 0.0204  2011 HOH A O   
654 O O   . HOH E .  ? 0.3735 0.5810 0.5179 0.0385  -0.0428 -0.0867 2012 HOH A O   
655 O O   . HOH E .  ? 0.4100 0.6149 0.3905 -0.0126 0.0503  0.0387  2013 HOH A O   
656 O O   . HOH E .  ? 0.5623 0.8686 0.5075 -0.0063 0.0767  0.0356  2014 HOH A O   
657 O O   . HOH E .  ? 0.3856 0.7718 0.3125 -0.0467 0.0108  -0.0602 2015 HOH A O   
658 O O   . HOH E .  ? 0.4589 0.5523 0.6222 -0.0834 0.0022  -0.0743 2016 HOH A O   
659 O O   . HOH E .  ? 0.4165 0.5754 0.4918 -0.0554 0.0437  0.0396  2017 HOH A O   
660 O O   . HOH E .  ? 0.4157 0.2630 0.4246 -0.0082 0.0475  -0.0883 2018 HOH A O   
661 O O   . HOH E .  ? 0.3266 0.2191 0.2548 0.0059  0.0295  -0.0756 2019 HOH A O   
662 O O   . HOH E .  ? 0.4337 0.6695 0.4771 -0.0467 0.0490  0.1009  2020 HOH A O   
663 O O   . HOH E .  ? 0.5757 0.9188 0.6372 0.0188  0.0221  0.2920  2021 HOH A O   
664 O O   . HOH E .  ? 0.4534 0.6629 0.3899 0.0193  0.0411  0.0783  2022 HOH A O   
665 O O   . HOH E .  ? 0.4867 0.3390 0.3770 0.0137  0.0378  -0.1066 2023 HOH A O   
666 O O   . HOH E .  ? 0.4654 0.5326 0.7051 0.0733  0.0709  0.1981  2024 HOH A O   
667 O O   . HOH E .  ? 0.3305 0.4927 0.5653 0.0734  0.0471  0.2022  2025 HOH A O   
668 O O   . HOH E .  ? 0.4209 0.6918 0.3765 0.0497  -0.0138 -0.0002 2026 HOH A O   
669 O O   . HOH E .  ? 0.5267 0.3580 0.4798 0.0129  0.0631  -0.0988 2027 HOH A O   
670 O O   . HOH E .  ? 0.4963 0.7202 0.4554 0.1309  -0.0160 -0.0868 2028 HOH A O   
671 O O   . HOH E .  ? 0.2881 0.2413 0.3900 -0.0440 0.0121  -0.0832 2029 HOH A O   
672 O O   . HOH E .  ? 0.4796 0.4078 0.5440 -0.0485 -0.0049 -0.0127 2030 HOH A O   
673 O O   . HOH E .  ? 0.2634 0.2024 0.4223 -0.0611 0.0076  -0.0463 2031 HOH A O   
674 O O   . HOH E .  ? 0.3745 0.3474 0.4396 -0.0645 0.0343  -0.0374 2032 HOH A O   
675 O O   . HOH E .  ? 0.4252 0.5107 0.3735 -0.0679 0.0554  -0.0062 2033 HOH A O   
676 O O   . HOH E .  ? 0.4299 0.3985 0.3848 -0.0343 0.0143  -0.0603 2034 HOH A O   
677 O O   . HOH E .  ? 0.5358 0.5572 0.4650 -0.0420 0.0218  -0.0224 2035 HOH A O   
678 O O   . HOH E .  ? 0.5342 0.4975 0.5032 -0.0389 0.0091  -0.0312 2036 HOH A O   
679 O O   . HOH E .  ? 0.5314 0.6197 0.4409 -0.0354 0.0308  -0.0593 2037 HOH A O   
680 O O   . HOH E .  ? 0.4872 0.3308 0.5107 -0.0298 0.0274  -0.1221 2038 HOH A O   
681 O O   . HOH E .  ? 0.3527 0.3550 0.3740 -0.0565 0.0346  -0.1034 2039 HOH A O   
682 O O   . HOH E .  ? 0.5007 0.4906 0.5020 -0.0319 0.0096  -0.1130 2040 HOH A O   
683 O O   . HOH E .  ? 0.4050 0.4585 0.5656 0.0049  -0.0366 -0.2148 2041 HOH A O   
684 O O   . HOH E .  ? 0.5825 0.5073 0.6803 -0.0297 -0.0247 -0.0637 2042 HOH A O   
685 O O   . HOH E .  ? 0.5565 0.3562 0.4180 0.0893  0.0789  -0.0098 2043 HOH A O   
686 O O   . HOH E .  ? 0.6366 0.4074 0.4408 0.1177  0.1170  0.0114  2044 HOH A O   
687 O O   . HOH E .  ? 0.3746 0.3384 0.4362 0.0228  -0.0204 -0.0554 2045 HOH A O   
688 O O   . HOH E .  ? 0.3667 0.3597 0.5592 0.0167  -0.0705 -0.1007 2046 HOH A O   
# 
loop_
_pdbx_poly_seq_scheme.asym_id 
_pdbx_poly_seq_scheme.entity_id 
_pdbx_poly_seq_scheme.seq_id 
_pdbx_poly_seq_scheme.mon_id 
_pdbx_poly_seq_scheme.ndb_seq_num 
_pdbx_poly_seq_scheme.pdb_seq_num 
_pdbx_poly_seq_scheme.auth_seq_num 
_pdbx_poly_seq_scheme.pdb_mon_id 
_pdbx_poly_seq_scheme.auth_mon_id 
_pdbx_poly_seq_scheme.pdb_strand_id 
_pdbx_poly_seq_scheme.pdb_ins_code 
_pdbx_poly_seq_scheme.hetero 
A 1 1  MET 1  55  ?   ?   ?   A . n 
A 1 2  ALA 2  56  ?   ?   ?   A . n 
A 1 3  HIS 3  57  ?   ?   ?   A . n 
A 1 4  HIS 4  58  ?   ?   ?   A . n 
A 1 5  HIS 5  59  ?   ?   ?   A . n 
A 1 6  HIS 6  60  ?   ?   ?   A . n 
A 1 7  HIS 7  61  ?   ?   ?   A . n 
A 1 8  HIS 8  62  ?   ?   ?   A . n 
A 1 9  VAL 9  63  ?   ?   ?   A . n 
A 1 10 ASP 10 64  ?   ?   ?   A . n 
A 1 11 ASP 11 65  ?   ?   ?   A . n 
A 1 12 ASP 12 66  ?   ?   ?   A . n 
A 1 13 ASP 13 67  ?   ?   ?   A . n 
A 1 14 LYS 14 68  ?   ?   ?   A . n 
A 1 15 MET 15 69  ?   ?   ?   A . n 
A 1 16 ASP 16 70  ?   ?   ?   A . n 
A 1 17 ASN 17 71  ?   ?   ?   A . n 
A 1 18 ALA 18 72  72  ALA ALA A . n 
A 1 19 ALA 19 73  73  ALA ALA A . n 
A 1 20 VAL 20 74  74  VAL VAL A . n 
A 1 21 HIS 21 75  75  HIS HIS A . n 
A 1 22 LEU 22 76  76  LEU LEU A . n 
A 1 23 THR 23 77  77  THR THR A . n 
A 1 24 LEU 24 78  78  LEU LEU A . n 
A 1 25 LYS 25 79  79  LYS LYS A . n 
A 1 26 LYS 26 80  80  LYS LYS A . n 
A 1 27 ILE 27 81  81  ILE ILE A . n 
A 1 28 GLN 28 82  82  GLN GLN A . n 
A 1 29 ALA 29 83  83  ALA ALA A . n 
A 1 30 PRO 30 84  84  PRO PRO A . n 
A 1 31 LYS 31 85  85  LYS LYS A . n 
A 1 32 PHE 32 86  86  PHE PHE A . n 
A 1 33 SER 33 87  87  SER SER A . n 
A 1 34 ILE 34 88  88  ILE ILE A . n 
A 1 35 GLU 35 89  89  GLU GLU A . n 
A 1 36 HIS 36 90  90  HIS HIS A . n 
A 1 37 ASP 37 91  91  ASP ASP A . n 
A 1 38 PHE 38 92  92  PHE PHE A . n 
A 1 39 SER 39 93  93  SER SER A . n 
A 1 40 PRO 40 94  94  PRO PRO A . n 
A 1 41 SER 41 95  95  SER SER A . n 
A 1 42 ASP 42 96  96  ASP ASP A . n 
A 1 43 THR 43 97  97  THR THR A . n 
A 1 44 ILE 44 98  98  ILE ILE A . n 
A 1 45 LEU 45 99  99  LEU LEU A . n 
A 1 46 GLN 46 100 100 GLN GLN A . n 
A 1 47 ILE 47 101 101 ILE ILE A . n 
A 1 48 LYS 48 102 102 LYS LYS A . n 
A 1 49 GLN 49 103 103 GLN GLN A . n 
A 1 50 HIS 50 104 104 HIS HIS A . n 
A 1 51 LEU 51 105 105 LEU LEU A . n 
A 1 52 ILE 52 106 106 ILE ILE A . n 
A 1 53 SER 53 107 107 SER SER A . n 
A 1 54 GLU 54 108 108 GLU GLU A . n 
A 1 55 GLU 55 109 109 GLU GLU A . n 
A 1 56 LYS 56 110 110 LYS LYS A . n 
A 1 57 ALA 57 111 111 ALA ALA A . n 
A 1 58 SER 58 112 112 SER SER A . n 
A 1 59 HIS 59 113 113 HIS HIS A . n 
A 1 60 ILE 60 114 114 ILE ILE A . n 
A 1 61 SER 61 115 115 SER SER A . n 
A 1 62 GLU 62 116 116 GLU GLU A . n 
A 1 63 ILE 63 117 117 ILE ILE A . n 
A 1 64 LYS 64 118 118 LYS LYS A . n 
A 1 65 LEU 65 119 119 LEU LEU A . n 
A 1 66 LEU 66 120 120 LEU LEU A . n 
A 1 67 LEU 67 121 121 LEU LEU A . n 
A 1 68 LYS 68 122 122 LYS LYS A . n 
A 1 69 GLY 69 123 123 GLY GLY A . n 
A 1 70 LYS 70 124 124 LYS LYS A . n 
A 1 71 VAL 71 125 125 VAL VAL A . n 
A 1 72 LEU 72 126 126 LEU LEU A . n 
A 1 73 HIS 73 127 127 HIS HIS A . n 
A 1 74 ASP 74 128 128 ASP ASP A . n 
A 1 75 ASN 75 129 129 ASN ASN A . n 
A 1 76 LEU 76 130 130 LEU LEU A . n 
A 1 77 PHE 77 131 131 PHE PHE A . n 
A 1 78 LEU 78 132 132 LEU LEU A . n 
A 1 79 SER 79 133 133 SER SER A . n 
A 1 80 ASP 80 134 134 ASP ASP A . n 
A 1 81 LEU 81 135 135 LEU LEU A . n 
A 1 82 LYS 82 136 136 LYS LYS A . n 
A 1 83 VAL 83 137 137 VAL VAL A . n 
A 1 84 THR 84 138 138 THR THR A . n 
A 1 85 PRO 85 139 139 PRO PRO A . n 
A 1 86 ALA 86 140 140 ALA ALA A . n 
A 1 87 ASN 87 141 141 ASN ASN A . n 
A 1 88 SER 88 142 142 SER SER A . n 
A 1 89 THR 89 143 143 THR THR A . n 
A 1 90 ILE 90 144 144 ILE ILE A . n 
A 1 91 THR 91 145 145 THR THR A . n 
A 1 92 VAL 92 146 146 VAL VAL A . n 
A 1 93 MET 93 147 147 MET MET A . n 
A 1 94 ILE 94 148 148 ILE ILE A . n 
A 1 95 LYS 95 149 149 LYS LYS A . n 
A 1 96 PRO 96 150 150 PRO PRO A . n 
A 1 97 ASN 97 151 151 ASN ASN A . n 
A 1 98 PRO 98 152 ?   ?   ?   A . n 
# 
loop_
_pdbx_nonpoly_scheme.asym_id 
_pdbx_nonpoly_scheme.entity_id 
_pdbx_nonpoly_scheme.mon_id 
_pdbx_nonpoly_scheme.ndb_seq_num 
_pdbx_nonpoly_scheme.pdb_seq_num 
_pdbx_nonpoly_scheme.auth_seq_num 
_pdbx_nonpoly_scheme.pdb_mon_id 
_pdbx_nonpoly_scheme.auth_mon_id 
_pdbx_nonpoly_scheme.pdb_strand_id 
_pdbx_nonpoly_scheme.pdb_ins_code 
B 2 SO4 1  1152 1152 SO4 SO4 A . 
C 2 SO4 1  1153 1153 SO4 SO4 A . 
D 2 SO4 1  1154 1154 SO4 SO4 A . 
E 3 HOH 1  2001 2001 HOH HOH A . 
E 3 HOH 2  2002 2002 HOH HOH A . 
E 3 HOH 3  2003 2003 HOH HOH A . 
E 3 HOH 4  2004 2004 HOH HOH A . 
E 3 HOH 5  2005 2005 HOH HOH A . 
E 3 HOH 6  2006 2006 HOH HOH A . 
E 3 HOH 7  2007 2007 HOH HOH A . 
E 3 HOH 8  2008 2008 HOH HOH A . 
E 3 HOH 9  2009 2009 HOH HOH A . 
E 3 HOH 10 2010 2010 HOH HOH A . 
E 3 HOH 11 2011 2011 HOH HOH A . 
E 3 HOH 12 2012 2012 HOH HOH A . 
E 3 HOH 13 2013 2013 HOH HOH A . 
E 3 HOH 14 2014 2014 HOH HOH A . 
E 3 HOH 15 2015 2015 HOH HOH A . 
E 3 HOH 16 2016 2016 HOH HOH A . 
E 3 HOH 17 2017 2017 HOH HOH A . 
E 3 HOH 18 2018 2018 HOH HOH A . 
E 3 HOH 19 2019 2019 HOH HOH A . 
E 3 HOH 20 2020 2020 HOH HOH A . 
E 3 HOH 21 2021 2021 HOH HOH A . 
E 3 HOH 22 2022 2022 HOH HOH A . 
E 3 HOH 23 2023 2023 HOH HOH A . 
E 3 HOH 24 2024 2024 HOH HOH A . 
E 3 HOH 25 2025 2025 HOH HOH A . 
E 3 HOH 26 2026 2026 HOH HOH A . 
E 3 HOH 27 2027 2027 HOH HOH A . 
E 3 HOH 28 2028 2028 HOH HOH A . 
E 3 HOH 29 2029 2029 HOH HOH A . 
E 3 HOH 30 2030 2030 HOH HOH A . 
E 3 HOH 31 2031 2031 HOH HOH A . 
E 3 HOH 32 2032 2032 HOH HOH A . 
E 3 HOH 33 2033 2033 HOH HOH A . 
E 3 HOH 34 2034 2034 HOH HOH A . 
E 3 HOH 35 2035 2035 HOH HOH A . 
E 3 HOH 36 2036 2036 HOH HOH A . 
E 3 HOH 37 2037 2037 HOH HOH A . 
E 3 HOH 38 2038 2038 HOH HOH A . 
E 3 HOH 39 2039 2039 HOH HOH A . 
E 3 HOH 40 2040 2040 HOH HOH A . 
E 3 HOH 41 2041 2041 HOH HOH A . 
E 3 HOH 42 2042 2042 HOH HOH A . 
E 3 HOH 43 2043 2043 HOH HOH A . 
E 3 HOH 44 2044 2044 HOH HOH A . 
E 3 HOH 45 2045 2045 HOH HOH A . 
E 3 HOH 46 2046 2046 HOH HOH A . 
# 
_pdbx_struct_assembly.id                   1 
_pdbx_struct_assembly.details              author_and_software_defined_assembly 
_pdbx_struct_assembly.method_details       PISA 
_pdbx_struct_assembly.oligomeric_details   dimeric 
_pdbx_struct_assembly.oligomeric_count     2 
# 
_pdbx_struct_assembly_gen.assembly_id       1 
_pdbx_struct_assembly_gen.oper_expression   1,2 
_pdbx_struct_assembly_gen.asym_id_list      A,B,C,D,E 
# 
loop_
_pdbx_struct_assembly_prop.biol_id 
_pdbx_struct_assembly_prop.type 
_pdbx_struct_assembly_prop.value 
_pdbx_struct_assembly_prop.details 
1 'ABSA (A^2)' 2420  ? 
1 MORE         -79.1 ? 
1 'SSA (A^2)'  8630  ? 
# 
loop_
_pdbx_struct_oper_list.id 
_pdbx_struct_oper_list.type 
_pdbx_struct_oper_list.name 
_pdbx_struct_oper_list.symmetry_operation 
_pdbx_struct_oper_list.matrix[1][1] 
_pdbx_struct_oper_list.matrix[1][2] 
_pdbx_struct_oper_list.matrix[1][3] 
_pdbx_struct_oper_list.vector[1] 
_pdbx_struct_oper_list.matrix[2][1] 
_pdbx_struct_oper_list.matrix[2][2] 
_pdbx_struct_oper_list.matrix[2][3] 
_pdbx_struct_oper_list.vector[2] 
_pdbx_struct_oper_list.matrix[3][1] 
_pdbx_struct_oper_list.matrix[3][2] 
_pdbx_struct_oper_list.matrix[3][3] 
_pdbx_struct_oper_list.vector[3] 
1 'identity operation'         1_555 x,y,z         1.0000000000  0.0000000000  0.0000000000  0.0000000000   0.0000000000  1.0000000000 0.0000000000 0.0000000000   0.0000000000  0.0000000000 1.0000000000  0.0000000000  
2 'crystal symmetry operation' 5_555 x-y,-y,-z+1/3 -0.5398128705 -0.7869851058 -0.2987582771 -13.5459799830 -0.7869851058 0.3458558856 0.5109189267 -12.5283597352 -0.2987582771 0.5109189267 -0.8060430151 12.1367243862 
# 
loop_
_pdbx_audit_revision_history.ordinal 
_pdbx_audit_revision_history.data_content_type 
_pdbx_audit_revision_history.major_revision 
_pdbx_audit_revision_history.minor_revision 
_pdbx_audit_revision_history.revision_date 
1 'Structure model' 1 0 2012-11-14 
2 'Structure model' 1 1 2013-01-16 
3 'Structure model' 1 2 2013-01-30 
4 'Structure model' 1 3 2013-02-13 
5 'Structure model' 1 4 2019-05-08 
6 'Structure model' 1 5 2023-12-20 
# 
_pdbx_audit_revision_details.ordinal             1 
_pdbx_audit_revision_details.revision_ordinal    1 
_pdbx_audit_revision_details.data_content_type   'Structure model' 
_pdbx_audit_revision_details.provider            repository 
_pdbx_audit_revision_details.type                'Initial release' 
_pdbx_audit_revision_details.description         ? 
_pdbx_audit_revision_details.details             ? 
# 
loop_
_pdbx_audit_revision_group.ordinal 
_pdbx_audit_revision_group.revision_ordinal 
_pdbx_audit_revision_group.data_content_type 
_pdbx_audit_revision_group.group 
1  2 'Structure model' 'Database references'      
2  3 'Structure model' 'Database references'      
3  4 'Structure model' 'Database references'      
4  5 'Structure model' 'Data collection'          
5  5 'Structure model' 'Experimental preparation' 
6  5 'Structure model' Other                      
7  6 'Structure model' 'Data collection'          
8  6 'Structure model' 'Database references'      
9  6 'Structure model' 'Derived calculations'     
10 6 'Structure model' Other                      
11 6 'Structure model' 'Refinement description'   
# 
loop_
_pdbx_audit_revision_category.ordinal 
_pdbx_audit_revision_category.revision_ordinal 
_pdbx_audit_revision_category.data_content_type 
_pdbx_audit_revision_category.category 
1  5 'Structure model' database_PDB_rev              
2  5 'Structure model' database_PDB_rev_record       
3  5 'Structure model' exptl_crystal_grow            
4  5 'Structure model' pdbx_database_proc            
5  5 'Structure model' pdbx_database_status          
6  5 'Structure model' pdbx_seq_map_depositor_info   
7  6 'Structure model' chem_comp_atom                
8  6 'Structure model' chem_comp_bond                
9  6 'Structure model' database_2                    
10 6 'Structure model' pdbx_database_status          
11 6 'Structure model' pdbx_initial_refinement_model 
12 6 'Structure model' struct_site                   
# 
loop_
_pdbx_audit_revision_item.ordinal 
_pdbx_audit_revision_item.revision_ordinal 
_pdbx_audit_revision_item.data_content_type 
_pdbx_audit_revision_item.item 
1  5 'Structure model' '_exptl_crystal_grow.method'                       
2  5 'Structure model' '_pdbx_database_status.recvd_author_approval'      
3  5 'Structure model' '_pdbx_seq_map_depositor_info.one_letter_code'     
4  5 'Structure model' '_pdbx_seq_map_depositor_info.one_letter_code_mod' 
5  6 'Structure model' '_database_2.pdbx_DOI'                             
6  6 'Structure model' '_database_2.pdbx_database_accession'              
7  6 'Structure model' '_pdbx_database_status.status_code_sf'             
8  6 'Structure model' '_struct_site.pdbx_auth_asym_id'                   
9  6 'Structure model' '_struct_site.pdbx_auth_comp_id'                   
10 6 'Structure model' '_struct_site.pdbx_auth_seq_id'                    
# 
loop_
_pdbx_refine_tls.pdbx_refine_id 
_pdbx_refine_tls.id 
_pdbx_refine_tls.details 
_pdbx_refine_tls.method 
_pdbx_refine_tls.origin_x 
_pdbx_refine_tls.origin_y 
_pdbx_refine_tls.origin_z 
_pdbx_refine_tls.T[1][1] 
_pdbx_refine_tls.T[2][2] 
_pdbx_refine_tls.T[3][3] 
_pdbx_refine_tls.T[1][2] 
_pdbx_refine_tls.T[1][3] 
_pdbx_refine_tls.T[2][3] 
_pdbx_refine_tls.L[1][1] 
_pdbx_refine_tls.L[2][2] 
_pdbx_refine_tls.L[3][3] 
_pdbx_refine_tls.L[1][2] 
_pdbx_refine_tls.L[1][3] 
_pdbx_refine_tls.L[2][3] 
_pdbx_refine_tls.S[1][1] 
_pdbx_refine_tls.S[1][2] 
_pdbx_refine_tls.S[1][3] 
_pdbx_refine_tls.S[2][1] 
_pdbx_refine_tls.S[2][2] 
_pdbx_refine_tls.S[2][3] 
_pdbx_refine_tls.S[3][1] 
_pdbx_refine_tls.S[3][2] 
_pdbx_refine_tls.S[3][3] 
'X-RAY DIFFRACTION' 1 ? refined 3.4309  -6.9115 -6.4260 0.1566 0.1673 0.0748 0.0097  0.0051 -0.0893 19.1859 6.6973  4.7844 -4.1865 -6.7013 1.2135 -0.0306 0.3369  -0.1032 -0.1486 0.1064 0.0561  0.2734  0.0943 -0.0757 
'X-RAY DIFFRACTION' 2 ? refined -9.7244 0.6930  -2.1768 0.1066 0.1205 0.1994 0.0169  0.0276 0.0181  7.8506  4.4213  1.9502 -2.7561 -0.7172 1.5014 0.0208  0.3362  0.0658  0.0237  0.0677 0.4499  -0.3083 0.1283 -0.0885 
'X-RAY DIFFRACTION' 3 ? refined 1.8722  5.1688  -2.0248 0.1003 0.1435 0.1580 -0.0281 0.0318 0.0172  4.9911  3.0500  2.8106 -0.3376 -0.7341 0.0842 0.0619  0.5774  0.6752  0.0851  0.1651 -0.0317 -0.2951 0.0460 -0.2269 
'X-RAY DIFFRACTION' 4 ? refined 5.2568  -3.6001 6.0972  0.1854 0.1352 0.1772 -0.0343 0.0105 -0.0694 6.3566  1.5082  1.3130 -0.3560 1.3827  1.1405 0.1252  -0.0646 -0.4972 0.1297  0.0565 -0.0367 0.0920  0.0587 -0.1816 
'X-RAY DIFFRACTION' 5 ? refined -3.4482 -2.6931 2.3194  0.0652 0.0924 0.1250 -0.0027 0.0186 -0.0316 2.8453  12.5916 4.0060 -5.5313 -1.8974 2.5460 -0.1275 -0.1244 0.0247  0.3508  0.1440 0.1548  0.0202  0.2102 -0.0166 
# 
loop_
_pdbx_refine_tls_group.pdbx_refine_id 
_pdbx_refine_tls_group.id 
_pdbx_refine_tls_group.refine_tls_id 
_pdbx_refine_tls_group.beg_auth_asym_id 
_pdbx_refine_tls_group.beg_auth_seq_id 
_pdbx_refine_tls_group.beg_label_asym_id 
_pdbx_refine_tls_group.beg_label_seq_id 
_pdbx_refine_tls_group.end_auth_asym_id 
_pdbx_refine_tls_group.end_auth_seq_id 
_pdbx_refine_tls_group.end_label_asym_id 
_pdbx_refine_tls_group.end_label_seq_id 
_pdbx_refine_tls_group.selection 
_pdbx_refine_tls_group.selection_details 
'X-RAY DIFFRACTION' 1 1 A 70  ? ? A 77  ? ? ? ? 
'X-RAY DIFFRACTION' 2 2 A 78  ? ? A 89  ? ? ? ? 
'X-RAY DIFFRACTION' 3 3 A 90  ? ? A 119 ? ? ? ? 
'X-RAY DIFFRACTION' 4 4 A 120 ? ? A 136 ? ? ? ? 
'X-RAY DIFFRACTION' 5 5 A 137 ? ? A 151 ? ? ? ? 
# 
loop_
_software.name 
_software.classification 
_software.version 
_software.citation_id 
_software.pdbx_ordinal 
REFMAC refinement       5.5.0109 ? 1 
MOSFLM 'data reduction' .        ? 2 
SCALA  'data scaling'   .        ? 3 
PHASER phasing          .        ? 4 
# 
_pdbx_validate_symm_contact.id                1 
_pdbx_validate_symm_contact.PDB_model_num     1 
_pdbx_validate_symm_contact.auth_atom_id_1    O 
_pdbx_validate_symm_contact.auth_asym_id_1    A 
_pdbx_validate_symm_contact.auth_comp_id_1    HOH 
_pdbx_validate_symm_contact.auth_seq_id_1     2031 
_pdbx_validate_symm_contact.PDB_ins_code_1    ? 
_pdbx_validate_symm_contact.label_alt_id_1    ? 
_pdbx_validate_symm_contact.site_symmetry_1   1_555 
_pdbx_validate_symm_contact.auth_atom_id_2    O 
_pdbx_validate_symm_contact.auth_asym_id_2    A 
_pdbx_validate_symm_contact.auth_comp_id_2    HOH 
_pdbx_validate_symm_contact.auth_seq_id_2     2031 
_pdbx_validate_symm_contact.PDB_ins_code_2    ? 
_pdbx_validate_symm_contact.label_alt_id_2    ? 
_pdbx_validate_symm_contact.site_symmetry_2   5_555 
_pdbx_validate_symm_contact.dist              1.53 
# 
_pdbx_validate_rmsd_angle.id                         1 
_pdbx_validate_rmsd_angle.PDB_model_num              1 
_pdbx_validate_rmsd_angle.auth_atom_id_1             CB 
_pdbx_validate_rmsd_angle.auth_asym_id_1             A 
_pdbx_validate_rmsd_angle.auth_comp_id_1             ASP 
_pdbx_validate_rmsd_angle.auth_seq_id_1              128 
_pdbx_validate_rmsd_angle.PDB_ins_code_1             ? 
_pdbx_validate_rmsd_angle.label_alt_id_1             ? 
_pdbx_validate_rmsd_angle.auth_atom_id_2             CG 
_pdbx_validate_rmsd_angle.auth_asym_id_2             A 
_pdbx_validate_rmsd_angle.auth_comp_id_2             ASP 
_pdbx_validate_rmsd_angle.auth_seq_id_2              128 
_pdbx_validate_rmsd_angle.PDB_ins_code_2             ? 
_pdbx_validate_rmsd_angle.label_alt_id_2             ? 
_pdbx_validate_rmsd_angle.auth_atom_id_3             OD1 
_pdbx_validate_rmsd_angle.auth_asym_id_3             A 
_pdbx_validate_rmsd_angle.auth_comp_id_3             ASP 
_pdbx_validate_rmsd_angle.auth_seq_id_3              128 
_pdbx_validate_rmsd_angle.PDB_ins_code_3             ? 
_pdbx_validate_rmsd_angle.label_alt_id_3             ? 
_pdbx_validate_rmsd_angle.angle_value                124.02 
_pdbx_validate_rmsd_angle.angle_target_value         118.30 
_pdbx_validate_rmsd_angle.angle_deviation            5.72 
_pdbx_validate_rmsd_angle.angle_standard_deviation   0.90 
_pdbx_validate_rmsd_angle.linker_flag                N 
# 
_pdbx_validate_torsion.id              1 
_pdbx_validate_torsion.PDB_model_num   1 
_pdbx_validate_torsion.auth_comp_id    ASN 
_pdbx_validate_torsion.auth_asym_id    A 
_pdbx_validate_torsion.auth_seq_id     141 
_pdbx_validate_torsion.PDB_ins_code    ? 
_pdbx_validate_torsion.label_alt_id    ? 
_pdbx_validate_torsion.phi             -165.28 
_pdbx_validate_torsion.psi             110.23 
# 
loop_
_pdbx_unobs_or_zero_occ_atoms.id 
_pdbx_unobs_or_zero_occ_atoms.PDB_model_num 
_pdbx_unobs_or_zero_occ_atoms.polymer_flag 
_pdbx_unobs_or_zero_occ_atoms.occupancy_flag 
_pdbx_unobs_or_zero_occ_atoms.auth_asym_id 
_pdbx_unobs_or_zero_occ_atoms.auth_comp_id 
_pdbx_unobs_or_zero_occ_atoms.auth_seq_id 
_pdbx_unobs_or_zero_occ_atoms.PDB_ins_code 
_pdbx_unobs_or_zero_occ_atoms.auth_atom_id 
_pdbx_unobs_or_zero_occ_atoms.label_alt_id 
_pdbx_unobs_or_zero_occ_atoms.label_asym_id 
_pdbx_unobs_or_zero_occ_atoms.label_comp_id 
_pdbx_unobs_or_zero_occ_atoms.label_seq_id 
_pdbx_unobs_or_zero_occ_atoms.label_atom_id 
1 1 Y 1 A LYS 122 ? CD ? A LYS 68 CD 
2 1 Y 1 A LYS 122 ? CE ? A LYS 68 CE 
3 1 Y 1 A LYS 122 ? NZ ? A LYS 68 NZ 
4 1 Y 1 A LYS 149 ? CD ? A LYS 95 CD 
5 1 Y 1 A LYS 149 ? CE ? A LYS 95 CE 
6 1 Y 1 A LYS 149 ? NZ ? A LYS 95 NZ 
# 
loop_
_pdbx_unobs_or_zero_occ_residues.id 
_pdbx_unobs_or_zero_occ_residues.PDB_model_num 
_pdbx_unobs_or_zero_occ_residues.polymer_flag 
_pdbx_unobs_or_zero_occ_residues.occupancy_flag 
_pdbx_unobs_or_zero_occ_residues.auth_asym_id 
_pdbx_unobs_or_zero_occ_residues.auth_comp_id 
_pdbx_unobs_or_zero_occ_residues.auth_seq_id 
_pdbx_unobs_or_zero_occ_residues.PDB_ins_code 
_pdbx_unobs_or_zero_occ_residues.label_asym_id 
_pdbx_unobs_or_zero_occ_residues.label_comp_id 
_pdbx_unobs_or_zero_occ_residues.label_seq_id 
1  1 Y 1 A MET 55  ? A MET 1  
2  1 Y 1 A ALA 56  ? A ALA 2  
3  1 Y 1 A HIS 57  ? A HIS 3  
4  1 Y 1 A HIS 58  ? A HIS 4  
5  1 Y 1 A HIS 59  ? A HIS 5  
6  1 Y 1 A HIS 60  ? A HIS 6  
7  1 Y 1 A HIS 61  ? A HIS 7  
8  1 Y 1 A HIS 62  ? A HIS 8  
9  1 Y 1 A VAL 63  ? A VAL 9  
10 1 Y 1 A ASP 64  ? A ASP 10 
11 1 Y 1 A ASP 65  ? A ASP 11 
12 1 Y 1 A ASP 66  ? A ASP 12 
13 1 Y 1 A ASP 67  ? A ASP 13 
14 1 Y 1 A LYS 68  ? A LYS 14 
15 1 Y 1 A MET 69  ? A MET 15 
16 1 Y 1 A ASP 70  ? A ASP 16 
17 1 Y 1 A ASN 71  ? A ASN 17 
18 1 Y 1 A PRO 152 ? A PRO 98 
# 
loop_
_chem_comp_atom.comp_id 
_chem_comp_atom.atom_id 
_chem_comp_atom.type_symbol 
_chem_comp_atom.pdbx_aromatic_flag 
_chem_comp_atom.pdbx_stereo_config 
_chem_comp_atom.pdbx_ordinal 
ALA N    N N N 1   
ALA CA   C N S 2   
ALA C    C N N 3   
ALA O    O N N 4   
ALA CB   C N N 5   
ALA OXT  O N N 6   
ALA H    H N N 7   
ALA H2   H N N 8   
ALA HA   H N N 9   
ALA HB1  H N N 10  
ALA HB2  H N N 11  
ALA HB3  H N N 12  
ALA HXT  H N N 13  
ASN N    N N N 14  
ASN CA   C N S 15  
ASN C    C N N 16  
ASN O    O N N 17  
ASN CB   C N N 18  
ASN CG   C N N 19  
ASN OD1  O N N 20  
ASN ND2  N N N 21  
ASN OXT  O N N 22  
ASN H    H N N 23  
ASN H2   H N N 24  
ASN HA   H N N 25  
ASN HB2  H N N 26  
ASN HB3  H N N 27  
ASN HD21 H N N 28  
ASN HD22 H N N 29  
ASN HXT  H N N 30  
ASP N    N N N 31  
ASP CA   C N S 32  
ASP C    C N N 33  
ASP O    O N N 34  
ASP CB   C N N 35  
ASP CG   C N N 36  
ASP OD1  O N N 37  
ASP OD2  O N N 38  
ASP OXT  O N N 39  
ASP H    H N N 40  
ASP H2   H N N 41  
ASP HA   H N N 42  
ASP HB2  H N N 43  
ASP HB3  H N N 44  
ASP HD2  H N N 45  
ASP HXT  H N N 46  
GLN N    N N N 47  
GLN CA   C N S 48  
GLN C    C N N 49  
GLN O    O N N 50  
GLN CB   C N N 51  
GLN CG   C N N 52  
GLN CD   C N N 53  
GLN OE1  O N N 54  
GLN NE2  N N N 55  
GLN OXT  O N N 56  
GLN H    H N N 57  
GLN H2   H N N 58  
GLN HA   H N N 59  
GLN HB2  H N N 60  
GLN HB3  H N N 61  
GLN HG2  H N N 62  
GLN HG3  H N N 63  
GLN HE21 H N N 64  
GLN HE22 H N N 65  
GLN HXT  H N N 66  
GLU N    N N N 67  
GLU CA   C N S 68  
GLU C    C N N 69  
GLU O    O N N 70  
GLU CB   C N N 71  
GLU CG   C N N 72  
GLU CD   C N N 73  
GLU OE1  O N N 74  
GLU OE2  O N N 75  
GLU OXT  O N N 76  
GLU H    H N N 77  
GLU H2   H N N 78  
GLU HA   H N N 79  
GLU HB2  H N N 80  
GLU HB3  H N N 81  
GLU HG2  H N N 82  
GLU HG3  H N N 83  
GLU HE2  H N N 84  
GLU HXT  H N N 85  
GLY N    N N N 86  
GLY CA   C N N 87  
GLY C    C N N 88  
GLY O    O N N 89  
GLY OXT  O N N 90  
GLY H    H N N 91  
GLY H2   H N N 92  
GLY HA2  H N N 93  
GLY HA3  H N N 94  
GLY HXT  H N N 95  
HIS N    N N N 96  
HIS CA   C N S 97  
HIS C    C N N 98  
HIS O    O N N 99  
HIS CB   C N N 100 
HIS CG   C Y N 101 
HIS ND1  N Y N 102 
HIS CD2  C Y N 103 
HIS CE1  C Y N 104 
HIS NE2  N Y N 105 
HIS OXT  O N N 106 
HIS H    H N N 107 
HIS H2   H N N 108 
HIS HA   H N N 109 
HIS HB2  H N N 110 
HIS HB3  H N N 111 
HIS HD1  H N N 112 
HIS HD2  H N N 113 
HIS HE1  H N N 114 
HIS HE2  H N N 115 
HIS HXT  H N N 116 
HOH O    O N N 117 
HOH H1   H N N 118 
HOH H2   H N N 119 
ILE N    N N N 120 
ILE CA   C N S 121 
ILE C    C N N 122 
ILE O    O N N 123 
ILE CB   C N S 124 
ILE CG1  C N N 125 
ILE CG2  C N N 126 
ILE CD1  C N N 127 
ILE OXT  O N N 128 
ILE H    H N N 129 
ILE H2   H N N 130 
ILE HA   H N N 131 
ILE HB   H N N 132 
ILE HG12 H N N 133 
ILE HG13 H N N 134 
ILE HG21 H N N 135 
ILE HG22 H N N 136 
ILE HG23 H N N 137 
ILE HD11 H N N 138 
ILE HD12 H N N 139 
ILE HD13 H N N 140 
ILE HXT  H N N 141 
LEU N    N N N 142 
LEU CA   C N S 143 
LEU C    C N N 144 
LEU O    O N N 145 
LEU CB   C N N 146 
LEU CG   C N N 147 
LEU CD1  C N N 148 
LEU CD2  C N N 149 
LEU OXT  O N N 150 
LEU H    H N N 151 
LEU H2   H N N 152 
LEU HA   H N N 153 
LEU HB2  H N N 154 
LEU HB3  H N N 155 
LEU HG   H N N 156 
LEU HD11 H N N 157 
LEU HD12 H N N 158 
LEU HD13 H N N 159 
LEU HD21 H N N 160 
LEU HD22 H N N 161 
LEU HD23 H N N 162 
LEU HXT  H N N 163 
LYS N    N N N 164 
LYS CA   C N S 165 
LYS C    C N N 166 
LYS O    O N N 167 
LYS CB   C N N 168 
LYS CG   C N N 169 
LYS CD   C N N 170 
LYS CE   C N N 171 
LYS NZ   N N N 172 
LYS OXT  O N N 173 
LYS H    H N N 174 
LYS H2   H N N 175 
LYS HA   H N N 176 
LYS HB2  H N N 177 
LYS HB3  H N N 178 
LYS HG2  H N N 179 
LYS HG3  H N N 180 
LYS HD2  H N N 181 
LYS HD3  H N N 182 
LYS HE2  H N N 183 
LYS HE3  H N N 184 
LYS HZ1  H N N 185 
LYS HZ2  H N N 186 
LYS HZ3  H N N 187 
LYS HXT  H N N 188 
MET N    N N N 189 
MET CA   C N S 190 
MET C    C N N 191 
MET O    O N N 192 
MET CB   C N N 193 
MET CG   C N N 194 
MET SD   S N N 195 
MET CE   C N N 196 
MET OXT  O N N 197 
MET H    H N N 198 
MET H2   H N N 199 
MET HA   H N N 200 
MET HB2  H N N 201 
MET HB3  H N N 202 
MET HG2  H N N 203 
MET HG3  H N N 204 
MET HE1  H N N 205 
MET HE2  H N N 206 
MET HE3  H N N 207 
MET HXT  H N N 208 
PHE N    N N N 209 
PHE CA   C N S 210 
PHE C    C N N 211 
PHE O    O N N 212 
PHE CB   C N N 213 
PHE CG   C Y N 214 
PHE CD1  C Y N 215 
PHE CD2  C Y N 216 
PHE CE1  C Y N 217 
PHE CE2  C Y N 218 
PHE CZ   C Y N 219 
PHE OXT  O N N 220 
PHE H    H N N 221 
PHE H2   H N N 222 
PHE HA   H N N 223 
PHE HB2  H N N 224 
PHE HB3  H N N 225 
PHE HD1  H N N 226 
PHE HD2  H N N 227 
PHE HE1  H N N 228 
PHE HE2  H N N 229 
PHE HZ   H N N 230 
PHE HXT  H N N 231 
PRO N    N N N 232 
PRO CA   C N S 233 
PRO C    C N N 234 
PRO O    O N N 235 
PRO CB   C N N 236 
PRO CG   C N N 237 
PRO CD   C N N 238 
PRO OXT  O N N 239 
PRO H    H N N 240 
PRO HA   H N N 241 
PRO HB2  H N N 242 
PRO HB3  H N N 243 
PRO HG2  H N N 244 
PRO HG3  H N N 245 
PRO HD2  H N N 246 
PRO HD3  H N N 247 
PRO HXT  H N N 248 
SER N    N N N 249 
SER CA   C N S 250 
SER C    C N N 251 
SER O    O N N 252 
SER CB   C N N 253 
SER OG   O N N 254 
SER OXT  O N N 255 
SER H    H N N 256 
SER H2   H N N 257 
SER HA   H N N 258 
SER HB2  H N N 259 
SER HB3  H N N 260 
SER HG   H N N 261 
SER HXT  H N N 262 
SO4 S    S N N 263 
SO4 O1   O N N 264 
SO4 O2   O N N 265 
SO4 O3   O N N 266 
SO4 O4   O N N 267 
THR N    N N N 268 
THR CA   C N S 269 
THR C    C N N 270 
THR O    O N N 271 
THR CB   C N R 272 
THR OG1  O N N 273 
THR CG2  C N N 274 
THR OXT  O N N 275 
THR H    H N N 276 
THR H2   H N N 277 
THR HA   H N N 278 
THR HB   H N N 279 
THR HG1  H N N 280 
THR HG21 H N N 281 
THR HG22 H N N 282 
THR HG23 H N N 283 
THR HXT  H N N 284 
VAL N    N N N 285 
VAL CA   C N S 286 
VAL C    C N N 287 
VAL O    O N N 288 
VAL CB   C N N 289 
VAL CG1  C N N 290 
VAL CG2  C N N 291 
VAL OXT  O N N 292 
VAL H    H N N 293 
VAL H2   H N N 294 
VAL HA   H N N 295 
VAL HB   H N N 296 
VAL HG11 H N N 297 
VAL HG12 H N N 298 
VAL HG13 H N N 299 
VAL HG21 H N N 300 
VAL HG22 H N N 301 
VAL HG23 H N N 302 
VAL HXT  H N N 303 
# 
loop_
_chem_comp_bond.comp_id 
_chem_comp_bond.atom_id_1 
_chem_comp_bond.atom_id_2 
_chem_comp_bond.value_order 
_chem_comp_bond.pdbx_aromatic_flag 
_chem_comp_bond.pdbx_stereo_config 
_chem_comp_bond.pdbx_ordinal 
ALA N   CA   sing N N 1   
ALA N   H    sing N N 2   
ALA N   H2   sing N N 3   
ALA CA  C    sing N N 4   
ALA CA  CB   sing N N 5   
ALA CA  HA   sing N N 6   
ALA C   O    doub N N 7   
ALA C   OXT  sing N N 8   
ALA CB  HB1  sing N N 9   
ALA CB  HB2  sing N N 10  
ALA CB  HB3  sing N N 11  
ALA OXT HXT  sing N N 12  
ASN N   CA   sing N N 13  
ASN N   H    sing N N 14  
ASN N   H2   sing N N 15  
ASN CA  C    sing N N 16  
ASN CA  CB   sing N N 17  
ASN CA  HA   sing N N 18  
ASN C   O    doub N N 19  
ASN C   OXT  sing N N 20  
ASN CB  CG   sing N N 21  
ASN CB  HB2  sing N N 22  
ASN CB  HB3  sing N N 23  
ASN CG  OD1  doub N N 24  
ASN CG  ND2  sing N N 25  
ASN ND2 HD21 sing N N 26  
ASN ND2 HD22 sing N N 27  
ASN OXT HXT  sing N N 28  
ASP N   CA   sing N N 29  
ASP N   H    sing N N 30  
ASP N   H2   sing N N 31  
ASP CA  C    sing N N 32  
ASP CA  CB   sing N N 33  
ASP CA  HA   sing N N 34  
ASP C   O    doub N N 35  
ASP C   OXT  sing N N 36  
ASP CB  CG   sing N N 37  
ASP CB  HB2  sing N N 38  
ASP CB  HB3  sing N N 39  
ASP CG  OD1  doub N N 40  
ASP CG  OD2  sing N N 41  
ASP OD2 HD2  sing N N 42  
ASP OXT HXT  sing N N 43  
GLN N   CA   sing N N 44  
GLN N   H    sing N N 45  
GLN N   H2   sing N N 46  
GLN CA  C    sing N N 47  
GLN CA  CB   sing N N 48  
GLN CA  HA   sing N N 49  
GLN C   O    doub N N 50  
GLN C   OXT  sing N N 51  
GLN CB  CG   sing N N 52  
GLN CB  HB2  sing N N 53  
GLN CB  HB3  sing N N 54  
GLN CG  CD   sing N N 55  
GLN CG  HG2  sing N N 56  
GLN CG  HG3  sing N N 57  
GLN CD  OE1  doub N N 58  
GLN CD  NE2  sing N N 59  
GLN NE2 HE21 sing N N 60  
GLN NE2 HE22 sing N N 61  
GLN OXT HXT  sing N N 62  
GLU N   CA   sing N N 63  
GLU N   H    sing N N 64  
GLU N   H2   sing N N 65  
GLU CA  C    sing N N 66  
GLU CA  CB   sing N N 67  
GLU CA  HA   sing N N 68  
GLU C   O    doub N N 69  
GLU C   OXT  sing N N 70  
GLU CB  CG   sing N N 71  
GLU CB  HB2  sing N N 72  
GLU CB  HB3  sing N N 73  
GLU CG  CD   sing N N 74  
GLU CG  HG2  sing N N 75  
GLU CG  HG3  sing N N 76  
GLU CD  OE1  doub N N 77  
GLU CD  OE2  sing N N 78  
GLU OE2 HE2  sing N N 79  
GLU OXT HXT  sing N N 80  
GLY N   CA   sing N N 81  
GLY N   H    sing N N 82  
GLY N   H2   sing N N 83  
GLY CA  C    sing N N 84  
GLY CA  HA2  sing N N 85  
GLY CA  HA3  sing N N 86  
GLY C   O    doub N N 87  
GLY C   OXT  sing N N 88  
GLY OXT HXT  sing N N 89  
HIS N   CA   sing N N 90  
HIS N   H    sing N N 91  
HIS N   H2   sing N N 92  
HIS CA  C    sing N N 93  
HIS CA  CB   sing N N 94  
HIS CA  HA   sing N N 95  
HIS C   O    doub N N 96  
HIS C   OXT  sing N N 97  
HIS CB  CG   sing N N 98  
HIS CB  HB2  sing N N 99  
HIS CB  HB3  sing N N 100 
HIS CG  ND1  sing Y N 101 
HIS CG  CD2  doub Y N 102 
HIS ND1 CE1  doub Y N 103 
HIS ND1 HD1  sing N N 104 
HIS CD2 NE2  sing Y N 105 
HIS CD2 HD2  sing N N 106 
HIS CE1 NE2  sing Y N 107 
HIS CE1 HE1  sing N N 108 
HIS NE2 HE2  sing N N 109 
HIS OXT HXT  sing N N 110 
HOH O   H1   sing N N 111 
HOH O   H2   sing N N 112 
ILE N   CA   sing N N 113 
ILE N   H    sing N N 114 
ILE N   H2   sing N N 115 
ILE CA  C    sing N N 116 
ILE CA  CB   sing N N 117 
ILE CA  HA   sing N N 118 
ILE C   O    doub N N 119 
ILE C   OXT  sing N N 120 
ILE CB  CG1  sing N N 121 
ILE CB  CG2  sing N N 122 
ILE CB  HB   sing N N 123 
ILE CG1 CD1  sing N N 124 
ILE CG1 HG12 sing N N 125 
ILE CG1 HG13 sing N N 126 
ILE CG2 HG21 sing N N 127 
ILE CG2 HG22 sing N N 128 
ILE CG2 HG23 sing N N 129 
ILE CD1 HD11 sing N N 130 
ILE CD1 HD12 sing N N 131 
ILE CD1 HD13 sing N N 132 
ILE OXT HXT  sing N N 133 
LEU N   CA   sing N N 134 
LEU N   H    sing N N 135 
LEU N   H2   sing N N 136 
LEU CA  C    sing N N 137 
LEU CA  CB   sing N N 138 
LEU CA  HA   sing N N 139 
LEU C   O    doub N N 140 
LEU C   OXT  sing N N 141 
LEU CB  CG   sing N N 142 
LEU CB  HB2  sing N N 143 
LEU CB  HB3  sing N N 144 
LEU CG  CD1  sing N N 145 
LEU CG  CD2  sing N N 146 
LEU CG  HG   sing N N 147 
LEU CD1 HD11 sing N N 148 
LEU CD1 HD12 sing N N 149 
LEU CD1 HD13 sing N N 150 
LEU CD2 HD21 sing N N 151 
LEU CD2 HD22 sing N N 152 
LEU CD2 HD23 sing N N 153 
LEU OXT HXT  sing N N 154 
LYS N   CA   sing N N 155 
LYS N   H    sing N N 156 
LYS N   H2   sing N N 157 
LYS CA  C    sing N N 158 
LYS CA  CB   sing N N 159 
LYS CA  HA   sing N N 160 
LYS C   O    doub N N 161 
LYS C   OXT  sing N N 162 
LYS CB  CG   sing N N 163 
LYS CB  HB2  sing N N 164 
LYS CB  HB3  sing N N 165 
LYS CG  CD   sing N N 166 
LYS CG  HG2  sing N N 167 
LYS CG  HG3  sing N N 168 
LYS CD  CE   sing N N 169 
LYS CD  HD2  sing N N 170 
LYS CD  HD3  sing N N 171 
LYS CE  NZ   sing N N 172 
LYS CE  HE2  sing N N 173 
LYS CE  HE3  sing N N 174 
LYS NZ  HZ1  sing N N 175 
LYS NZ  HZ2  sing N N 176 
LYS NZ  HZ3  sing N N 177 
LYS OXT HXT  sing N N 178 
MET N   CA   sing N N 179 
MET N   H    sing N N 180 
MET N   H2   sing N N 181 
MET CA  C    sing N N 182 
MET CA  CB   sing N N 183 
MET CA  HA   sing N N 184 
MET C   O    doub N N 185 
MET C   OXT  sing N N 186 
MET CB  CG   sing N N 187 
MET CB  HB2  sing N N 188 
MET CB  HB3  sing N N 189 
MET CG  SD   sing N N 190 
MET CG  HG2  sing N N 191 
MET CG  HG3  sing N N 192 
MET SD  CE   sing N N 193 
MET CE  HE1  sing N N 194 
MET CE  HE2  sing N N 195 
MET CE  HE3  sing N N 196 
MET OXT HXT  sing N N 197 
PHE N   CA   sing N N 198 
PHE N   H    sing N N 199 
PHE N   H2   sing N N 200 
PHE CA  C    sing N N 201 
PHE CA  CB   sing N N 202 
PHE CA  HA   sing N N 203 
PHE C   O    doub N N 204 
PHE C   OXT  sing N N 205 
PHE CB  CG   sing N N 206 
PHE CB  HB2  sing N N 207 
PHE CB  HB3  sing N N 208 
PHE CG  CD1  doub Y N 209 
PHE CG  CD2  sing Y N 210 
PHE CD1 CE1  sing Y N 211 
PHE CD1 HD1  sing N N 212 
PHE CD2 CE2  doub Y N 213 
PHE CD2 HD2  sing N N 214 
PHE CE1 CZ   doub Y N 215 
PHE CE1 HE1  sing N N 216 
PHE CE2 CZ   sing Y N 217 
PHE CE2 HE2  sing N N 218 
PHE CZ  HZ   sing N N 219 
PHE OXT HXT  sing N N 220 
PRO N   CA   sing N N 221 
PRO N   CD   sing N N 222 
PRO N   H    sing N N 223 
PRO CA  C    sing N N 224 
PRO CA  CB   sing N N 225 
PRO CA  HA   sing N N 226 
PRO C   O    doub N N 227 
PRO C   OXT  sing N N 228 
PRO CB  CG   sing N N 229 
PRO CB  HB2  sing N N 230 
PRO CB  HB3  sing N N 231 
PRO CG  CD   sing N N 232 
PRO CG  HG2  sing N N 233 
PRO CG  HG3  sing N N 234 
PRO CD  HD2  sing N N 235 
PRO CD  HD3  sing N N 236 
PRO OXT HXT  sing N N 237 
SER N   CA   sing N N 238 
SER N   H    sing N N 239 
SER N   H2   sing N N 240 
SER CA  C    sing N N 241 
SER CA  CB   sing N N 242 
SER CA  HA   sing N N 243 
SER C   O    doub N N 244 
SER C   OXT  sing N N 245 
SER CB  OG   sing N N 246 
SER CB  HB2  sing N N 247 
SER CB  HB3  sing N N 248 
SER OG  HG   sing N N 249 
SER OXT HXT  sing N N 250 
SO4 S   O1   doub N N 251 
SO4 S   O2   doub N N 252 
SO4 S   O3   sing N N 253 
SO4 S   O4   sing N N 254 
THR N   CA   sing N N 255 
THR N   H    sing N N 256 
THR N   H2   sing N N 257 
THR CA  C    sing N N 258 
THR CA  CB   sing N N 259 
THR CA  HA   sing N N 260 
THR C   O    doub N N 261 
THR C   OXT  sing N N 262 
THR CB  OG1  sing N N 263 
THR CB  CG2  sing N N 264 
THR CB  HB   sing N N 265 
THR OG1 HG1  sing N N 266 
THR CG2 HG21 sing N N 267 
THR CG2 HG22 sing N N 268 
THR CG2 HG23 sing N N 269 
THR OXT HXT  sing N N 270 
VAL N   CA   sing N N 271 
VAL N   H    sing N N 272 
VAL N   H2   sing N N 273 
VAL CA  C    sing N N 274 
VAL CA  CB   sing N N 275 
VAL CA  HA   sing N N 276 
VAL C   O    doub N N 277 
VAL C   OXT  sing N N 278 
VAL CB  CG1  sing N N 279 
VAL CB  CG2  sing N N 280 
VAL CB  HB   sing N N 281 
VAL CG1 HG11 sing N N 282 
VAL CG1 HG12 sing N N 283 
VAL CG1 HG13 sing N N 284 
VAL CG2 HG21 sing N N 285 
VAL CG2 HG22 sing N N 286 
VAL CG2 HG23 sing N N 287 
VAL OXT HXT  sing N N 288 
# 
loop_
_pdbx_entity_nonpoly.entity_id 
_pdbx_entity_nonpoly.name 
_pdbx_entity_nonpoly.comp_id 
2 'SULFATE ION' SO4 
3 water         HOH 
# 
_pdbx_initial_refinement_model.id               1 
_pdbx_initial_refinement_model.entity_id_list   ? 
_pdbx_initial_refinement_model.type             'experimental model' 
_pdbx_initial_refinement_model.source_name      PDB 
_pdbx_initial_refinement_model.accession_code   3M62 
_pdbx_initial_refinement_model.details          'PDB ENTRY 3M62' 
# 
